data_8EPX
#
_entry.id   8EPX
#
_cell.length_a   1.00
_cell.length_b   1.00
_cell.length_c   1.00
_cell.angle_alpha   90.00
_cell.angle_beta   90.00
_cell.angle_gamma   90.00
#
_symmetry.space_group_name_H-M   'P 1'
#
loop_
_entity.id
_entity.type
_entity.pdbx_description
1 polymer 'Type IIS Restriction Endonuclease PaqCI'
2 polymer 'DNA 4a'
3 polymer 'DNA 4b'
4 polymer 'DNA 2a'
5 polymer 'DNA 2b'
6 polymer 'DNA 3a'
7 polymer 'DNA 3b'
8 polymer 'DNA 1a'
9 polymer 'DNA 1b'
10 non-polymer 'CALCIUM ION'
#
loop_
_entity_poly.entity_id
_entity_poly.type
_entity_poly.pdbx_seq_one_letter_code
_entity_poly.pdbx_strand_id
1 'polypeptide(L)'
;MPYDHNAEADFAASEVARMLVADPGLCYDAASLPASISASASYEPSAAGWPKADGLVSVLEGGTSTQRAIALEYKRPQEG
IHGLLTAIGQAHGYLHKGYSGAAIVIPGRYSSHPTPAEYVRDVLNAISGSRAIAVFSYSPPDTTSPTPFAGRIQCVRPLV
FDAGRVHLRPANQGPKTQWVHMREGSTTRDAFFRFLQVAKRLSADPTAPRPTLRSELVAAIGRLAPGRDPIEYITNTADN
KFLTKVWQFFWLEWLATPAVLTPWKLEAGVYSAPGARTRILREDGTDFSQLWEGRVNSLKETIAGMLNRGEISEAQGWEA
FVGGISATGGGQDKQGVRARAHSYREDIDSALAQLRWIEDDGLPTDQGYRFMTICERYGGANSRAAIDYMGATLIQTGRY
ASFLHYINRLSERKFAENPLAYTKPGPGGMPVFTEESYWEYLQDLETKLTDELRVMRKVSGRARPRVRTTFQVELTLLRN
YGFVSSTRHRLGVGIPIDWEQVVQALNVDL
;
A,B,C,D
2 'polydeoxyribonucleotide' (DG)(DG)(DC)(DG)(DC)(DA)(DG)(DG)(DT)(DG)(DG)(DG)(DA)(DA)(DG) E
3 'polydeoxyribonucleotide' (DC)(DT)(DT)(DC)(DC)(DC)(DA)(DC)(DC)(DT)(DG)(DC)(DG)(DC)(DC) F
4 'polydeoxyribonucleotide' (DT)(DC)(DT)(DT)(DC)(DC)(DC)(DA)(DC)(DC)(DT)(DG)(DC)(DG)(DC)(DC) H
5 'polydeoxyribonucleotide' (DG)(DG)(DC)(DG)(DC)(DA)(DG)(DG)(DT)(DG)(DG)(DG)(DA)(DA)(DG)(DA) G
6 'polydeoxyribonucleotide' (DT)(DG)(DG)(DC)(DG)(DC)(DA)(DG)(DG)(DT)(DG)(DG)(DG)(DA)(DA)(DG)(DA)(DA) I
7 'polydeoxyribonucleotide' (DT)(DT)(DC)(DT)(DT)(DC)(DC)(DC)(DA)(DC)(DC)(DT)(DG)(DC)(DG)(DC)(DC)(DA) J
8 'polydeoxyribonucleotide'
;(DC)(DC)(DT)(DC)(DG)(DC)(DG)(DT)(DG)(DG)(DC)(DG)(DC)(DA)(DG)(DG)(DT)(DG)(DG)(DG)
(DA)(DA)(DG)
;
K
9 'polydeoxyribonucleotide'
;(DC)(DT)(DT)(DC)(DC)(DC)(DA)(DC)(DC)(DT)(DG)(DC)(DG)(DC)(DC)(DA)(DC)(DG)(DC)(DG)
(DA)(DG)(DG)
;
L
#
# COMPACT_ATOMS: atom_id res chain seq x y z
N ASN A 6 -34.17 -37.68 20.81
CA ASN A 6 -35.23 -37.48 21.79
C ASN A 6 -34.67 -36.87 23.07
N ALA A 7 -34.12 -37.73 23.94
CA ALA A 7 -33.53 -37.32 25.22
C ALA A 7 -32.04 -37.61 25.15
N GLU A 8 -31.29 -36.64 24.64
CA GLU A 8 -29.83 -36.74 24.55
C GLU A 8 -29.09 -35.62 25.27
N ALA A 9 -29.63 -34.40 25.29
CA ALA A 9 -28.98 -33.30 25.98
C ALA A 9 -29.04 -33.45 27.49
N ASP A 10 -29.92 -34.31 28.01
CA ASP A 10 -30.00 -34.51 29.45
C ASP A 10 -28.70 -35.06 30.01
N PHE A 11 -28.09 -36.01 29.30
CA PHE A 11 -26.82 -36.58 29.77
C PHE A 11 -25.72 -35.54 29.77
N ALA A 12 -25.65 -34.71 28.72
CA ALA A 12 -24.65 -33.64 28.68
C ALA A 12 -24.87 -32.63 29.80
N ALA A 13 -26.14 -32.27 30.06
CA ALA A 13 -26.43 -31.34 31.14
C ALA A 13 -26.04 -31.93 32.49
N SER A 14 -26.32 -33.22 32.70
CA SER A 14 -25.92 -33.86 33.95
C SER A 14 -24.41 -33.89 34.10
N GLU A 15 -23.70 -34.17 33.01
CA GLU A 15 -22.24 -34.19 33.08
C GLU A 15 -21.68 -32.81 33.39
N VAL A 16 -22.23 -31.76 32.78
CA VAL A 16 -21.77 -30.41 33.05
C VAL A 16 -22.10 -30.02 34.50
N ALA A 17 -23.26 -30.43 35.00
CA ALA A 17 -23.60 -30.14 36.39
C ALA A 17 -22.65 -30.84 37.35
N ARG A 18 -22.28 -32.10 37.05
CA ARG A 18 -21.35 -32.82 37.91
C ARG A 18 -19.94 -32.25 37.80
N MET A 19 -19.58 -31.69 36.65
CA MET A 19 -18.26 -31.08 36.49
C MET A 19 -18.18 -29.71 37.18
N LEU A 20 -19.27 -28.94 37.19
CA LEU A 20 -19.22 -27.60 37.74
C LEU A 20 -18.88 -27.60 39.22
N VAL A 21 -19.47 -28.54 39.98
CA VAL A 21 -19.16 -28.63 41.40
C VAL A 21 -17.72 -29.06 41.61
N ALA A 22 -17.20 -29.93 40.75
CA ALA A 22 -15.82 -30.37 40.86
C ALA A 22 -14.84 -29.25 40.54
N ASP A 23 -15.20 -28.35 39.62
CA ASP A 23 -14.35 -27.24 39.19
C ASP A 23 -15.12 -25.94 39.33
N PRO A 24 -15.16 -25.37 40.55
CA PRO A 24 -15.86 -24.08 40.72
C PRO A 24 -15.22 -22.93 39.96
N GLY A 25 -13.99 -23.08 39.48
CA GLY A 25 -13.29 -21.98 38.84
C GLY A 25 -13.96 -21.47 37.59
N LEU A 26 -14.57 -22.38 36.80
CA LEU A 26 -15.22 -21.95 35.57
C LEU A 26 -16.56 -21.28 35.82
N CYS A 27 -17.29 -21.70 36.85
CA CYS A 27 -18.60 -21.11 37.12
C CYS A 27 -18.50 -19.74 37.79
N TYR A 28 -17.55 -19.58 38.70
CA TYR A 28 -17.42 -18.36 39.49
C TYR A 28 -16.02 -17.78 39.33
N ASP A 29 -15.94 -16.46 39.41
CA ASP A 29 -14.65 -15.79 39.33
C ASP A 29 -13.80 -16.10 40.56
N ALA A 30 -12.48 -15.96 40.39
CA ALA A 30 -11.56 -16.27 41.47
C ALA A 30 -11.68 -15.28 42.63
N ALA A 31 -12.26 -14.11 42.41
CA ALA A 31 -12.37 -13.12 43.48
C ALA A 31 -13.35 -13.56 44.56
N SER A 32 -14.46 -14.18 44.18
CA SER A 32 -15.52 -14.54 45.10
C SER A 32 -16.01 -15.96 44.84
N LEU A 33 -15.07 -16.89 44.72
CA LEU A 33 -15.43 -18.29 44.46
C LEU A 33 -16.02 -18.92 45.72
N PRO A 34 -17.26 -19.41 45.69
CA PRO A 34 -17.81 -20.05 46.88
C PRO A 34 -17.13 -21.38 47.17
N ALA A 35 -17.14 -21.76 48.45
CA ALA A 35 -16.50 -23.00 48.87
C ALA A 35 -17.29 -24.21 48.38
N SER A 36 -18.60 -24.20 48.58
CA SER A 36 -19.47 -25.33 48.23
C SER A 36 -20.59 -24.85 47.33
N ILE A 37 -20.81 -25.56 46.22
CA ILE A 37 -21.86 -25.24 45.27
C ILE A 37 -22.66 -26.50 44.98
N SER A 38 -23.99 -26.36 44.99
CA SER A 38 -24.90 -27.45 44.67
C SER A 38 -25.46 -27.23 43.28
N ALA A 39 -25.36 -28.25 42.43
CA ALA A 39 -25.77 -28.15 41.03
C ALA A 39 -26.78 -29.24 40.71
N SER A 40 -27.82 -28.86 39.97
CA SER A 40 -28.84 -29.79 39.52
C SER A 40 -29.20 -29.46 38.07
N ALA A 41 -29.91 -30.38 37.43
CA ALA A 41 -30.35 -30.20 36.04
C ALA A 41 -31.86 -30.27 35.96
N SER A 42 -32.44 -29.47 35.07
CA SER A 42 -33.89 -29.42 34.92
C SER A 42 -34.24 -28.90 33.53
N TYR A 43 -35.54 -28.91 33.23
CA TYR A 43 -36.07 -28.41 31.97
C TYR A 43 -36.91 -27.18 32.24
N GLU A 44 -36.83 -26.20 31.34
CA GLU A 44 -37.50 -24.93 31.55
C GLU A 44 -39.01 -25.08 31.43
N PRO A 45 -39.78 -24.28 32.17
CA PRO A 45 -41.23 -24.29 32.01
C PRO A 45 -41.64 -23.74 30.65
N SER A 46 -42.83 -24.15 30.21
CA SER A 46 -43.33 -23.73 28.90
C SER A 46 -43.53 -22.23 28.80
N ALA A 47 -43.64 -21.53 29.94
CA ALA A 47 -43.82 -20.09 29.96
C ALA A 47 -42.52 -19.33 30.21
N ALA A 48 -41.38 -20.01 30.15
CA ALA A 48 -40.10 -19.36 30.43
C ALA A 48 -39.80 -18.26 29.40
N GLY A 49 -40.04 -18.53 28.14
CA GLY A 49 -39.79 -17.55 27.09
C GLY A 49 -39.96 -18.16 25.73
N TRP A 50 -39.78 -17.31 24.71
CA TRP A 50 -39.91 -17.78 23.34
C TRP A 50 -38.87 -18.84 22.99
N PRO A 51 -37.57 -18.67 23.29
CA PRO A 51 -36.64 -19.79 23.12
C PRO A 51 -37.03 -20.95 24.03
N LYS A 52 -36.85 -22.17 23.53
CA LYS A 52 -37.34 -23.35 24.24
C LYS A 52 -36.57 -23.57 25.53
N ALA A 53 -35.25 -23.33 25.53
CA ALA A 53 -34.40 -23.57 26.69
C ALA A 53 -34.49 -25.03 27.13
N ASP A 54 -34.01 -25.90 26.23
CA ASP A 54 -34.20 -27.34 26.40
C ASP A 54 -33.76 -27.84 27.77
N GLY A 55 -32.62 -27.35 28.26
CA GLY A 55 -32.14 -27.76 29.56
C GLY A 55 -31.38 -26.65 30.25
N LEU A 56 -31.47 -26.64 31.58
CA LEU A 56 -30.76 -25.65 32.38
C LEU A 56 -30.21 -26.31 33.64
N VAL A 57 -28.99 -25.94 33.99
CA VAL A 57 -28.36 -26.36 35.24
C VAL A 57 -28.53 -25.25 36.25
N SER A 58 -29.14 -25.57 37.38
CA SER A 58 -29.31 -24.64 38.49
C SER A 58 -28.17 -24.84 39.47
N VAL A 59 -27.42 -23.77 39.73
CA VAL A 59 -26.27 -23.79 40.62
C VAL A 59 -26.53 -22.83 41.77
N LEU A 60 -26.13 -23.25 42.97
CA LEU A 60 -26.30 -22.44 44.17
C LEU A 60 -25.01 -22.47 44.98
N GLU A 61 -24.66 -21.33 45.56
CA GLU A 61 -23.45 -21.21 46.35
C GLU A 61 -23.70 -21.77 47.75
N GLY A 62 -22.74 -21.55 48.66
CA GLY A 62 -22.91 -22.03 50.03
C GLY A 62 -24.05 -21.37 50.76
N GLY A 63 -24.33 -20.10 50.47
CA GLY A 63 -25.40 -19.40 51.13
C GLY A 63 -26.76 -19.90 50.72
N THR A 64 -27.76 -19.59 51.56
CA THR A 64 -29.12 -20.03 51.30
C THR A 64 -29.80 -19.19 50.22
N SER A 65 -29.49 -17.90 50.15
CA SER A 65 -30.14 -17.01 49.20
C SER A 65 -29.56 -17.10 47.79
N THR A 66 -28.44 -17.80 47.62
CA THR A 66 -27.82 -17.90 46.30
C THR A 66 -28.70 -18.74 45.37
N GLN A 67 -28.80 -18.29 44.12
CA GLN A 67 -29.56 -19.01 43.10
C GLN A 67 -29.16 -18.50 41.73
N ARG A 68 -28.68 -19.40 40.88
CA ARG A 68 -28.33 -19.07 39.50
C ARG A 68 -28.77 -20.19 38.59
N ALA A 69 -29.07 -19.85 37.34
CA ALA A 69 -29.48 -20.83 36.33
C ALA A 69 -28.70 -20.58 35.05
N ILE A 70 -28.19 -21.65 34.44
CA ILE A 70 -27.46 -21.58 33.18
C ILE A 70 -28.16 -22.50 32.21
N ALA A 71 -28.76 -21.92 31.17
CA ALA A 71 -29.42 -22.69 30.13
C ALA A 71 -28.38 -23.13 29.10
N LEU A 72 -28.27 -24.43 28.86
CA LEU A 72 -27.23 -24.95 27.98
C LEU A 72 -27.82 -25.30 26.62
N GLU A 73 -27.00 -25.12 25.59
CA GLU A 73 -27.38 -25.42 24.22
C GLU A 73 -26.54 -26.57 23.69
N TYR A 74 -27.20 -27.58 23.12
CA TYR A 74 -26.55 -28.75 22.57
C TYR A 74 -26.70 -28.71 21.05
N LYS A 75 -25.56 -28.75 20.35
CA LYS A 75 -25.54 -28.80 18.89
C LYS A 75 -24.86 -30.09 18.47
N ARG A 76 -25.67 -31.03 17.97
CA ARG A 76 -25.14 -32.29 17.49
C ARG A 76 -24.37 -32.07 16.18
N PRO A 77 -23.45 -32.98 15.86
CA PRO A 77 -22.69 -32.84 14.59
C PRO A 77 -23.56 -32.92 13.34
N GLN A 78 -24.79 -33.44 13.46
CA GLN A 78 -25.67 -33.50 12.29
C GLN A 78 -26.00 -32.12 11.75
N GLU A 79 -26.06 -31.11 12.63
CA GLU A 79 -26.32 -29.75 12.18
C GLU A 79 -25.21 -29.25 11.26
N GLY A 80 -23.96 -29.58 11.58
CA GLY A 80 -22.84 -29.14 10.79
C GLY A 80 -22.20 -27.89 11.36
N ILE A 81 -21.39 -27.21 10.56
CA ILE A 81 -20.71 -26.00 10.99
C ILE A 81 -21.65 -24.80 10.98
N HIS A 82 -22.82 -24.93 10.33
CA HIS A 82 -23.83 -23.88 10.36
C HIS A 82 -24.55 -23.80 11.70
N GLY A 83 -24.49 -24.84 12.52
CA GLY A 83 -25.10 -24.77 13.83
C GLY A 83 -24.31 -23.98 14.85
N LEU A 84 -23.04 -23.69 14.55
CA LEU A 84 -22.25 -22.85 15.44
C LEU A 84 -22.81 -21.45 15.53
N LEU A 85 -23.18 -20.86 14.39
CA LEU A 85 -23.76 -19.53 14.37
C LEU A 85 -25.14 -19.48 15.02
N THR A 86 -25.95 -20.52 14.82
CA THR A 86 -27.25 -20.57 15.48
C THR A 86 -27.10 -20.70 16.99
N ALA A 87 -26.06 -21.42 17.44
CA ALA A 87 -25.82 -21.57 18.87
C ALA A 87 -25.47 -20.23 19.51
N ILE A 88 -24.68 -19.41 18.82
CA ILE A 88 -24.32 -18.10 19.36
C ILE A 88 -25.56 -17.24 19.55
N GLY A 89 -26.44 -17.22 18.54
CA GLY A 89 -27.66 -16.44 18.66
C GLY A 89 -28.60 -16.95 19.73
N GLN A 90 -28.68 -18.27 19.89
CA GLN A 90 -29.55 -18.85 20.91
C GLN A 90 -29.06 -18.49 22.31
N ALA A 91 -27.74 -18.39 22.49
CA ALA A 91 -27.19 -18.02 23.79
C ALA A 91 -27.62 -16.62 24.19
N HIS A 92 -27.60 -15.67 23.24
CA HIS A 92 -28.02 -14.31 23.53
C HIS A 92 -29.48 -14.26 23.95
N GLY A 93 -30.34 -15.03 23.28
CA GLY A 93 -31.75 -15.04 23.66
C GLY A 93 -31.97 -15.59 25.06
N TYR A 94 -31.15 -16.55 25.48
CA TYR A 94 -31.28 -17.10 26.83
C TYR A 94 -30.93 -16.05 27.88
N LEU A 95 -29.90 -15.24 27.62
CA LEU A 95 -29.57 -14.15 28.53
C LEU A 95 -30.69 -13.12 28.57
N HIS A 96 -31.27 -12.79 27.42
CA HIS A 96 -32.36 -11.81 27.37
C HIS A 96 -33.61 -12.33 28.06
N LYS A 97 -33.80 -13.66 28.08
CA LYS A 97 -34.98 -14.22 28.72
C LYS A 97 -34.97 -14.04 30.24
N GLY A 98 -33.80 -13.77 30.81
CA GLY A 98 -33.68 -13.59 32.24
C GLY A 98 -32.81 -14.60 32.97
N TYR A 99 -31.98 -15.36 32.25
CA TYR A 99 -31.12 -16.35 32.87
C TYR A 99 -29.78 -15.73 33.25
N SER A 100 -29.13 -16.35 34.23
CA SER A 100 -27.83 -15.85 34.69
C SER A 100 -26.76 -16.09 33.64
N GLY A 101 -26.78 -17.23 32.97
CA GLY A 101 -25.76 -17.54 31.99
C GLY A 101 -26.24 -18.58 31.00
N ALA A 102 -25.36 -18.89 30.04
CA ALA A 102 -25.65 -19.86 29.00
C ALA A 102 -24.40 -20.67 28.70
N ALA A 103 -24.60 -21.87 28.17
CA ALA A 103 -23.52 -22.76 27.83
C ALA A 103 -23.74 -23.34 26.44
N ILE A 104 -22.71 -23.29 25.60
CA ILE A 104 -22.75 -23.84 24.25
C ILE A 104 -21.95 -25.13 24.28
N VAL A 105 -22.65 -26.26 24.23
CA VAL A 105 -22.03 -27.58 24.23
C VAL A 105 -21.92 -28.02 22.77
N ILE A 106 -20.68 -28.10 22.27
CA ILE A 106 -20.44 -28.41 20.86
C ILE A 106 -19.41 -29.53 20.78
N PRO A 107 -19.43 -30.29 19.69
CA PRO A 107 -18.41 -31.34 19.50
C PRO A 107 -17.02 -30.75 19.39
N GLY A 108 -16.02 -31.51 19.84
CA GLY A 108 -14.66 -31.04 19.81
C GLY A 108 -14.12 -30.81 18.42
N ARG A 109 -14.58 -31.60 17.45
CA ARG A 109 -14.14 -31.46 16.08
C ARG A 109 -15.29 -31.74 15.13
N TYR A 110 -15.19 -31.18 13.93
CA TYR A 110 -16.17 -31.38 12.87
C TYR A 110 -15.48 -32.00 11.65
N SER A 111 -16.30 -32.46 10.72
CA SER A 111 -15.75 -33.05 9.50
C SER A 111 -14.96 -32.03 8.70
N SER A 112 -15.46 -30.80 8.61
CA SER A 112 -14.76 -29.74 7.89
C SER A 112 -14.07 -28.73 8.80
N HIS A 113 -14.55 -28.56 10.03
CA HIS A 113 -13.97 -27.61 10.95
C HIS A 113 -13.16 -28.34 12.01
N PRO A 114 -11.85 -28.11 12.10
CA PRO A 114 -11.04 -28.82 13.10
C PRO A 114 -11.18 -28.25 14.50
N THR A 115 -11.37 -26.93 14.61
CA THR A 115 -11.41 -26.23 15.90
C THR A 115 -12.68 -25.40 15.99
N PRO A 116 -13.82 -26.03 16.28
CA PRO A 116 -15.05 -25.25 16.46
C PRO A 116 -15.06 -24.45 17.75
N ALA A 117 -14.65 -25.04 18.86
CA ALA A 117 -14.68 -24.34 20.14
C ALA A 117 -13.76 -23.13 20.14
N GLU A 118 -12.58 -23.26 19.51
CA GLU A 118 -11.67 -22.12 19.42
C GLU A 118 -12.29 -20.97 18.64
N TYR A 119 -12.94 -21.29 17.52
CA TYR A 119 -13.59 -20.24 16.73
C TYR A 119 -14.72 -19.58 17.51
N VAL A 120 -15.53 -20.38 18.21
CA VAL A 120 -16.64 -19.81 18.97
C VAL A 120 -16.11 -18.91 20.09
N ARG A 121 -15.04 -19.34 20.77
CA ARG A 121 -14.44 -18.53 21.81
C ARG A 121 -13.89 -17.23 21.26
N ASP A 122 -13.22 -17.30 20.09
CA ASP A 122 -12.68 -16.09 19.48
C ASP A 122 -13.79 -15.12 19.11
N VAL A 123 -14.90 -15.64 18.57
CA VAL A 123 -16.04 -14.79 18.23
C VAL A 123 -16.61 -14.16 19.49
N LEU A 124 -16.76 -14.94 20.56
CA LEU A 124 -17.34 -14.41 21.79
C LEU A 124 -16.45 -13.38 22.45
N ASN A 125 -15.13 -13.48 22.28
CA ASN A 125 -14.22 -12.53 22.89
C ASN A 125 -14.10 -11.25 22.07
N ALA A 126 -13.70 -11.38 20.81
CA ALA A 126 -13.26 -10.20 20.05
C ALA A 126 -14.43 -9.29 19.67
N ILE A 127 -15.66 -9.81 19.65
CA ILE A 127 -16.82 -9.09 19.13
C ILE A 127 -17.92 -8.96 20.18
N SER A 128 -18.36 -10.09 20.74
CA SER A 128 -19.50 -10.05 21.66
C SER A 128 -19.20 -9.22 22.89
N GLY A 129 -18.00 -9.37 23.46
CA GLY A 129 -17.64 -8.65 24.66
C GLY A 129 -18.54 -8.96 25.84
N SER A 130 -18.99 -10.20 25.97
CA SER A 130 -19.83 -10.63 27.07
C SER A 130 -19.21 -11.87 27.71
N ARG A 131 -19.30 -11.94 29.04
CA ARG A 131 -18.67 -13.01 29.80
C ARG A 131 -19.70 -13.88 30.51
N ALA A 132 -20.97 -13.83 30.09
CA ALA A 132 -22.03 -14.60 30.71
C ALA A 132 -22.35 -15.89 29.97
N ILE A 133 -21.62 -16.20 28.90
CA ILE A 133 -21.86 -17.40 28.12
C ILE A 133 -20.54 -18.16 27.98
N ALA A 134 -20.58 -19.47 28.18
CA ALA A 134 -19.40 -20.32 28.17
C ALA A 134 -19.47 -21.34 27.04
N VAL A 135 -18.32 -21.91 26.72
CA VAL A 135 -18.18 -22.87 25.62
C VAL A 135 -17.61 -24.17 26.17
N PHE A 136 -18.20 -25.29 25.77
CA PHE A 136 -17.77 -26.62 26.21
C PHE A 136 -17.68 -27.53 24.99
N SER A 137 -16.47 -27.92 24.63
CA SER A 137 -16.25 -28.86 23.54
C SER A 137 -16.12 -30.27 24.10
N TYR A 138 -16.87 -31.20 23.52
CA TYR A 138 -16.92 -32.57 24.02
C TYR A 138 -16.31 -33.53 23.00
N SER A 139 -15.67 -34.57 23.53
CA SER A 139 -15.23 -35.70 22.72
C SER A 139 -16.42 -36.56 22.34
N PRO A 140 -16.31 -37.34 21.26
CA PRO A 140 -17.42 -38.19 20.84
C PRO A 140 -17.86 -39.11 21.96
N PRO A 141 -19.17 -39.23 22.19
CA PRO A 141 -19.67 -40.03 23.31
C PRO A 141 -19.71 -41.51 22.99
N ASP A 142 -19.79 -42.31 24.05
CA ASP A 142 -19.92 -43.76 23.97
C ASP A 142 -21.33 -44.12 24.42
N THR A 143 -22.21 -44.42 23.45
CA THR A 143 -23.61 -44.64 23.75
C THR A 143 -23.84 -45.85 24.66
N THR A 144 -22.91 -46.81 24.69
CA THR A 144 -23.08 -47.99 25.52
C THR A 144 -23.11 -47.63 27.00
N SER A 145 -22.21 -46.73 27.42
CA SER A 145 -22.11 -46.38 28.84
C SER A 145 -23.34 -45.59 29.28
N PRO A 146 -23.76 -45.76 30.54
CA PRO A 146 -24.87 -44.95 31.06
C PRO A 146 -24.57 -43.47 31.07
N THR A 147 -23.30 -43.08 31.15
CA THR A 147 -22.87 -41.68 31.16
C THR A 147 -21.85 -41.50 30.05
N PRO A 148 -22.30 -41.38 28.80
CA PRO A 148 -21.36 -41.30 27.67
C PRO A 148 -20.40 -40.13 27.75
N PHE A 149 -20.82 -39.00 28.31
CA PHE A 149 -20.03 -37.78 28.30
C PHE A 149 -19.09 -37.67 29.49
N ALA A 150 -19.04 -38.68 30.36
CA ALA A 150 -18.17 -38.63 31.53
C ALA A 150 -16.70 -38.55 31.11
N GLY A 151 -16.09 -37.39 31.33
CA GLY A 151 -14.72 -37.15 30.94
C GLY A 151 -14.53 -36.65 29.53
N ARG A 152 -15.55 -36.74 28.68
CA ARG A 152 -15.44 -36.28 27.31
C ARG A 152 -15.53 -34.76 27.21
N ILE A 153 -16.34 -34.13 28.05
CA ILE A 153 -16.55 -32.69 27.98
C ILE A 153 -15.37 -31.97 28.62
N GLN A 154 -14.77 -31.03 27.89
CA GLN A 154 -13.68 -30.22 28.39
C GLN A 154 -13.98 -28.76 28.15
N CYS A 155 -13.66 -27.92 29.14
CA CYS A 155 -13.91 -26.49 29.05
C CYS A 155 -12.91 -25.82 28.13
N VAL A 156 -13.39 -24.82 27.39
CA VAL A 156 -12.53 -23.98 26.54
C VAL A 156 -12.61 -22.52 26.96
N ARG A 157 -13.82 -21.96 27.02
CA ARG A 157 -14.03 -20.60 27.49
C ARG A 157 -15.01 -20.62 28.65
N PRO A 158 -14.58 -20.26 29.86
CA PRO A 158 -15.50 -20.21 31.00
C PRO A 158 -16.36 -18.94 30.96
N LEU A 159 -17.22 -18.81 31.96
CA LEU A 159 -18.12 -17.68 32.05
C LEU A 159 -18.02 -17.04 33.43
N VAL A 160 -18.40 -15.76 33.50
CA VAL A 160 -18.42 -15.00 34.75
C VAL A 160 -19.88 -14.88 35.17
N PHE A 161 -20.22 -15.50 36.29
CA PHE A 161 -21.59 -15.48 36.78
C PHE A 161 -21.94 -14.11 37.36
N PRO A 175 -7.32 20.25 27.56
CA PRO A 175 -6.48 19.36 28.38
C PRO A 175 -5.17 19.00 27.69
N LYS A 176 -5.15 19.09 26.36
CA LYS A 176 -3.96 18.81 25.57
C LYS A 176 -3.83 19.83 24.46
N THR A 177 -2.61 20.31 24.25
CA THR A 177 -2.34 21.33 23.25
C THR A 177 -2.60 20.86 21.82
N GLN A 178 -2.53 19.55 21.56
CA GLN A 178 -2.86 18.94 20.27
C GLN A 178 -1.88 19.33 19.17
N TRP A 179 -0.70 19.85 19.53
CA TRP A 179 0.39 19.97 18.59
C TRP A 179 1.70 19.99 19.36
N VAL A 180 2.80 19.89 18.63
CA VAL A 180 4.10 19.67 19.24
C VAL A 180 4.48 20.83 20.15
N HIS A 181 4.93 20.51 21.35
CA HIS A 181 5.40 21.52 22.28
C HIS A 181 6.84 21.89 21.94
N MET A 182 7.07 23.16 21.63
CA MET A 182 8.40 23.65 21.30
C MET A 182 8.69 24.89 22.14
N ARG A 183 9.98 25.10 22.41
CA ARG A 183 10.44 26.27 23.14
C ARG A 183 11.35 27.10 22.24
N GLU A 184 11.37 28.41 22.49
N GLU A 184 11.36 28.41 22.47
CA GLU A 184 12.10 29.33 21.63
CA GLU A 184 12.12 29.32 21.61
C GLU A 184 13.61 29.11 21.74
C GLU A 184 13.61 29.09 21.73
N GLY A 185 14.11 28.89 22.95
CA GLY A 185 15.54 28.78 23.16
C GLY A 185 16.07 27.41 23.56
N SER A 186 15.20 26.41 23.68
CA SER A 186 15.62 25.12 24.20
C SER A 186 15.39 23.96 23.24
N THR A 187 14.65 24.15 22.16
CA THR A 187 14.37 23.08 21.21
C THR A 187 14.92 23.42 19.83
N THR A 188 16.14 23.92 19.79
CA THR A 188 16.76 24.30 18.53
C THR A 188 17.15 23.05 17.73
N ARG A 189 17.48 23.27 16.46
CA ARG A 189 17.83 22.17 15.57
C ARG A 189 19.07 21.43 16.04
N ASP A 190 20.10 22.17 16.46
CA ASP A 190 21.33 21.54 16.94
C ASP A 190 21.08 20.71 18.18
N ALA A 191 20.18 21.14 19.05
CA ALA A 191 19.87 20.35 20.24
C ALA A 191 19.33 18.99 19.87
N PHE A 192 18.37 18.95 18.93
CA PHE A 192 17.82 17.68 18.46
C PHE A 192 18.90 16.84 17.79
N PHE A 193 19.70 17.47 16.93
CA PHE A 193 20.72 16.75 16.19
C PHE A 193 21.71 16.09 17.13
N ARG A 194 22.25 16.84 18.10
CA ARG A 194 23.25 16.28 19.00
C ARG A 194 22.64 15.30 20.00
N PHE A 195 21.39 15.52 20.41
CA PHE A 195 20.74 14.54 21.28
C PHE A 195 20.58 13.20 20.57
N LEU A 196 20.13 13.23 19.30
CA LEU A 196 20.00 12.00 18.54
C LEU A 196 21.36 11.36 18.28
N GLN A 197 22.38 12.16 18.01
CA GLN A 197 23.73 11.62 17.79
C GLN A 197 24.25 10.93 19.04
N VAL A 198 24.03 11.55 20.21
CA VAL A 198 24.48 10.94 21.46
C VAL A 198 23.71 9.66 21.73
N ALA A 199 22.41 9.65 21.45
CA ALA A 199 21.62 8.43 21.63
C ALA A 199 22.13 7.31 20.74
N LYS A 200 22.42 7.61 19.47
CA LYS A 200 22.93 6.61 18.55
C LYS A 200 24.29 6.09 19.02
N ARG A 201 25.20 7.00 19.39
CA ARG A 201 26.53 6.58 19.81
C ARG A 201 26.49 5.77 21.11
N LEU A 202 25.55 6.08 22.01
CA LEU A 202 25.43 5.31 23.24
C LEU A 202 24.77 3.96 23.00
N SER A 203 23.86 3.89 22.04
CA SER A 203 23.30 2.58 21.67
C SER A 203 24.37 1.70 21.03
N ALA A 204 25.29 2.31 20.27
CA ALA A 204 26.38 1.54 19.68
C ALA A 204 27.30 0.96 20.75
N ASP A 205 27.63 1.74 21.76
CA ASP A 205 28.56 1.33 22.81
C ASP A 205 27.91 1.54 24.17
N PRO A 206 27.10 0.59 24.63
CA PRO A 206 26.43 0.76 25.93
C PRO A 206 27.37 0.84 27.11
N THR A 207 28.61 0.37 26.97
CA THR A 207 29.58 0.36 28.06
C THR A 207 30.41 1.64 28.12
N ALA A 208 29.88 2.76 27.63
CA ALA A 208 30.60 4.01 27.69
C ALA A 208 30.76 4.47 29.14
N PRO A 209 31.88 5.11 29.47
CA PRO A 209 32.11 5.52 30.86
C PRO A 209 31.36 6.80 31.21
N ARG A 210 30.91 6.85 32.46
CA ARG A 210 30.22 8.03 32.95
C ARG A 210 31.17 9.23 32.95
N PRO A 211 30.68 10.44 32.63
CA PRO A 211 31.57 11.61 32.64
C PRO A 211 32.03 11.98 34.04
N THR A 212 32.81 13.05 34.16
CA THR A 212 33.41 13.45 35.43
C THR A 212 33.07 14.90 35.73
N LEU A 213 33.02 15.22 37.02
CA LEU A 213 32.72 16.57 37.49
C LEU A 213 33.91 17.13 38.26
N ARG A 214 33.98 18.45 38.31
CA ARG A 214 35.06 19.13 38.99
C ARG A 214 35.03 18.84 40.49
N SER A 215 36.21 18.94 41.13
CA SER A 215 36.28 18.69 42.56
C SER A 215 35.47 19.70 43.34
N GLU A 216 35.54 20.97 42.96
CA GLU A 216 34.73 22.00 43.62
C GLU A 216 33.24 21.72 43.40
N LEU A 217 32.88 21.27 42.19
CA LEU A 217 31.48 21.00 41.89
C LEU A 217 30.93 19.87 42.75
N VAL A 218 31.68 18.77 42.86
CA VAL A 218 31.20 17.64 43.66
C VAL A 218 31.19 18.01 45.13
N ALA A 219 32.16 18.80 45.59
CA ALA A 219 32.15 19.25 46.98
C ALA A 219 30.93 20.11 47.26
N ALA A 220 30.59 21.03 46.36
CA ALA A 220 29.41 21.87 46.54
C ALA A 220 28.13 21.04 46.51
N ILE A 221 28.07 20.04 45.63
CA ILE A 221 26.90 19.18 45.56
C ILE A 221 26.74 18.40 46.87
N GLY A 222 27.85 17.87 47.39
CA GLY A 222 27.78 17.17 48.67
C GLY A 222 27.35 18.06 49.82
N ARG A 223 27.86 19.30 49.83
CA ARG A 223 27.44 20.24 50.86
C ARG A 223 25.96 20.56 50.77
N LEU A 224 25.46 20.78 49.55
CA LEU A 224 24.06 21.15 49.37
C LEU A 224 23.12 20.00 49.75
N ALA A 225 23.46 18.77 49.33
CA ALA A 225 22.62 17.62 49.64
C ALA A 225 23.48 16.41 49.98
N PRO A 226 23.53 16.01 51.24
CA PRO A 226 24.31 14.83 51.62
C PRO A 226 23.73 13.56 51.03
N GLY A 227 24.61 12.62 50.70
CA GLY A 227 24.18 11.33 50.19
C GLY A 227 23.48 11.39 48.86
N ARG A 228 23.99 12.17 47.92
CA ARG A 228 23.40 12.29 46.60
C ARG A 228 24.48 12.12 45.54
N ASP A 229 24.10 11.51 44.43
CA ASP A 229 25.03 11.27 43.34
C ASP A 229 25.38 12.59 42.66
N PRO A 230 26.67 12.96 42.58
CA PRO A 230 27.01 14.25 41.94
C PRO A 230 26.49 14.39 40.51
N ILE A 231 26.53 13.32 39.72
CA ILE A 231 26.10 13.43 38.33
C ILE A 231 24.58 13.35 38.23
N GLU A 232 23.95 12.50 39.04
CA GLU A 232 22.50 12.40 39.03
C GLU A 232 21.85 13.68 39.59
N TYR A 233 22.59 14.49 40.33
CA TYR A 233 22.06 15.72 40.89
C TYR A 233 22.16 16.88 39.91
N ILE A 234 23.33 17.06 39.28
CA ILE A 234 23.53 18.18 38.37
C ILE A 234 22.76 18.04 37.07
N THR A 235 22.24 16.85 36.76
CA THR A 235 21.46 16.63 35.56
C THR A 235 19.96 16.53 35.84
N ASN A 236 19.56 16.57 37.12
CA ASN A 236 18.15 16.51 37.53
C ASN A 236 17.47 15.25 36.97
N THR A 237 18.06 14.10 37.31
CA THR A 237 17.51 12.80 36.95
C THR A 237 17.52 11.89 38.16
N ALA A 238 16.48 11.07 38.29
CA ALA A 238 16.45 9.98 39.26
C ALA A 238 16.00 8.72 38.51
N ASP A 239 16.96 8.06 37.86
CA ASP A 239 16.70 6.88 37.07
C ASP A 239 18.00 6.28 36.55
N ASN A 240 17.91 5.16 35.82
CA ASN A 240 19.08 4.56 35.19
C ASN A 240 18.76 4.05 33.79
N LYS A 241 17.66 4.49 33.18
CA LYS A 241 17.24 3.98 31.88
C LYS A 241 18.11 4.55 30.77
N PHE A 242 17.80 4.15 29.54
CA PHE A 242 18.57 4.60 28.39
C PHE A 242 18.37 6.08 28.12
N LEU A 243 17.11 6.55 28.22
CA LEU A 243 16.84 7.97 27.97
C LEU A 243 17.53 8.85 28.99
N THR A 244 17.53 8.44 30.25
CA THR A 244 18.25 9.18 31.29
C THR A 244 19.74 9.22 30.98
N LYS A 245 20.31 8.10 30.51
CA LYS A 245 21.73 8.05 30.20
C LYS A 245 22.09 8.99 29.06
N VAL A 246 21.30 8.97 27.98
CA VAL A 246 21.62 9.84 26.85
C VAL A 246 21.41 11.29 27.23
N TRP A 247 20.40 11.59 28.05
CA TRP A 247 20.24 12.97 28.53
C TRP A 247 21.45 13.41 29.35
N GLN A 248 21.94 12.54 30.23
CA GLN A 248 23.10 12.91 31.05
C GLN A 248 24.31 13.18 30.17
N PHE A 249 24.55 12.30 29.19
CA PHE A 249 25.69 12.49 28.30
C PHE A 249 25.58 13.79 27.51
N PHE A 250 24.39 14.05 26.96
CA PHE A 250 24.19 15.27 26.17
C PHE A 250 24.36 16.52 27.04
N TRP A 251 23.77 16.50 28.24
CA TRP A 251 23.87 17.65 29.15
C TRP A 251 25.31 17.94 29.52
N LEU A 252 26.05 16.91 29.91
CA LEU A 252 27.42 17.11 30.39
C LEU A 252 28.45 17.13 29.28
N GLU A 253 28.05 16.94 28.02
CA GLU A 253 28.99 17.01 26.92
C GLU A 253 28.79 18.20 26.00
N TRP A 254 27.56 18.67 25.80
CA TRP A 254 27.28 19.71 24.84
C TRP A 254 26.80 21.01 25.46
N LEU A 255 25.90 20.97 26.44
CA LEU A 255 25.41 22.18 27.06
C LEU A 255 26.22 22.56 28.30
N ALA A 256 26.28 21.68 29.29
CA ALA A 256 27.03 21.94 30.52
C ALA A 256 28.47 21.44 30.37
N THR A 257 29.16 22.00 29.39
CA THR A 257 30.55 21.68 29.16
C THR A 257 31.41 22.17 30.31
N PRO A 258 32.61 21.60 30.50
CA PRO A 258 33.47 22.10 31.58
C PRO A 258 33.77 23.59 31.50
N ALA A 259 33.92 24.12 30.28
CA ALA A 259 34.14 25.55 30.13
C ALA A 259 32.93 26.36 30.59
N VAL A 260 31.73 25.90 30.24
CA VAL A 260 30.51 26.61 30.63
C VAL A 260 30.32 26.53 32.15
N LEU A 261 30.67 25.40 32.74
CA LEU A 261 30.45 25.18 34.17
C LEU A 261 31.44 25.94 35.05
N THR A 262 32.21 26.89 34.49
CA THR A 262 33.10 27.72 35.28
C THR A 262 32.31 28.92 35.80
N PRO A 263 32.14 29.08 37.11
CA PRO A 263 31.27 30.16 37.60
C PRO A 263 31.90 31.54 37.52
N TRP A 264 33.22 31.66 37.58
CA TRP A 264 33.85 32.97 37.62
C TRP A 264 35.29 32.86 37.13
N LYS A 265 35.90 34.02 36.95
CA LYS A 265 37.32 34.15 36.61
C LYS A 265 37.99 35.04 37.65
N LEU A 266 39.11 34.58 38.19
CA LEU A 266 39.79 35.24 39.30
C LEU A 266 40.96 36.09 38.85
N GLU A 267 40.86 36.72 37.69
CA GLU A 267 41.96 37.52 37.17
C GLU A 267 42.11 38.82 37.96
N ALA A 268 43.34 39.14 38.35
CA ALA A 268 43.71 40.40 38.99
C ALA A 268 42.97 40.66 40.30
N GLY A 269 42.51 39.60 40.97
CA GLY A 269 41.85 39.75 42.25
C GLY A 269 40.41 40.19 42.18
N VAL A 270 39.84 40.37 40.99
CA VAL A 270 38.46 40.77 40.80
C VAL A 270 37.76 39.66 40.01
N TYR A 271 36.62 39.20 40.52
CA TYR A 271 35.91 38.08 39.94
C TYR A 271 34.97 38.58 38.85
N SER A 272 35.14 38.03 37.64
CA SER A 272 34.32 38.38 36.49
C SER A 272 33.83 37.11 35.81
N ALA A 273 32.65 37.19 35.22
CA ALA A 273 32.08 36.03 34.54
C ALA A 273 32.96 35.63 33.36
N PRO A 274 33.29 34.35 33.20
CA PRO A 274 34.18 33.95 32.10
C PRO A 274 33.61 34.21 30.72
N GLY A 275 32.28 34.26 30.59
CA GLY A 275 31.66 34.46 29.28
C GLY A 275 31.95 33.32 28.32
N ALA A 276 31.79 32.08 28.79
CA ALA A 276 32.04 30.90 27.98
C ALA A 276 30.71 30.36 27.46
N ARG A 277 30.67 30.04 26.17
CA ARG A 277 29.48 29.55 25.51
C ARG A 277 29.58 28.05 25.28
N THR A 278 28.44 27.45 24.93
CA THR A 278 28.32 26.01 24.79
C THR A 278 28.69 25.60 23.37
N ARG A 279 28.48 24.31 23.06
CA ARG A 279 28.81 23.76 21.76
C ARG A 279 27.59 23.62 20.86
N ILE A 280 26.44 24.15 21.26
CA ILE A 280 25.22 24.08 20.49
C ILE A 280 25.04 25.40 19.75
N LEU A 281 24.91 25.33 18.43
CA LEU A 281 24.77 26.53 17.63
C LEU A 281 23.39 27.16 17.81
N ARG A 282 23.34 28.48 17.73
CA ARG A 282 22.08 29.20 17.75
C ARG A 282 21.36 29.04 16.42
N GLU A 283 20.04 29.22 16.46
CA GLU A 283 19.23 29.02 15.26
C GLU A 283 19.62 30.01 14.17
N ASP A 284 19.86 31.27 14.54
CA ASP A 284 20.28 32.26 13.55
C ASP A 284 21.67 31.99 13.01
N GLY A 285 22.47 31.20 13.71
CA GLY A 285 23.81 30.86 13.25
C GLY A 285 24.85 31.92 13.47
N THR A 286 24.54 32.98 14.21
CA THR A 286 25.53 34.03 14.46
C THR A 286 26.66 33.54 15.35
N ASP A 287 26.32 32.78 16.39
CA ASP A 287 27.31 32.28 17.35
C ASP A 287 26.72 31.08 18.06
N PHE A 288 27.36 30.66 19.14
CA PHE A 288 26.90 29.53 19.94
C PHE A 288 25.99 30.02 21.07
N SER A 289 25.23 29.08 21.63
CA SER A 289 24.30 29.41 22.70
C SER A 289 25.06 29.65 24.00
N GLN A 290 24.37 30.25 24.97
CA GLN A 290 24.94 30.52 26.28
C GLN A 290 23.95 30.14 27.37
N LEU A 291 24.48 29.82 28.54
CA LEU A 291 23.67 29.63 29.74
C LEU A 291 24.28 30.41 30.90
N TRP A 292 23.41 31.06 31.67
CA TRP A 292 23.76 31.73 32.92
C TRP A 292 24.70 32.92 32.73
N GLU A 293 24.83 33.42 31.50
CA GLU A 293 25.67 34.58 31.25
C GLU A 293 25.17 35.31 30.01
N GLY A 294 25.56 36.58 29.90
CA GLY A 294 25.27 37.38 28.72
C GLY A 294 24.44 38.63 28.96
N ARG A 295 23.87 38.82 30.15
CA ARG A 295 23.02 39.96 30.43
C ARG A 295 23.55 40.71 31.64
N VAL A 296 22.83 41.77 32.03
CA VAL A 296 23.21 42.50 33.24
C VAL A 296 23.06 41.63 34.47
N ASN A 297 21.97 40.88 34.56
CA ASN A 297 21.74 39.94 35.63
C ASN A 297 21.75 38.53 35.06
N SER A 298 22.62 37.69 35.60
CA SER A 298 22.70 36.29 35.20
C SER A 298 23.34 35.52 36.34
N LEU A 299 23.06 34.21 36.37
CA LEU A 299 23.49 33.39 37.50
C LEU A 299 25.00 33.42 37.68
N LYS A 300 25.75 33.58 36.60
CA LYS A 300 27.21 33.66 36.67
C LYS A 300 27.71 35.09 36.81
N GLU A 301 26.82 36.07 36.94
CA GLU A 301 27.22 37.46 37.14
C GLU A 301 26.76 38.04 38.46
N THR A 302 25.56 37.71 38.93
CA THR A 302 25.16 38.14 40.27
C THR A 302 26.07 37.50 41.32
N ILE A 303 26.50 36.26 41.08
CA ILE A 303 27.43 35.60 41.98
C ILE A 303 28.76 36.32 42.01
N ALA A 304 29.27 36.72 40.84
CA ALA A 304 30.52 37.47 40.79
C ALA A 304 30.38 38.81 41.50
N GLY A 305 29.24 39.49 41.31
CA GLY A 305 29.03 40.75 41.99
C GLY A 305 28.98 40.59 43.50
N MET A 306 28.31 39.53 43.98
CA MET A 306 28.27 39.27 45.41
C MET A 306 29.66 38.95 45.95
N LEU A 307 30.45 38.18 45.18
CA LEU A 307 31.79 37.81 45.61
C LEU A 307 32.69 39.05 45.70
N ASN A 308 32.60 39.95 44.73
CA ASN A 308 33.36 41.20 44.80
C ASN A 308 32.91 42.05 45.96
N ARG A 309 31.60 42.06 46.27
CA ARG A 309 31.09 42.77 47.42
C ARG A 309 31.50 42.09 48.73
N GLY A 310 31.60 40.77 48.74
CA GLY A 310 32.01 40.04 49.91
C GLY A 310 30.89 39.47 50.75
N GLU A 311 29.64 39.49 50.27
CA GLU A 311 28.53 38.98 51.06
C GLU A 311 28.59 37.46 51.21
N ILE A 312 29.22 36.77 50.26
CA ILE A 312 29.30 35.31 50.28
C ILE A 312 30.73 34.89 50.00
N SER A 313 31.03 33.64 50.36
CA SER A 313 32.35 33.05 50.15
C SER A 313 32.36 32.23 48.86
N GLU A 314 33.57 31.80 48.49
CA GLU A 314 33.72 31.01 47.26
C GLU A 314 32.99 29.68 47.38
N ALA A 315 33.04 29.04 48.54
CA ALA A 315 32.22 27.86 48.76
C ALA A 315 30.74 28.19 48.67
N GLN A 316 30.33 29.30 49.29
CA GLN A 316 28.96 29.78 49.12
C GLN A 316 28.66 30.14 47.67
N GLY A 317 29.67 30.62 46.94
CA GLY A 317 29.46 30.89 45.53
C GLY A 317 29.18 29.64 44.72
N TRP A 318 29.94 28.58 44.97
CA TRP A 318 29.67 27.31 44.29
C TRP A 318 28.31 26.75 44.69
N GLU A 319 27.95 26.86 45.97
CA GLU A 319 26.65 26.38 46.42
C GLU A 319 25.53 27.15 45.74
N ALA A 320 25.68 28.47 45.62
CA ALA A 320 24.66 29.27 44.94
C ALA A 320 24.59 28.93 43.45
N PHE A 321 25.75 28.70 42.82
CA PHE A 321 25.76 28.34 41.41
C PHE A 321 25.02 27.03 41.17
N VAL A 322 25.24 26.04 42.04
CA VAL A 322 24.57 24.76 41.87
C VAL A 322 23.07 24.89 42.19
N GLY A 323 22.73 25.56 43.29
CA GLY A 323 21.37 25.60 43.78
C GLY A 323 20.56 26.85 43.48
N GLY A 324 21.15 27.87 42.86
CA GLY A 324 20.41 29.08 42.56
C GLY A 324 20.47 30.10 43.68
N ILE A 325 19.79 31.22 43.43
CA ILE A 325 19.73 32.34 44.36
C ILE A 325 18.26 32.68 44.62
N SER A 326 17.92 32.88 45.89
CA SER A 326 16.53 33.16 46.27
C SER A 326 16.05 34.47 45.64
N ALA A 327 14.74 34.68 45.73
CA ALA A 327 14.12 35.84 45.09
C ALA A 327 14.51 37.14 45.79
N THR A 328 14.70 37.11 47.11
CA THR A 328 15.03 38.28 47.92
C THR A 328 13.94 39.35 47.85
N GLY A 329 12.71 38.95 47.51
CA GLY A 329 11.59 39.87 47.51
C GLY A 329 11.39 40.62 46.20
N GLY A 330 10.17 40.55 45.66
CA GLY A 330 9.82 41.30 44.47
C GLY A 330 10.57 40.91 43.22
N GLY A 331 10.69 39.62 42.95
CA GLY A 331 11.36 39.16 41.75
C GLY A 331 11.27 37.67 41.61
N GLN A 332 11.78 37.18 40.48
CA GLN A 332 11.85 35.75 40.20
C GLN A 332 13.13 35.19 40.80
N ASP A 333 12.99 34.17 41.64
CA ASP A 333 14.15 33.56 42.27
C ASP A 333 15.03 32.91 41.21
N LYS A 334 16.27 33.38 41.10
CA LYS A 334 17.19 32.85 40.11
C LYS A 334 17.48 31.38 40.38
N GLN A 335 17.63 30.61 39.30
CA GLN A 335 17.79 29.17 39.38
C GLN A 335 19.19 28.76 38.92
N GLY A 336 19.70 27.70 39.50
CA GLY A 336 21.04 27.22 39.23
C GLY A 336 21.09 26.20 38.11
N VAL A 337 22.17 25.42 38.10
CA VAL A 337 22.34 24.40 37.09
C VAL A 337 21.34 23.26 37.28
N ARG A 338 21.09 22.88 38.54
CA ARG A 338 20.19 21.76 38.80
C ARG A 338 18.77 22.08 38.35
N ALA A 339 18.29 23.29 38.63
CA ALA A 339 16.91 23.64 38.29
C ALA A 339 16.74 23.86 36.78
N ARG A 340 17.71 24.54 36.15
CA ARG A 340 17.64 24.74 34.71
C ARG A 340 17.76 23.42 33.96
N ALA A 341 18.42 22.43 34.56
CA ALA A 341 18.57 21.14 33.90
C ALA A 341 17.23 20.46 33.67
N HIS A 342 16.34 20.52 34.66
CA HIS A 342 15.02 19.91 34.50
C HIS A 342 14.21 20.59 33.40
N SER A 343 14.22 21.92 33.37
CA SER A 343 13.48 22.65 32.34
C SER A 343 14.02 22.36 30.95
N TYR A 344 15.34 22.31 30.81
CA TYR A 344 15.93 22.00 29.51
C TYR A 344 15.64 20.56 29.10
N ARG A 345 15.67 19.63 30.07
CA ARG A 345 15.51 18.22 29.77
C ARG A 345 14.09 17.87 29.37
N GLU A 346 13.11 18.37 30.13
CA GLU A 346 11.74 17.93 29.95
C GLU A 346 11.02 18.63 28.81
N ASP A 347 11.70 19.53 28.11
CA ASP A 347 11.13 20.17 26.93
C ASP A 347 11.83 19.80 25.63
N ILE A 348 12.91 19.03 25.70
CA ILE A 348 13.55 18.48 24.50
C ILE A 348 13.20 17.00 24.44
N ASP A 349 12.95 16.39 25.60
CA ASP A 349 12.45 15.02 25.64
C ASP A 349 11.02 14.98 25.11
N SER A 350 10.16 15.86 25.61
CA SER A 350 8.76 15.88 25.19
C SER A 350 8.63 16.25 23.71
N ALA A 351 9.44 17.19 23.24
CA ALA A 351 9.38 17.58 21.84
C ALA A 351 9.75 16.42 20.92
N LEU A 352 10.82 15.70 21.25
CA LEU A 352 11.21 14.55 20.44
C LEU A 352 10.19 13.43 20.52
N ALA A 353 9.62 13.20 21.70
CA ALA A 353 8.60 12.16 21.84
C ALA A 353 7.36 12.49 21.00
N GLN A 354 6.94 13.75 21.02
CA GLN A 354 5.74 14.14 20.27
C GLN A 354 6.00 14.07 18.76
N LEU A 355 7.18 14.48 18.31
CA LEU A 355 7.54 14.32 16.91
C LEU A 355 7.78 12.86 16.53
N ARG A 356 7.84 11.96 17.51
CA ARG A 356 8.12 10.55 17.29
C ARG A 356 9.44 10.35 16.55
N TRP A 357 10.46 11.14 16.93
CA TRP A 357 11.81 10.92 16.48
C TRP A 357 12.56 9.92 17.36
N ILE A 358 12.01 9.57 18.52
CA ILE A 358 12.53 8.52 19.36
C ILE A 358 11.36 7.66 19.81
N GLU A 359 11.66 6.40 20.15
CA GLU A 359 10.64 5.49 20.65
C GLU A 359 10.40 5.75 22.13
N ASP A 360 9.50 4.96 22.73
CA ASP A 360 9.22 5.10 24.15
C ASP A 360 10.45 4.76 24.98
N ASP A 361 11.21 3.74 24.57
CA ASP A 361 12.42 3.37 25.28
C ASP A 361 13.48 4.46 25.18
N GLY A 362 13.50 5.21 24.08
CA GLY A 362 14.48 6.26 23.90
C GLY A 362 15.48 5.97 22.81
N LEU A 363 15.05 5.29 21.75
CA LEU A 363 15.90 4.95 20.62
C LEU A 363 15.43 5.69 19.37
N PRO A 364 16.35 6.24 18.58
CA PRO A 364 15.95 6.98 17.38
C PRO A 364 15.18 6.11 16.41
N THR A 365 14.18 6.70 15.76
CA THR A 365 13.35 6.00 14.80
C THR A 365 13.92 6.18 13.40
N ASP A 366 13.15 5.79 12.39
CA ASP A 366 13.60 5.97 11.01
C ASP A 366 13.65 7.44 10.63
N GLN A 367 12.71 8.24 11.14
CA GLN A 367 12.71 9.66 10.83
C GLN A 367 13.79 10.40 11.60
N GLY A 368 14.05 10.00 12.85
CA GLY A 368 15.17 10.56 13.57
C GLY A 368 16.50 10.25 12.92
N TYR A 369 16.65 9.00 12.46
CA TYR A 369 17.85 8.63 11.72
C TYR A 369 17.94 9.38 10.39
N ARG A 370 16.80 9.66 9.75
CA ARG A 370 16.82 10.45 8.53
C ARG A 370 17.28 11.88 8.81
N PHE A 371 16.82 12.47 9.92
CA PHE A 371 17.27 13.81 10.28
C PHE A 371 18.77 13.81 10.56
N MET A 372 19.25 12.81 11.30
CA MET A 372 20.69 12.70 11.57
C MET A 372 21.48 12.54 10.28
N THR A 373 20.97 11.72 9.36
CA THR A 373 21.65 11.52 8.08
C THR A 373 21.68 12.80 7.26
N ILE A 374 20.58 13.56 7.24
CA ILE A 374 20.56 14.82 6.51
C ILE A 374 21.58 15.78 7.09
N CYS A 375 21.60 15.90 8.42
CA CYS A 375 22.53 16.82 9.06
C CYS A 375 23.99 16.43 8.81
N GLU A 376 24.29 15.13 8.85
CA GLU A 376 25.66 14.68 8.63
C GLU A 376 26.07 14.82 7.18
N ARG A 377 25.19 14.41 6.25
CA ARG A 377 25.52 14.44 4.83
C ARG A 377 25.68 15.88 4.33
N TYR A 378 24.81 16.78 4.78
CA TYR A 378 24.84 18.16 4.34
C TYR A 378 25.52 19.02 5.40
N GLY A 379 25.44 20.35 5.24
CA GLY A 379 26.25 21.24 6.05
C GLY A 379 26.04 21.06 7.55
N GLY A 380 24.78 20.93 7.97
CA GLY A 380 24.51 20.75 9.38
C GLY A 380 23.04 20.99 9.67
N ALA A 381 22.74 21.22 10.95
CA ALA A 381 21.37 21.51 11.34
C ALA A 381 20.89 22.85 10.79
N ASN A 382 21.79 23.82 10.67
CA ASN A 382 21.46 25.12 10.10
C ASN A 382 21.81 25.16 8.61
N SER A 383 21.22 24.22 7.87
CA SER A 383 21.39 24.13 6.43
C SER A 383 20.03 24.00 5.77
N ARG A 384 19.99 24.29 4.47
CA ARG A 384 18.72 24.35 3.75
C ARG A 384 17.97 23.02 3.82
N ALA A 385 18.67 21.91 3.63
CA ALA A 385 18.03 20.60 3.71
C ALA A 385 17.49 20.33 5.11
N ALA A 386 18.27 20.64 6.14
CA ALA A 386 17.80 20.44 7.51
C ALA A 386 16.66 21.39 7.84
N ILE A 387 16.70 22.62 7.35
CA ILE A 387 15.60 23.56 7.57
C ILE A 387 14.32 23.00 6.95
N ASP A 388 14.42 22.51 5.71
CA ASP A 388 13.25 21.98 5.03
C ASP A 388 12.69 20.75 5.75
N TYR A 389 13.57 19.85 6.17
CA TYR A 389 13.11 18.64 6.86
C TYR A 389 12.45 18.99 8.19
N MET A 390 13.04 19.90 8.95
CA MET A 390 12.45 20.26 10.24
C MET A 390 11.12 20.97 10.06
N GLY A 391 11.03 21.86 9.06
CA GLY A 391 9.76 22.53 8.81
C GLY A 391 8.67 21.57 8.38
N ALA A 392 9.00 20.63 7.48
CA ALA A 392 8.03 19.65 7.05
C ALA A 392 7.61 18.73 8.20
N THR A 393 8.55 18.36 9.05
CA THR A 393 8.22 17.55 10.22
C THR A 393 7.29 18.30 11.17
N LEU A 394 7.55 19.59 11.39
CA LEU A 394 6.68 20.39 12.24
C LEU A 394 5.29 20.50 11.65
N ILE A 395 5.20 20.71 10.33
CA ILE A 395 3.90 20.87 9.69
C ILE A 395 3.11 19.56 9.73
N GLN A 396 3.74 18.46 9.36
CA GLN A 396 3.04 17.19 9.23
C GLN A 396 3.00 16.41 10.54
N THR A 397 4.16 16.05 11.07
CA THR A 397 4.20 15.22 12.27
C THR A 397 3.91 16.03 13.53
N GLY A 398 4.34 17.29 13.58
CA GLY A 398 4.04 18.14 14.71
C GLY A 398 2.64 18.69 14.75
N ARG A 399 1.86 18.44 13.69
CA ARG A 399 0.47 18.87 13.60
C ARG A 399 0.33 20.38 13.76
N TYR A 400 1.28 21.12 13.18
CA TYR A 400 1.11 22.56 13.05
C TYR A 400 0.16 22.92 11.92
N ALA A 401 -0.06 22.00 10.98
CA ALA A 401 -1.05 22.22 9.94
C ALA A 401 -2.45 22.27 10.53
N SER A 402 -2.71 21.46 11.57
CA SER A 402 -3.99 21.53 12.25
C SER A 402 -4.19 22.88 12.92
N PHE A 403 -3.14 23.41 13.55
CA PHE A 403 -3.22 24.74 14.15
C PHE A 403 -3.46 25.81 13.10
N LEU A 404 -2.76 25.72 11.96
CA LEU A 404 -2.95 26.67 10.88
C LEU A 404 -4.38 26.61 10.36
N HIS A 405 -4.91 25.40 10.18
CA HIS A 405 -6.28 25.24 9.69
C HIS A 405 -7.28 25.80 10.68
N TYR A 406 -7.07 25.56 11.98
CA TYR A 406 -7.98 26.09 13.00
C TYR A 406 -7.99 27.61 12.96
N ILE A 407 -6.82 28.23 12.99
CA ILE A 407 -6.78 29.70 13.04
C ILE A 407 -7.31 30.28 11.73
N ASN A 408 -7.05 29.62 10.60
CA ASN A 408 -7.57 30.11 9.33
C ASN A 408 -9.08 30.03 9.28
N ARG A 409 -9.66 28.92 9.75
CA ARG A 409 -11.11 28.79 9.78
C ARG A 409 -11.74 29.86 10.65
N LEU A 410 -11.21 30.05 11.87
CA LEU A 410 -11.79 31.04 12.76
C LEU A 410 -11.63 32.46 12.20
N SER A 411 -10.47 32.76 11.63
CA SER A 411 -10.24 34.08 11.05
C SER A 411 -11.18 34.34 9.88
N GLU A 412 -11.36 33.35 9.01
CA GLU A 412 -12.26 33.52 7.88
C GLU A 412 -13.70 33.69 8.33
N ARG A 413 -14.12 32.91 9.32
CA ARG A 413 -15.49 33.03 9.82
C ARG A 413 -15.71 34.34 10.58
N LYS A 414 -14.65 34.94 11.11
CA LYS A 414 -14.81 36.23 11.77
C LYS A 414 -14.77 37.39 10.77
N PHE A 415 -13.95 37.28 9.72
CA PHE A 415 -13.77 38.36 8.76
C PHE A 415 -14.77 38.30 7.60
N ALA A 416 -15.52 37.20 7.45
CA ALA A 416 -16.55 37.16 6.43
C ALA A 416 -17.77 37.98 6.85
N GLU A 417 -18.10 37.97 8.14
CA GLU A 417 -19.20 38.78 8.64
C GLU A 417 -18.89 40.27 8.50
N ASN A 418 -17.66 40.66 8.81
CA ASN A 418 -17.25 42.07 8.74
C ASN A 418 -15.77 42.14 8.39
N PRO A 419 -15.42 42.58 7.18
CA PRO A 419 -14.00 42.66 6.81
C PRO A 419 -13.23 43.75 7.53
N LEU A 420 -13.87 44.49 8.43
CA LEU A 420 -13.24 45.54 9.24
C LEU A 420 -13.54 45.31 10.71
N ALA A 421 -13.37 44.07 11.16
CA ALA A 421 -13.86 43.68 12.48
C ALA A 421 -13.12 44.40 13.60
N TYR A 422 -11.78 44.38 13.57
CA TYR A 422 -10.98 44.94 14.64
C TYR A 422 -10.34 46.27 14.28
N THR A 423 -10.60 46.79 13.08
CA THR A 423 -9.92 48.00 12.63
C THR A 423 -10.28 49.20 13.48
N LYS A 424 -9.43 50.22 13.42
CA LYS A 424 -9.59 51.47 14.15
C LYS A 424 -9.53 52.64 13.18
N PRO A 425 -10.17 53.76 13.49
CA PRO A 425 -10.09 54.93 12.61
C PRO A 425 -8.66 55.43 12.47
N GLY A 426 -8.30 55.81 11.25
CA GLY A 426 -6.96 56.27 10.96
C GLY A 426 -6.85 57.78 11.01
N PRO A 427 -5.87 58.33 10.28
CA PRO A 427 -5.69 59.78 10.26
C PRO A 427 -6.86 60.50 9.61
N GLY A 428 -7.21 60.10 8.39
CA GLY A 428 -8.31 60.72 7.66
C GLY A 428 -9.60 59.93 7.74
N GLY A 429 -9.68 59.03 8.73
CA GLY A 429 -10.83 58.16 8.87
C GLY A 429 -10.71 56.84 8.15
N MET A 430 -9.67 56.64 7.34
CA MET A 430 -9.48 55.37 6.67
C MET A 430 -9.15 54.29 7.70
N PRO A 431 -9.83 53.14 7.68
CA PRO A 431 -9.56 52.11 8.68
C PRO A 431 -8.14 51.60 8.59
N VAL A 432 -7.57 51.27 9.75
CA VAL A 432 -6.20 50.80 9.85
C VAL A 432 -6.15 49.66 10.88
N PHE A 433 -5.37 48.63 10.56
CA PHE A 433 -5.20 47.48 11.45
C PHE A 433 -3.98 47.75 12.33
N THR A 434 -4.22 48.32 13.51
CA THR A 434 -3.14 48.69 14.40
C THR A 434 -2.70 47.48 15.24
N GLU A 435 -1.76 47.71 16.14
CA GLU A 435 -1.24 46.63 16.97
C GLU A 435 -2.21 46.21 18.06
N GLU A 436 -2.97 47.15 18.62
CA GLU A 436 -3.98 46.79 19.62
C GLU A 436 -5.04 45.88 19.01
N SER A 437 -5.44 46.18 17.78
CA SER A 437 -6.36 45.30 17.07
C SER A 437 -5.77 43.91 16.88
N TYR A 438 -4.49 43.84 16.53
CA TYR A 438 -3.82 42.55 16.38
C TYR A 438 -3.84 41.77 17.69
N TRP A 439 -3.55 42.45 18.81
CA TRP A 439 -3.50 41.76 20.09
C TRP A 439 -4.87 41.28 20.53
N GLU A 440 -5.91 42.10 20.35
CA GLU A 440 -7.25 41.66 20.74
C GLU A 440 -7.78 40.58 19.82
N TYR A 441 -7.42 40.63 18.53
CA TYR A 441 -7.76 39.54 17.62
C TYR A 441 -7.11 38.24 18.04
N LEU A 442 -5.82 38.30 18.42
CA LEU A 442 -5.14 37.10 18.89
C LEU A 442 -5.76 36.59 20.19
N GLN A 443 -6.17 37.50 21.07
CA GLN A 443 -6.82 37.08 22.31
C GLN A 443 -8.16 36.39 22.03
N ASP A 444 -8.94 36.92 21.09
CA ASP A 444 -10.19 36.28 20.72
C ASP A 444 -9.93 34.90 20.11
N LEU A 445 -8.90 34.79 19.26
CA LEU A 445 -8.54 33.49 18.70
C LEU A 445 -8.15 32.51 19.79
N GLU A 446 -7.38 32.97 20.78
CA GLU A 446 -6.98 32.10 21.89
C GLU A 446 -8.19 31.65 22.69
N THR A 447 -9.13 32.56 22.98
CA THR A 447 -10.31 32.18 23.73
C THR A 447 -11.14 31.17 22.96
N LYS A 448 -11.29 31.36 21.64
CA LYS A 448 -12.02 30.39 20.83
C LYS A 448 -11.33 29.03 20.82
N LEU A 449 -10.00 29.01 20.74
CA LEU A 449 -9.28 27.75 20.67
C LEU A 449 -9.24 27.03 22.00
N THR A 450 -9.33 27.78 23.12
CA THR A 450 -9.25 27.17 24.44
C THR A 450 -10.61 26.80 24.99
N ASP A 451 -11.51 27.77 25.12
CA ASP A 451 -12.79 27.52 25.78
C ASP A 451 -13.75 26.75 24.89
N GLU A 452 -13.75 27.03 23.59
CA GLU A 452 -14.72 26.42 22.69
C GLU A 452 -14.19 25.15 22.04
N LEU A 453 -13.07 25.25 21.31
CA LEU A 453 -12.55 24.09 20.59
C LEU A 453 -11.90 23.09 21.54
N ARG A 454 -11.44 23.54 22.72
CA ARG A 454 -10.84 22.67 23.72
C ARG A 454 -9.64 21.90 23.17
N VAL A 455 -8.84 22.57 22.33
CA VAL A 455 -7.66 21.94 21.75
C VAL A 455 -6.41 22.65 22.23
N MET A 456 -6.46 23.22 23.43
CA MET A 456 -5.30 23.87 24.02
C MET A 456 -5.44 23.86 25.53
N ARG A 457 -4.52 23.18 26.21
CA ARG A 457 -4.45 23.26 27.66
C ARG A 457 -3.77 24.55 28.07
N LYS A 458 -4.41 25.31 28.95
CA LYS A 458 -3.85 26.58 29.37
C LYS A 458 -4.20 26.86 30.82
N VAL A 459 -3.22 27.32 31.58
CA VAL A 459 -3.40 27.72 32.98
C VAL A 459 -2.87 29.13 33.15
N SER A 460 -3.59 29.92 33.93
CA SER A 460 -3.22 31.30 34.17
C SER A 460 -2.42 31.40 35.47
N GLY A 461 -1.91 32.59 35.76
CA GLY A 461 -1.17 32.85 36.96
C GLY A 461 0.03 33.72 36.66
N ARG A 462 0.95 33.77 37.63
CA ARG A 462 2.18 34.56 37.53
C ARG A 462 1.86 36.03 37.28
N ALA A 463 1.23 36.66 38.29
CA ALA A 463 0.92 38.08 38.23
C ALA A 463 2.22 38.86 38.31
N ARG A 464 2.70 39.30 37.16
CA ARG A 464 4.03 39.87 37.00
C ARG A 464 3.95 41.16 36.21
N PRO A 465 4.97 42.02 36.30
CA PRO A 465 4.95 43.27 35.53
C PRO A 465 4.82 43.06 34.03
N ARG A 466 5.42 41.99 33.49
CA ARG A 466 5.35 41.71 32.07
C ARG A 466 4.63 40.38 31.83
N VAL A 467 3.92 40.32 30.71
CA VAL A 467 3.25 39.10 30.28
C VAL A 467 3.88 38.65 28.97
N ARG A 468 3.46 37.50 28.46
CA ARG A 468 4.02 36.94 27.25
C ARG A 468 2.98 36.91 26.14
N THR A 469 3.45 37.06 24.90
CA THR A 469 2.58 37.15 23.75
C THR A 469 1.83 35.84 23.54
N THR A 470 0.55 35.94 23.21
CA THR A 470 -0.24 34.76 22.87
C THR A 470 0.27 34.14 21.58
N PHE A 471 0.36 32.80 21.58
CA PHE A 471 0.92 32.05 20.46
C PHE A 471 2.34 32.54 20.14
N GLN A 472 3.14 32.71 21.19
CA GLN A 472 4.48 33.27 21.01
C GLN A 472 5.38 32.33 20.21
N VAL A 473 5.61 31.13 20.74
CA VAL A 473 6.55 30.21 20.08
C VAL A 473 5.99 29.72 18.75
N GLU A 474 4.69 29.46 18.69
CA GLU A 474 4.09 28.96 17.46
C GLU A 474 4.24 29.97 16.33
N LEU A 475 3.85 31.22 16.57
CA LEU A 475 3.97 32.25 15.55
C LEU A 475 5.43 32.55 15.24
N THR A 476 6.31 32.51 16.25
CA THR A 476 7.73 32.75 15.99
C THR A 476 8.29 31.70 15.04
N LEU A 477 8.00 30.42 15.31
CA LEU A 477 8.50 29.36 14.45
C LEU A 477 7.89 29.44 13.05
N LEU A 478 6.59 29.72 12.97
CA LEU A 478 5.95 29.82 11.66
C LEU A 478 6.53 30.97 10.85
N ARG A 479 6.77 32.11 11.49
CA ARG A 479 7.40 33.24 10.81
C ARG A 479 8.82 32.90 10.36
N ASN A 480 9.58 32.21 11.20
CA ASN A 480 10.95 31.88 10.86
C ASN A 480 11.02 30.91 9.70
N TYR A 481 10.12 29.93 9.66
CA TYR A 481 10.15 28.93 8.60
C TYR A 481 9.46 29.38 7.31
N GLY A 482 8.83 30.55 7.31
CA GLY A 482 8.27 31.11 6.10
C GLY A 482 6.80 30.81 5.86
N PHE A 483 6.15 30.03 6.73
CA PHE A 483 4.75 29.68 6.52
C PHE A 483 3.82 30.85 6.72
N VAL A 484 4.27 31.91 7.40
CA VAL A 484 3.52 33.16 7.50
C VAL A 484 4.44 34.31 7.09
N SER A 485 3.82 35.43 6.73
CA SER A 485 4.58 36.56 6.21
C SER A 485 5.36 37.26 7.32
N SER A 486 6.41 37.98 6.91
CA SER A 486 7.20 38.75 7.86
C SER A 486 6.36 39.83 8.53
N THR A 487 5.51 40.50 7.76
CA THR A 487 4.52 41.40 8.34
C THR A 487 3.51 40.58 9.11
N ARG A 488 3.43 40.81 10.43
CA ARG A 488 2.74 39.87 11.30
C ARG A 488 1.22 39.98 11.23
N HIS A 489 0.67 41.01 10.59
CA HIS A 489 -0.78 41.13 10.50
C HIS A 489 -1.16 41.93 9.26
N ARG A 490 -2.41 41.76 8.85
CA ARG A 490 -2.97 42.48 7.73
C ARG A 490 -4.43 42.81 8.02
N LEU A 491 -4.94 43.83 7.32
CA LEU A 491 -6.28 44.33 7.63
C LEU A 491 -7.36 43.29 7.34
N GLY A 492 -7.27 42.61 6.21
CA GLY A 492 -8.33 41.69 5.82
C GLY A 492 -8.18 40.29 6.36
N VAL A 493 -7.05 39.64 6.07
CA VAL A 493 -6.89 38.24 6.44
C VAL A 493 -6.71 38.09 7.95
N GLY A 494 -5.98 39.00 8.57
CA GLY A 494 -5.59 38.82 9.96
C GLY A 494 -4.14 38.40 10.06
N ILE A 495 -3.90 37.11 10.30
CA ILE A 495 -2.57 36.53 10.20
C ILE A 495 -2.35 36.11 8.75
N PRO A 496 -1.36 36.66 8.05
CA PRO A 496 -1.16 36.36 6.62
C PRO A 496 -0.43 35.03 6.36
N ILE A 497 -1.21 33.95 6.38
CA ILE A 497 -0.65 32.63 6.12
C ILE A 497 -0.18 32.54 4.67
N ASP A 498 1.02 31.99 4.47
CA ASP A 498 1.56 31.74 3.14
C ASP A 498 1.23 30.29 2.80
N TRP A 499 0.26 30.09 1.91
CA TRP A 499 -0.25 28.76 1.64
C TRP A 499 0.56 27.99 0.61
N GLU A 500 1.33 28.69 -0.23
CA GLU A 500 2.22 28.00 -1.16
C GLU A 500 3.28 27.22 -0.40
N GLN A 501 3.87 27.82 0.64
CA GLN A 501 4.87 27.13 1.43
C GLN A 501 4.29 25.94 2.17
N VAL A 502 3.08 26.09 2.71
CA VAL A 502 2.43 24.97 3.40
C VAL A 502 2.13 23.84 2.42
N VAL A 503 1.68 24.19 1.21
CA VAL A 503 1.42 23.17 0.19
C VAL A 503 2.72 22.44 -0.16
N GLN A 504 3.81 23.19 -0.31
CA GLN A 504 5.09 22.56 -0.62
C GLN A 504 5.55 21.66 0.51
N ALA A 505 5.33 22.06 1.77
CA ALA A 505 5.78 21.28 2.90
C ALA A 505 4.86 20.11 3.23
N LEU A 506 3.65 20.09 2.70
CA LEU A 506 2.70 19.03 3.01
C LEU A 506 2.86 17.80 2.13
N ASN A 507 3.80 17.80 1.18
CA ASN A 507 4.06 16.62 0.37
C ASN A 507 5.54 16.25 0.40
N VAL A 508 6.22 16.54 1.51
CA VAL A 508 7.63 16.18 1.65
C VAL A 508 7.79 14.67 1.77
N ASP A 509 6.84 14.01 2.44
CA ASP A 509 6.85 12.56 2.64
C ASP A 509 8.12 12.12 3.37
N LEU A 510 8.25 12.59 4.60
CA LEU A 510 9.38 12.23 5.45
C LEU A 510 9.46 10.73 5.69
N GLY B 174 1.65 34.00 -29.34
CA GLY B 174 0.35 33.46 -28.96
C GLY B 174 0.46 32.23 -28.08
N PRO B 175 0.73 32.44 -26.79
CA PRO B 175 0.84 31.29 -25.88
C PRO B 175 -0.49 30.59 -25.68
N LYS B 176 -0.42 29.30 -25.42
CA LYS B 176 -1.60 28.50 -25.18
C LYS B 176 -1.93 28.49 -23.69
N THR B 177 -3.23 28.45 -23.39
CA THR B 177 -3.68 28.46 -22.00
C THR B 177 -3.15 27.22 -21.27
N GLN B 178 -2.57 27.43 -20.09
CA GLN B 178 -1.92 26.35 -19.36
C GLN B 178 -2.85 25.70 -18.34
N TRP B 179 -4.05 25.32 -18.78
CA TRP B 179 -4.93 24.45 -18.01
C TRP B 179 -5.98 23.88 -18.96
N VAL B 180 -6.81 22.98 -18.43
CA VAL B 180 -7.75 22.25 -19.26
C VAL B 180 -8.83 23.19 -19.78
N HIS B 181 -9.16 23.06 -21.07
CA HIS B 181 -10.24 23.82 -21.69
C HIS B 181 -11.54 23.08 -21.47
N MET B 182 -12.39 23.60 -20.58
CA MET B 182 -13.69 23.00 -20.31
C MET B 182 -14.75 24.07 -20.40
N ARG B 183 -15.93 23.71 -20.90
CA ARG B 183 -17.04 24.64 -21.02
C ARG B 183 -18.05 24.37 -19.91
N GLU B 184 -19.19 25.06 -19.96
CA GLU B 184 -20.19 25.00 -18.90
C GLU B 184 -21.32 24.03 -19.18
N GLY B 185 -21.76 23.93 -20.43
CA GLY B 185 -22.86 23.03 -20.75
C GLY B 185 -22.45 21.90 -21.67
N SER B 186 -21.22 21.93 -22.17
CA SER B 186 -20.76 20.91 -23.11
C SER B 186 -19.91 19.86 -22.43
N THR B 187 -18.82 20.30 -21.78
CA THR B 187 -17.89 19.39 -21.13
C THR B 187 -18.34 19.15 -19.69
N THR B 188 -19.48 18.49 -19.56
CA THR B 188 -20.01 18.16 -18.24
C THR B 188 -19.48 16.81 -17.79
N ARG B 189 -19.88 16.39 -16.60
CA ARG B 189 -19.45 15.12 -16.03
C ARG B 189 -20.11 13.91 -16.67
N ASP B 190 -21.33 14.06 -17.18
CA ASP B 190 -22.01 12.95 -17.84
C ASP B 190 -21.62 12.83 -19.30
N ALA B 191 -21.31 13.94 -19.97
CA ALA B 191 -20.89 13.86 -21.36
C ALA B 191 -19.58 13.09 -21.49
N PHE B 192 -18.63 13.35 -20.60
CA PHE B 192 -17.38 12.59 -20.58
C PHE B 192 -17.65 11.11 -20.34
N PHE B 193 -18.51 10.81 -19.38
CA PHE B 193 -18.82 9.43 -19.05
C PHE B 193 -19.41 8.69 -20.25
N ARG B 194 -20.36 9.32 -20.94
CA ARG B 194 -21.01 8.64 -22.05
C ARG B 194 -20.09 8.55 -23.27
N PHE B 195 -19.27 9.57 -23.51
CA PHE B 195 -18.31 9.49 -24.60
C PHE B 195 -17.31 8.36 -24.37
N LEU B 196 -16.81 8.24 -23.14
CA LEU B 196 -15.87 7.18 -22.82
C LEU B 196 -16.54 5.81 -22.89
N GLN B 197 -17.81 5.72 -22.46
CA GLN B 197 -18.54 4.47 -22.57
C GLN B 197 -18.73 4.05 -24.02
N VAL B 198 -19.05 5.01 -24.89
CA VAL B 198 -19.20 4.70 -26.30
C VAL B 198 -17.88 4.21 -26.88
N ALA B 199 -16.78 4.89 -26.53
CA ALA B 199 -15.47 4.46 -27.02
C ALA B 199 -15.14 3.05 -26.54
N LYS B 200 -15.40 2.76 -25.26
CA LYS B 200 -15.10 1.43 -24.72
C LYS B 200 -15.95 0.36 -25.38
N ARG B 201 -17.23 0.64 -25.62
CA ARG B 201 -18.11 -0.34 -26.24
C ARG B 201 -17.73 -0.58 -27.69
N LEU B 202 -17.33 0.47 -28.41
CA LEU B 202 -16.98 0.33 -29.81
C LEU B 202 -15.56 -0.21 -29.99
N SER B 203 -14.74 -0.19 -28.94
CA SER B 203 -13.43 -0.84 -29.04
C SER B 203 -13.57 -2.35 -29.19
N ALA B 204 -14.50 -2.96 -28.45
CA ALA B 204 -14.76 -4.39 -28.56
C ALA B 204 -15.60 -4.74 -29.79
N ASP B 205 -16.18 -3.75 -30.46
CA ASP B 205 -16.98 -3.96 -31.67
C ASP B 205 -16.49 -3.01 -32.74
N PRO B 206 -15.28 -3.23 -33.28
CA PRO B 206 -14.76 -2.31 -34.31
C PRO B 206 -15.61 -2.26 -35.56
N THR B 207 -16.30 -3.34 -35.89
CA THR B 207 -17.14 -3.38 -37.10
C THR B 207 -18.59 -2.99 -36.78
N ALA B 208 -18.76 -1.85 -36.13
CA ALA B 208 -20.10 -1.30 -35.95
C ALA B 208 -20.56 -0.65 -37.24
N PRO B 209 -21.71 -1.06 -37.81
CA PRO B 209 -22.03 -0.66 -39.18
C PRO B 209 -22.13 0.84 -39.40
N ARG B 210 -23.10 1.48 -38.73
CA ARG B 210 -23.35 2.92 -38.88
C ARG B 210 -24.50 3.34 -37.96
N PRO B 211 -24.59 4.60 -37.58
CA PRO B 211 -25.85 5.12 -37.04
C PRO B 211 -26.80 5.47 -38.19
N THR B 212 -28.05 5.76 -37.82
CA THR B 212 -29.11 5.94 -38.80
C THR B 212 -29.75 7.32 -38.67
N LEU B 213 -30.33 7.77 -39.77
CA LEU B 213 -31.05 9.03 -39.88
C LEU B 213 -32.48 8.75 -40.36
N ARG B 214 -33.22 9.82 -40.64
CA ARG B 214 -34.56 9.72 -41.17
C ARG B 214 -34.62 10.36 -42.55
N SER B 215 -35.59 9.92 -43.35
CA SER B 215 -35.59 10.23 -44.78
C SER B 215 -35.63 11.73 -45.04
N GLU B 216 -36.40 12.48 -44.25
CA GLU B 216 -36.46 13.92 -44.43
C GLU B 216 -35.10 14.56 -44.19
N LEU B 217 -34.37 14.07 -43.19
CA LEU B 217 -33.05 14.62 -42.90
C LEU B 217 -32.09 14.40 -44.07
N VAL B 218 -32.07 13.18 -44.63
CA VAL B 218 -31.18 12.92 -45.75
C VAL B 218 -31.61 13.72 -46.98
N ALA B 219 -32.92 13.91 -47.17
CA ALA B 219 -33.38 14.73 -48.30
C ALA B 219 -32.92 16.17 -48.14
N ALA B 220 -33.04 16.72 -46.93
CA ALA B 220 -32.59 18.09 -46.69
C ALA B 220 -31.09 18.22 -46.88
N ILE B 221 -30.33 17.23 -46.41
CA ILE B 221 -28.88 17.27 -46.55
C ILE B 221 -28.49 17.19 -48.03
N GLY B 222 -29.17 16.34 -48.79
CA GLY B 222 -28.90 16.28 -50.22
C GLY B 222 -29.26 17.57 -50.94
N ARG B 223 -30.34 18.22 -50.51
CA ARG B 223 -30.70 19.52 -51.09
C ARG B 223 -29.64 20.56 -50.77
N LEU B 224 -29.11 20.54 -49.55
CA LEU B 224 -28.12 21.54 -49.16
C LEU B 224 -26.77 21.25 -49.78
N ALA B 225 -26.20 20.09 -49.49
CA ALA B 225 -24.89 19.69 -50.02
C ALA B 225 -25.01 18.40 -50.81
N PRO B 226 -25.15 18.48 -52.13
CA PRO B 226 -25.23 17.25 -52.93
C PRO B 226 -23.93 16.47 -52.90
N GLY B 227 -24.06 15.15 -52.99
CA GLY B 227 -22.90 14.28 -53.02
C GLY B 227 -22.07 14.29 -51.74
N ARG B 228 -22.74 14.32 -50.59
CA ARG B 228 -22.05 14.29 -49.31
C ARG B 228 -22.74 13.28 -48.40
N ASP B 229 -21.95 12.63 -47.56
CA ASP B 229 -22.47 11.61 -46.67
C ASP B 229 -23.34 12.25 -45.60
N PRO B 230 -24.61 11.88 -45.47
CA PRO B 230 -25.46 12.48 -44.43
C PRO B 230 -24.94 12.29 -43.02
N ILE B 231 -24.37 11.11 -42.72
CA ILE B 231 -23.88 10.85 -41.38
C ILE B 231 -22.70 11.77 -41.05
N GLU B 232 -21.76 11.90 -41.98
CA GLU B 232 -20.61 12.77 -41.75
C GLU B 232 -20.91 14.24 -41.99
N TYR B 233 -22.04 14.56 -42.63
CA TYR B 233 -22.42 15.96 -42.78
C TYR B 233 -23.15 16.47 -41.55
N ILE B 234 -24.05 15.66 -40.98
CA ILE B 234 -24.80 16.11 -39.81
C ILE B 234 -23.98 16.00 -38.54
N THR B 235 -22.88 15.25 -38.55
CA THR B 235 -21.97 15.17 -37.41
C THR B 235 -20.77 16.09 -37.56
N ASN B 236 -20.60 16.72 -38.71
CA ASN B 236 -19.47 17.61 -39.00
C ASN B 236 -18.15 16.88 -38.78
N THR B 237 -17.95 15.81 -39.55
CA THR B 237 -16.73 15.02 -39.52
C THR B 237 -16.25 14.77 -40.94
N ALA B 238 -14.94 14.56 -41.08
CA ALA B 238 -14.33 14.40 -42.40
C ALA B 238 -13.80 12.99 -42.63
N ASP B 239 -12.94 12.49 -41.76
CA ASP B 239 -12.33 11.19 -41.93
C ASP B 239 -13.19 10.12 -41.27
N ASN B 240 -12.67 8.90 -41.16
CA ASN B 240 -13.36 7.79 -40.53
C ASN B 240 -12.36 7.08 -39.60
N LYS B 241 -11.77 7.86 -38.71
CA LYS B 241 -10.85 7.33 -37.72
C LYS B 241 -11.61 6.85 -36.49
N PHE B 242 -10.88 6.29 -35.52
CA PHE B 242 -11.52 5.76 -34.34
C PHE B 242 -12.22 6.85 -33.53
N LEU B 243 -11.55 7.99 -33.33
CA LEU B 243 -12.16 9.08 -32.57
C LEU B 243 -13.33 9.67 -33.33
N THR B 244 -13.20 9.80 -34.65
CA THR B 244 -14.33 10.26 -35.45
C THR B 244 -15.51 9.31 -35.36
N LYS B 245 -15.23 8.00 -35.36
CA LYS B 245 -16.29 7.02 -35.18
C LYS B 245 -16.96 7.15 -33.82
N VAL B 246 -16.17 7.37 -32.77
CA VAL B 246 -16.74 7.52 -31.43
C VAL B 246 -17.62 8.76 -31.38
N TRP B 247 -17.18 9.85 -31.99
CA TRP B 247 -18.02 11.05 -32.03
C TRP B 247 -19.29 10.81 -32.82
N GLN B 248 -19.21 10.10 -33.94
CA GLN B 248 -20.39 9.83 -34.75
C GLN B 248 -21.39 8.99 -33.96
N PHE B 249 -20.91 8.02 -33.18
CA PHE B 249 -21.82 7.20 -32.39
C PHE B 249 -22.27 7.89 -31.11
N PHE B 250 -21.58 8.94 -30.67
CA PHE B 250 -22.01 9.69 -29.50
C PHE B 250 -23.02 10.78 -29.84
N TRP B 251 -22.81 11.48 -30.95
CA TRP B 251 -23.70 12.58 -31.33
C TRP B 251 -25.10 12.08 -31.65
N LEU B 252 -25.20 11.07 -32.51
CA LEU B 252 -26.49 10.62 -33.03
C LEU B 252 -27.20 9.64 -32.12
N GLU B 253 -26.61 9.29 -30.98
CA GLU B 253 -27.20 8.32 -30.08
C GLU B 253 -27.47 8.88 -28.68
N TRP B 254 -26.65 9.81 -28.20
CA TRP B 254 -26.81 10.36 -26.86
C TRP B 254 -27.27 11.81 -26.84
N LEU B 255 -26.78 12.65 -27.75
CA LEU B 255 -27.17 14.05 -27.79
C LEU B 255 -28.22 14.34 -28.85
N ALA B 256 -27.92 14.03 -30.12
CA ALA B 256 -28.87 14.23 -31.20
C ALA B 256 -29.68 12.96 -31.43
N THR B 257 -30.40 12.56 -30.38
CA THR B 257 -31.23 11.38 -30.45
C THR B 257 -32.36 11.59 -31.45
N PRO B 258 -32.97 10.50 -31.94
CA PRO B 258 -34.09 10.66 -32.87
C PRO B 258 -35.22 11.51 -32.31
N ALA B 259 -35.44 11.47 -31.00
CA ALA B 259 -36.43 12.36 -30.39
C ALA B 259 -36.01 13.82 -30.53
N VAL B 260 -34.73 14.11 -30.29
CA VAL B 260 -34.24 15.49 -30.39
C VAL B 260 -34.30 15.97 -31.83
N LEU B 261 -33.95 15.11 -32.79
CA LEU B 261 -33.88 15.52 -34.19
C LEU B 261 -35.24 15.78 -34.81
N THR B 262 -36.32 15.73 -34.04
CA THR B 262 -37.63 16.14 -34.52
C THR B 262 -37.74 17.66 -34.43
N PRO B 263 -38.00 18.37 -35.51
CA PRO B 263 -37.92 19.84 -35.47
C PRO B 263 -39.20 20.53 -35.02
N TRP B 264 -40.36 19.88 -35.17
CA TRP B 264 -41.62 20.51 -34.81
C TRP B 264 -42.65 19.44 -34.49
N LYS B 265 -43.82 19.89 -34.02
CA LYS B 265 -44.93 19.02 -33.65
C LYS B 265 -46.20 19.63 -34.26
N LEU B 266 -46.53 19.19 -35.47
CA LEU B 266 -47.68 19.72 -36.19
C LEU B 266 -48.96 19.15 -35.60
N GLU B 267 -49.60 19.92 -34.72
CA GLU B 267 -50.82 19.50 -34.05
C GLU B 267 -51.93 20.50 -34.35
N ALA B 268 -53.07 19.99 -34.83
CA ALA B 268 -54.26 20.79 -35.09
C ALA B 268 -53.98 21.95 -36.06
N GLY B 269 -53.11 21.69 -37.05
CA GLY B 269 -52.82 22.68 -38.07
C GLY B 269 -51.80 23.73 -37.69
N VAL B 270 -51.26 23.69 -36.48
CA VAL B 270 -50.24 24.64 -36.06
C VAL B 270 -49.01 23.87 -35.61
N TYR B 271 -47.85 24.50 -35.77
CA TYR B 271 -46.57 23.91 -35.43
C TYR B 271 -46.07 24.48 -34.11
N SER B 272 -45.25 23.69 -33.41
CA SER B 272 -44.71 24.09 -32.12
C SER B 272 -43.47 23.26 -31.83
N ALA B 273 -42.72 23.70 -30.84
CA ALA B 273 -41.50 22.99 -30.45
C ALA B 273 -41.87 21.63 -29.87
N PRO B 274 -41.20 20.55 -30.29
CA PRO B 274 -41.55 19.22 -29.75
C PRO B 274 -41.35 19.10 -28.26
N GLY B 275 -40.36 19.79 -27.68
CA GLY B 275 -40.10 19.65 -26.27
C GLY B 275 -39.25 18.44 -25.91
N ALA B 276 -38.40 17.98 -26.82
CA ALA B 276 -37.59 16.79 -26.59
C ALA B 276 -36.28 17.16 -25.92
N ARG B 277 -35.83 16.30 -25.02
CA ARG B 277 -34.58 16.49 -24.30
C ARG B 277 -33.58 15.41 -24.67
N THR B 278 -32.30 15.74 -24.58
CA THR B 278 -31.25 14.77 -24.84
C THR B 278 -31.18 13.76 -23.69
N ARG B 279 -30.28 12.79 -23.82
CA ARG B 279 -30.12 11.74 -22.83
C ARG B 279 -29.00 12.05 -21.84
N ILE B 280 -28.39 13.22 -21.92
CA ILE B 280 -27.30 13.60 -21.03
C ILE B 280 -27.87 14.38 -19.86
N LEU B 281 -27.43 14.05 -18.65
CA LEU B 281 -27.87 14.75 -17.46
C LEU B 281 -27.34 16.19 -17.45
N ARG B 282 -27.98 17.03 -16.64
CA ARG B 282 -27.71 18.46 -16.64
C ARG B 282 -26.52 18.85 -15.77
N GLU B 283 -25.90 17.90 -15.08
CA GLU B 283 -24.81 18.09 -14.12
C GLU B 283 -25.28 18.75 -12.82
N ASP B 284 -26.59 18.81 -12.58
CA ASP B 284 -27.10 19.21 -11.28
C ASP B 284 -28.25 18.34 -10.80
N GLY B 285 -28.69 17.36 -11.58
CA GLY B 285 -29.75 16.45 -11.18
C GLY B 285 -31.15 16.96 -11.39
N THR B 286 -31.33 18.18 -11.92
CA THR B 286 -32.67 18.71 -12.11
C THR B 286 -33.42 17.96 -13.19
N ASP B 287 -32.80 17.77 -14.35
CA ASP B 287 -33.42 17.12 -15.49
C ASP B 287 -32.34 16.81 -16.51
N PHE B 288 -32.74 16.39 -17.70
CA PHE B 288 -31.82 16.19 -18.81
C PHE B 288 -31.64 17.50 -19.58
N SER B 289 -30.50 17.60 -20.25
CA SER B 289 -30.15 18.83 -20.97
C SER B 289 -30.96 18.96 -22.25
N GLN B 290 -31.33 20.19 -22.58
CA GLN B 290 -32.07 20.52 -23.78
C GLN B 290 -31.12 20.89 -24.91
N LEU B 291 -31.60 20.76 -26.14
CA LEU B 291 -30.81 21.06 -27.32
C LEU B 291 -31.68 21.73 -28.36
N TRP B 292 -31.32 22.96 -28.74
CA TRP B 292 -31.90 23.75 -29.82
C TRP B 292 -33.31 24.25 -29.52
N GLU B 293 -33.92 23.86 -28.40
CA GLU B 293 -35.27 24.34 -28.10
C GLU B 293 -35.45 24.64 -26.62
N GLY B 294 -34.39 25.07 -25.94
CA GLY B 294 -34.48 25.28 -24.50
C GLY B 294 -35.45 26.40 -24.13
N ARG B 295 -35.34 27.54 -24.81
CA ARG B 295 -36.11 28.73 -24.47
C ARG B 295 -36.59 29.39 -25.75
N VAL B 296 -37.25 30.54 -25.60
CA VAL B 296 -37.75 31.25 -26.78
C VAL B 296 -36.57 31.75 -27.60
N ASN B 297 -36.85 32.12 -28.86
CA ASN B 297 -35.89 32.56 -29.87
C ASN B 297 -34.91 31.47 -30.26
N SER B 298 -35.09 30.24 -29.77
CA SER B 298 -34.23 29.13 -30.13
C SER B 298 -34.46 28.73 -31.58
N LEU B 299 -33.68 27.75 -32.03
CA LEU B 299 -33.77 27.31 -33.43
C LEU B 299 -35.15 26.72 -33.73
N LYS B 300 -35.58 25.77 -32.91
CA LYS B 300 -36.87 25.11 -33.15
C LYS B 300 -38.03 26.10 -33.03
N GLU B 301 -37.98 26.98 -32.03
CA GLU B 301 -39.04 27.96 -31.85
C GLU B 301 -39.11 28.92 -33.04
N THR B 302 -37.95 29.40 -33.52
CA THR B 302 -37.96 30.29 -34.68
C THR B 302 -38.48 29.58 -35.92
N ILE B 303 -38.09 28.32 -36.10
CA ILE B 303 -38.57 27.57 -37.27
C ILE B 303 -40.08 27.37 -37.20
N ALA B 304 -40.59 27.03 -36.01
CA ALA B 304 -42.03 26.86 -35.84
C ALA B 304 -42.77 28.17 -36.09
N GLY B 305 -42.24 29.28 -35.60
CA GLY B 305 -42.86 30.56 -35.86
C GLY B 305 -42.87 30.92 -37.33
N MET B 306 -41.76 30.66 -38.03
CA MET B 306 -41.72 30.93 -39.46
C MET B 306 -42.71 30.05 -40.22
N LEU B 307 -42.84 28.79 -39.81
CA LEU B 307 -43.82 27.90 -40.44
C LEU B 307 -45.25 28.38 -40.21
N ASN B 308 -45.55 28.82 -38.98
CA ASN B 308 -46.89 29.33 -38.69
C ASN B 308 -47.18 30.61 -39.48
N ARG B 309 -46.18 31.50 -39.58
CA ARG B 309 -46.34 32.73 -40.34
C ARG B 309 -46.44 32.50 -41.84
N GLY B 310 -46.09 31.31 -42.32
CA GLY B 310 -46.13 31.03 -43.74
C GLY B 310 -44.95 31.53 -44.54
N GLU B 311 -43.90 32.02 -43.87
CA GLU B 311 -42.75 32.54 -44.59
C GLU B 311 -42.00 31.43 -45.32
N ILE B 312 -41.92 30.24 -44.72
CA ILE B 312 -41.18 29.13 -45.30
C ILE B 312 -42.07 27.88 -45.31
N SER B 313 -41.69 26.92 -46.13
CA SER B 313 -42.39 25.65 -46.26
C SER B 313 -41.69 24.58 -45.42
N GLU B 314 -42.24 23.36 -45.47
CA GLU B 314 -41.68 22.27 -44.70
C GLU B 314 -40.27 21.90 -45.18
N ALA B 315 -40.06 21.89 -46.49
CA ALA B 315 -38.73 21.59 -47.01
C ALA B 315 -37.71 22.65 -46.58
N GLN B 316 -38.08 23.92 -46.66
CA GLN B 316 -37.18 24.98 -46.22
C GLN B 316 -36.96 24.91 -44.72
N GLY B 317 -37.98 24.53 -43.95
CA GLY B 317 -37.79 24.35 -42.52
C GLY B 317 -36.81 23.23 -42.21
N TRP B 318 -36.91 22.12 -42.95
CA TRP B 318 -35.97 21.02 -42.75
C TRP B 318 -34.55 21.43 -43.14
N GLU B 319 -34.41 22.21 -44.21
CA GLU B 319 -33.09 22.70 -44.59
C GLU B 319 -32.51 23.62 -43.53
N ALA B 320 -33.36 24.49 -42.96
CA ALA B 320 -32.88 25.42 -41.94
C ALA B 320 -32.57 24.72 -40.63
N PHE B 321 -33.24 23.61 -40.34
CA PHE B 321 -32.99 22.89 -39.09
C PHE B 321 -31.56 22.37 -39.02
N VAL B 322 -30.94 22.10 -40.16
CA VAL B 322 -29.57 21.60 -40.20
C VAL B 322 -28.59 22.61 -40.77
N GLY B 323 -29.06 23.68 -41.40
CA GLY B 323 -28.17 24.70 -41.93
C GLY B 323 -28.15 25.97 -41.09
N GLY B 324 -29.25 26.23 -40.40
CA GLY B 324 -29.33 27.42 -39.57
C GLY B 324 -29.87 28.62 -40.32
N ILE B 325 -30.44 29.55 -39.57
CA ILE B 325 -31.01 30.78 -40.14
C ILE B 325 -30.00 31.90 -39.98
N SER B 326 -29.77 32.63 -41.07
CA SER B 326 -28.90 33.79 -41.01
C SER B 326 -29.59 34.93 -40.25
N ALA B 327 -28.78 35.90 -39.83
CA ALA B 327 -29.31 37.01 -39.04
C ALA B 327 -30.23 37.88 -39.88
N THR B 328 -31.43 38.16 -39.34
CA THR B 328 -32.38 39.03 -40.04
C THR B 328 -31.88 40.47 -40.07
N GLY B 329 -31.55 41.02 -38.91
CA GLY B 329 -30.91 42.32 -38.79
C GLY B 329 -29.42 42.19 -38.60
N GLY B 330 -28.87 43.02 -37.73
CA GLY B 330 -27.48 42.84 -37.33
C GLY B 330 -27.33 41.60 -36.48
N GLY B 331 -27.84 41.68 -35.24
CA GLY B 331 -27.99 40.54 -34.35
C GLY B 331 -26.86 39.52 -34.36
N GLN B 332 -27.23 38.25 -34.29
CA GLN B 332 -26.29 37.15 -34.42
C GLN B 332 -26.97 36.03 -35.20
N ASP B 333 -26.16 35.25 -35.91
CA ASP B 333 -26.69 34.18 -36.73
C ASP B 333 -27.24 33.06 -35.85
N LYS B 334 -27.82 32.05 -36.48
CA LYS B 334 -28.31 30.86 -35.81
C LYS B 334 -27.49 29.65 -36.23
N GLN B 335 -27.48 28.65 -35.37
CA GLN B 335 -26.64 27.46 -35.56
C GLN B 335 -27.52 26.25 -35.87
N GLY B 336 -27.21 25.57 -36.96
CA GLY B 336 -27.85 24.32 -37.29
C GLY B 336 -27.26 23.16 -36.50
N VAL B 337 -27.66 21.95 -36.90
CA VAL B 337 -27.15 20.76 -36.23
C VAL B 337 -25.67 20.58 -36.54
N ARG B 338 -25.24 20.91 -37.76
CA ARG B 338 -23.84 20.72 -38.13
C ARG B 338 -22.92 21.61 -37.30
N ALA B 339 -23.24 22.89 -37.18
CA ALA B 339 -22.38 23.82 -36.45
C ALA B 339 -22.33 23.48 -34.97
N ARG B 340 -23.47 23.18 -34.37
CA ARG B 340 -23.50 22.81 -32.96
C ARG B 340 -22.72 21.52 -32.72
N ALA B 341 -22.85 20.57 -33.66
CA ALA B 341 -22.07 19.33 -33.56
C ALA B 341 -20.58 19.63 -33.61
N HIS B 342 -20.16 20.52 -34.51
CA HIS B 342 -18.75 20.89 -34.61
C HIS B 342 -18.25 21.49 -33.31
N SER B 343 -19.03 22.43 -32.75
CA SER B 343 -18.60 23.10 -31.52
C SER B 343 -18.50 22.11 -30.36
N TYR B 344 -19.53 21.28 -30.19
CA TYR B 344 -19.53 20.30 -29.11
C TYR B 344 -18.38 19.32 -29.26
N ARG B 345 -18.14 18.83 -30.48
CA ARG B 345 -17.08 17.86 -30.71
C ARG B 345 -15.71 18.46 -30.44
N GLU B 346 -15.44 19.65 -30.98
CA GLU B 346 -14.12 20.25 -30.83
C GLU B 346 -13.90 20.85 -29.45
N ASP B 347 -14.94 20.98 -28.63
CA ASP B 347 -14.73 21.39 -27.25
C ASP B 347 -14.79 20.24 -26.25
N ILE B 348 -15.25 19.05 -26.66
CA ILE B 348 -15.21 17.88 -25.79
C ILE B 348 -13.96 17.02 -26.06
N ASP B 349 -13.53 16.91 -27.33
CA ASP B 349 -12.34 16.11 -27.61
C ASP B 349 -11.10 16.78 -27.06
N SER B 350 -11.03 18.11 -27.14
CA SER B 350 -9.90 18.83 -26.56
C SER B 350 -9.86 18.66 -25.05
N ALA B 351 -11.01 18.74 -24.39
CA ALA B 351 -11.05 18.58 -22.94
C ALA B 351 -10.64 17.16 -22.54
N LEU B 352 -11.08 16.16 -23.30
CA LEU B 352 -10.72 14.79 -22.95
C LEU B 352 -9.24 14.51 -23.23
N ALA B 353 -8.68 15.10 -24.29
CA ALA B 353 -7.27 14.89 -24.59
C ALA B 353 -6.37 15.61 -23.58
N GLN B 354 -6.79 16.80 -23.13
CA GLN B 354 -5.98 17.54 -22.18
C GLN B 354 -5.99 16.91 -20.79
N LEU B 355 -7.05 16.19 -20.45
CA LEU B 355 -7.11 15.47 -19.19
C LEU B 355 -6.45 14.10 -19.25
N ARG B 356 -5.94 13.70 -20.42
CA ARG B 356 -5.30 12.41 -20.61
C ARG B 356 -6.23 11.26 -20.22
N TRP B 357 -7.48 11.36 -20.69
CA TRP B 357 -8.45 10.31 -20.51
C TRP B 357 -8.66 9.46 -21.75
N ILE B 358 -8.16 9.90 -22.90
CA ILE B 358 -8.11 9.09 -24.12
C ILE B 358 -6.71 9.18 -24.69
N GLU B 359 -6.33 8.15 -25.44
CA GLU B 359 -5.03 8.13 -26.09
C GLU B 359 -5.07 8.98 -27.37
N ASP B 360 -3.93 9.03 -28.06
CA ASP B 360 -3.88 9.77 -29.32
C ASP B 360 -4.79 9.14 -30.36
N ASP B 361 -4.83 7.80 -30.41
CA ASP B 361 -5.71 7.10 -31.33
C ASP B 361 -7.18 7.23 -30.95
N GLY B 362 -7.47 7.49 -29.68
CA GLY B 362 -8.83 7.61 -29.20
C GLY B 362 -9.24 6.54 -28.21
N LEU B 363 -8.40 5.55 -27.96
CA LEU B 363 -8.73 4.51 -27.00
C LEU B 363 -8.65 5.06 -25.59
N PRO B 364 -9.55 4.67 -24.69
CA PRO B 364 -9.48 5.16 -23.31
C PRO B 364 -8.20 4.69 -22.62
N THR B 365 -7.72 5.51 -21.69
CA THR B 365 -6.54 5.20 -20.91
C THR B 365 -6.95 4.55 -19.59
N ASP B 366 -5.98 4.31 -18.70
CA ASP B 366 -6.29 3.67 -17.43
C ASP B 366 -7.15 4.58 -16.56
N GLN B 367 -6.91 5.89 -16.60
CA GLN B 367 -7.72 6.81 -15.82
C GLN B 367 -9.13 6.92 -16.37
N GLY B 368 -9.28 6.84 -17.70
CA GLY B 368 -10.61 6.79 -18.29
C GLY B 368 -11.38 5.56 -17.83
N TYR B 369 -10.71 4.41 -17.80
CA TYR B 369 -11.36 3.20 -17.30
C TYR B 369 -11.68 3.30 -15.81
N ARG B 370 -10.82 3.96 -15.03
CA ARG B 370 -11.11 4.17 -13.62
C ARG B 370 -12.37 5.03 -13.44
N PHE B 371 -12.48 6.10 -14.21
CA PHE B 371 -13.68 6.92 -14.16
C PHE B 371 -14.91 6.14 -14.59
N MET B 372 -14.77 5.34 -15.65
CA MET B 372 -15.85 4.44 -16.08
C MET B 372 -16.31 3.56 -14.94
N THR B 373 -15.37 2.91 -14.26
CA THR B 373 -15.72 1.98 -13.18
C THR B 373 -16.39 2.72 -12.03
N ILE B 374 -15.88 3.89 -11.66
CA ILE B 374 -16.49 4.66 -10.57
C ILE B 374 -17.93 5.01 -10.92
N CYS B 375 -18.14 5.55 -12.13
CA CYS B 375 -19.47 5.98 -12.52
C CYS B 375 -20.43 4.80 -12.63
N GLU B 376 -19.97 3.67 -13.16
CA GLU B 376 -20.84 2.51 -13.33
C GLU B 376 -21.08 1.77 -12.02
N ARG B 377 -20.22 1.94 -11.03
CA ARG B 377 -20.37 1.23 -9.77
C ARG B 377 -21.18 2.02 -8.75
N TYR B 378 -20.90 3.31 -8.60
CA TYR B 378 -21.48 4.10 -7.51
C TYR B 378 -22.72 4.89 -7.92
N GLY B 379 -23.21 4.71 -9.14
CA GLY B 379 -24.50 5.26 -9.50
C GLY B 379 -24.48 6.48 -10.41
N GLY B 380 -23.59 6.49 -11.39
CA GLY B 380 -23.58 7.53 -12.41
C GLY B 380 -22.55 8.59 -12.15
N ALA B 381 -22.52 9.57 -13.06
CA ALA B 381 -21.53 10.64 -13.02
C ALA B 381 -21.86 11.73 -12.01
N ASN B 382 -23.07 11.73 -11.46
CA ASN B 382 -23.47 12.74 -10.48
C ASN B 382 -23.29 12.24 -9.04
N SER B 383 -22.71 11.06 -8.85
CA SER B 383 -22.46 10.56 -7.51
C SER B 383 -21.30 11.31 -6.86
N ARG B 384 -21.17 11.13 -5.55
CA ARG B 384 -20.11 11.81 -4.82
C ARG B 384 -18.73 11.34 -5.27
N ALA B 385 -18.58 10.04 -5.51
CA ALA B 385 -17.28 9.51 -5.94
C ALA B 385 -16.86 10.07 -7.29
N ALA B 386 -17.80 10.17 -8.24
CA ALA B 386 -17.48 10.75 -9.54
C ALA B 386 -17.11 12.21 -9.41
N ILE B 387 -17.81 12.96 -8.55
CA ILE B 387 -17.48 14.37 -8.35
C ILE B 387 -16.09 14.51 -7.78
N ASP B 388 -15.74 13.68 -6.79
CA ASP B 388 -14.42 13.74 -6.19
C ASP B 388 -13.33 13.41 -7.22
N TYR B 389 -13.55 12.36 -8.02
CA TYR B 389 -12.55 12.00 -9.02
C TYR B 389 -12.38 13.09 -10.06
N MET B 390 -13.49 13.69 -10.52
CA MET B 390 -13.40 14.76 -11.51
C MET B 390 -12.71 15.98 -10.93
N GLY B 391 -13.00 16.33 -9.68
CA GLY B 391 -12.34 17.47 -9.06
C GLY B 391 -10.85 17.25 -8.89
N ALA B 392 -10.47 16.05 -8.44
CA ALA B 392 -9.04 15.74 -8.31
C ALA B 392 -8.35 15.76 -9.66
N THR B 393 -9.00 15.25 -10.71
CA THR B 393 -8.42 15.28 -12.04
C THR B 393 -8.25 16.71 -12.54
N LEU B 394 -9.22 17.57 -12.26
CA LEU B 394 -9.11 18.96 -12.66
C LEU B 394 -7.98 19.66 -11.91
N ILE B 395 -7.84 19.37 -10.62
CA ILE B 395 -6.79 20.03 -9.82
C ILE B 395 -5.42 19.56 -10.27
N GLN B 396 -5.23 18.26 -10.44
CA GLN B 396 -3.91 17.71 -10.74
C GLN B 396 -3.62 17.65 -12.24
N THR B 397 -4.42 16.89 -12.98
CA THR B 397 -4.18 16.73 -14.41
C THR B 397 -4.62 17.95 -15.20
N GLY B 398 -5.72 18.59 -14.80
CA GLY B 398 -6.20 19.77 -15.48
C GLY B 398 -5.44 21.04 -15.17
N ARG B 399 -4.51 20.98 -14.22
CA ARG B 399 -3.66 22.11 -13.85
C ARG B 399 -4.47 23.29 -13.34
N TYR B 400 -5.59 23.03 -12.67
CA TYR B 400 -6.34 24.09 -12.02
C TYR B 400 -5.66 24.55 -10.73
N ALA B 401 -4.86 23.69 -10.12
CA ALA B 401 -4.07 24.12 -8.96
C ALA B 401 -3.03 25.15 -9.36
N SER B 402 -2.45 25.03 -10.56
CA SER B 402 -1.54 26.05 -11.04
C SER B 402 -2.26 27.40 -11.23
N PHE B 403 -3.47 27.36 -11.77
CA PHE B 403 -4.26 28.58 -11.91
C PHE B 403 -4.58 29.19 -10.56
N LEU B 404 -4.95 28.35 -9.59
CA LEU B 404 -5.21 28.85 -8.23
C LEU B 404 -3.98 29.46 -7.61
N HIS B 405 -2.81 28.83 -7.82
CA HIS B 405 -1.56 29.38 -7.29
C HIS B 405 -1.24 30.73 -7.93
N TYR B 406 -1.43 30.83 -9.25
CA TYR B 406 -1.20 32.12 -9.92
C TYR B 406 -2.11 33.19 -9.36
N ILE B 407 -3.40 32.88 -9.20
CA ILE B 407 -4.36 33.86 -8.71
C ILE B 407 -4.00 34.27 -7.28
N ASN B 408 -3.63 33.30 -6.44
CA ASN B 408 -3.34 33.61 -5.05
C ASN B 408 -2.05 34.41 -4.90
N ARG B 409 -1.04 34.10 -5.73
CA ARG B 409 0.22 34.83 -5.63
C ARG B 409 0.12 36.22 -6.21
N LEU B 410 -0.68 36.41 -7.26
CA LEU B 410 -0.88 37.75 -7.80
C LEU B 410 -1.86 38.58 -6.97
N SER B 411 -2.71 37.93 -6.18
CA SER B 411 -3.68 38.63 -5.35
C SER B 411 -3.07 39.09 -4.03
N GLU B 412 -2.29 38.23 -3.37
CA GLU B 412 -1.62 38.63 -2.14
C GLU B 412 -0.54 39.67 -2.38
N ARG B 413 -0.09 39.82 -3.62
CA ARG B 413 0.88 40.86 -3.95
C ARG B 413 0.23 42.23 -4.11
N LYS B 414 -1.10 42.27 -4.25
CA LYS B 414 -1.82 43.53 -4.38
C LYS B 414 -2.46 43.99 -3.08
N PHE B 415 -2.86 43.07 -2.22
CA PHE B 415 -3.46 43.40 -0.93
C PHE B 415 -2.42 43.49 0.18
N ALA B 416 -1.15 43.24 -0.11
CA ALA B 416 -0.08 43.48 0.84
C ALA B 416 0.53 44.86 0.68
N GLU B 417 0.73 45.29 -0.58
CA GLU B 417 1.14 46.67 -0.83
C GLU B 417 0.05 47.64 -0.41
N ASN B 418 -1.21 47.29 -0.62
CA ASN B 418 -2.34 48.10 -0.19
C ASN B 418 -3.54 47.21 0.11
N PRO B 419 -3.88 47.01 1.38
CA PRO B 419 -5.05 46.17 1.72
C PRO B 419 -6.38 46.81 1.37
N LEU B 420 -6.38 48.00 0.77
CA LEU B 420 -7.58 48.72 0.39
C LEU B 420 -7.52 49.12 -1.08
N ALA B 421 -7.14 48.14 -1.93
CA ALA B 421 -6.80 48.44 -3.31
C ALA B 421 -8.01 48.95 -4.10
N TYR B 422 -9.18 48.35 -3.89
CA TYR B 422 -10.37 48.65 -4.68
C TYR B 422 -11.55 48.94 -3.77
N THR B 423 -11.37 49.86 -2.82
CA THR B 423 -12.36 50.06 -1.78
C THR B 423 -13.68 50.61 -2.32
N LYS B 424 -13.62 51.56 -3.24
CA LYS B 424 -14.82 52.23 -3.74
C LYS B 424 -15.65 52.75 -2.57
N PRO B 425 -15.21 53.82 -1.91
CA PRO B 425 -15.82 54.20 -0.62
C PRO B 425 -17.23 54.74 -0.76
N GLY B 426 -18.20 53.85 -0.93
CA GLY B 426 -19.59 54.21 -1.02
C GLY B 426 -20.13 54.78 0.27
N PRO B 427 -20.20 53.96 1.32
CA PRO B 427 -20.64 54.45 2.62
C PRO B 427 -19.68 55.49 3.17
N GLY B 428 -20.23 56.41 3.96
CA GLY B 428 -19.44 57.51 4.49
C GLY B 428 -18.61 57.14 5.71
N GLY B 429 -17.57 56.35 5.51
CA GLY B 429 -16.68 55.98 6.59
C GLY B 429 -16.25 54.53 6.57
N MET B 430 -17.06 53.67 5.94
CA MET B 430 -16.76 52.24 5.85
C MET B 430 -16.72 51.82 4.38
N PRO B 431 -15.53 51.71 3.79
CA PRO B 431 -15.45 51.23 2.40
C PRO B 431 -15.89 49.78 2.30
N VAL B 432 -16.56 49.46 1.19
CA VAL B 432 -17.09 48.12 0.94
C VAL B 432 -16.66 47.65 -0.45
N PHE B 433 -16.27 46.38 -0.53
CA PHE B 433 -15.86 45.80 -1.81
C PHE B 433 -17.09 45.58 -2.67
N THR B 434 -17.20 46.33 -3.76
CA THR B 434 -18.37 46.29 -4.63
C THR B 434 -18.08 45.40 -5.85
N GLU B 435 -19.10 45.24 -6.70
CA GLU B 435 -18.94 44.42 -7.90
C GLU B 435 -18.09 45.10 -8.95
N GLU B 436 -18.16 46.43 -9.05
CA GLU B 436 -17.28 47.14 -9.99
C GLU B 436 -15.82 46.96 -9.60
N SER B 437 -15.52 47.02 -8.29
CA SER B 437 -14.18 46.73 -7.82
C SER B 437 -13.78 45.29 -8.13
N TYR B 438 -14.74 44.37 -7.99
CA TYR B 438 -14.48 42.97 -8.33
C TYR B 438 -14.09 42.81 -9.79
N TRP B 439 -14.81 43.48 -10.69
CA TRP B 439 -14.50 43.36 -12.11
C TRP B 439 -13.18 44.04 -12.44
N GLU B 440 -12.87 45.17 -11.78
CA GLU B 440 -11.58 45.81 -11.97
C GLU B 440 -10.44 44.90 -11.53
N TYR B 441 -10.59 44.26 -10.37
CA TYR B 441 -9.57 43.34 -9.87
C TYR B 441 -9.40 42.14 -10.80
N LEU B 442 -10.52 41.59 -11.28
CA LEU B 442 -10.45 40.46 -12.20
C LEU B 442 -9.79 40.87 -13.52
N GLN B 443 -10.08 42.08 -14.00
CA GLN B 443 -9.45 42.55 -15.24
C GLN B 443 -7.95 42.71 -15.04
N ASP B 444 -7.54 43.24 -13.88
CA ASP B 444 -6.10 43.35 -13.60
C ASP B 444 -5.44 41.97 -13.57
N LEU B 445 -6.10 40.99 -12.92
CA LEU B 445 -5.57 39.64 -12.88
C LEU B 445 -5.44 39.04 -14.28
N GLU B 446 -6.48 39.22 -15.11
CA GLU B 446 -6.45 38.67 -16.46
C GLU B 446 -5.37 39.33 -17.31
N THR B 447 -5.19 40.65 -17.17
CA THR B 447 -4.14 41.33 -17.91
C THR B 447 -2.77 40.84 -17.49
N LYS B 448 -2.55 40.66 -16.18
CA LYS B 448 -1.27 40.13 -15.70
C LYS B 448 -1.03 38.72 -16.22
N LEU B 449 -2.08 37.90 -16.26
CA LEU B 449 -1.92 36.52 -16.68
C LEU B 449 -1.67 36.42 -18.18
N THR B 450 -2.28 37.30 -18.98
CA THR B 450 -2.21 37.18 -20.43
C THR B 450 -1.11 38.02 -21.06
N ASP B 451 -0.55 39.00 -20.35
CA ASP B 451 0.49 39.85 -20.92
C ASP B 451 1.83 39.71 -20.20
N GLU B 452 1.85 39.89 -18.88
CA GLU B 452 3.10 39.81 -18.15
C GLU B 452 3.58 38.37 -18.02
N LEU B 453 2.68 37.44 -17.70
CA LEU B 453 3.05 36.05 -17.51
C LEU B 453 2.95 35.21 -18.78
N ARG B 454 2.18 35.66 -19.76
CA ARG B 454 2.03 34.96 -21.04
C ARG B 454 1.58 33.52 -20.83
N VAL B 455 0.61 33.33 -19.95
CA VAL B 455 0.07 32.02 -19.64
C VAL B 455 -1.28 31.79 -20.32
N MET B 456 -2.17 32.76 -20.23
CA MET B 456 -3.49 32.64 -20.85
C MET B 456 -3.43 33.00 -22.33
N ARG B 457 -4.47 32.60 -23.05
CA ARG B 457 -4.67 32.95 -24.45
C ARG B 457 -5.96 33.74 -24.58
N LYS B 458 -5.89 34.91 -25.19
CA LYS B 458 -7.05 35.77 -25.37
C LYS B 458 -7.15 36.20 -26.82
N VAL B 459 -8.39 36.39 -27.28
CA VAL B 459 -8.67 36.76 -28.66
C VAL B 459 -9.48 38.04 -28.66
N SER B 460 -9.41 38.77 -29.78
CA SER B 460 -10.15 40.01 -29.92
C SER B 460 -11.65 39.75 -29.78
N GLY B 461 -12.31 40.60 -28.99
CA GLY B 461 -13.71 40.41 -28.71
C GLY B 461 -14.60 40.81 -29.87
N ARG B 462 -15.90 40.58 -29.69
CA ARG B 462 -16.92 40.90 -30.67
C ARG B 462 -17.72 42.09 -30.17
N ALA B 463 -17.94 43.06 -31.05
CA ALA B 463 -18.68 44.26 -30.66
C ALA B 463 -20.15 43.90 -30.45
N ARG B 464 -20.51 43.58 -29.21
CA ARG B 464 -21.80 43.00 -28.91
C ARG B 464 -22.36 43.64 -27.64
N PRO B 465 -23.68 43.64 -27.47
CA PRO B 465 -24.27 44.27 -26.28
C PRO B 465 -23.79 43.65 -24.98
N ARG B 466 -23.44 42.37 -24.97
CA ARG B 466 -22.98 41.71 -23.77
C ARG B 466 -21.64 41.04 -24.03
N VAL B 467 -20.89 40.81 -22.95
CA VAL B 467 -19.61 40.13 -23.00
C VAL B 467 -19.55 39.11 -21.87
N ARG B 468 -18.79 38.05 -22.10
CA ARG B 468 -18.56 37.08 -21.04
C ARG B 468 -17.47 37.58 -20.10
N THR B 469 -17.61 37.24 -18.82
CA THR B 469 -16.68 37.73 -17.81
C THR B 469 -15.27 37.19 -18.05
N THR B 470 -14.32 37.68 -17.26
CA THR B 470 -12.92 37.38 -17.47
C THR B 470 -12.64 35.89 -17.34
N PHE B 471 -12.81 35.33 -16.16
CA PHE B 471 -12.75 33.88 -15.97
C PHE B 471 -14.17 33.42 -15.64
N GLN B 472 -14.96 33.20 -16.69
CA GLN B 472 -16.35 32.81 -16.49
C GLN B 472 -16.48 31.34 -16.10
N VAL B 473 -15.71 30.48 -16.74
CA VAL B 473 -15.88 29.03 -16.55
C VAL B 473 -14.98 28.50 -15.44
N GLU B 474 -13.73 28.97 -15.37
CA GLU B 474 -12.84 28.50 -14.32
C GLU B 474 -13.38 28.86 -12.94
N LEU B 475 -13.88 30.09 -12.78
CA LEU B 475 -14.38 30.52 -11.49
C LEU B 475 -15.60 29.71 -11.07
N THR B 476 -16.52 29.46 -11.99
CA THR B 476 -17.72 28.68 -11.62
C THR B 476 -17.39 27.21 -11.40
N LEU B 477 -16.42 26.67 -12.13
CA LEU B 477 -15.99 25.30 -11.88
C LEU B 477 -15.38 25.16 -10.49
N LEU B 478 -14.52 26.11 -10.11
CA LEU B 478 -13.93 26.08 -8.77
C LEU B 478 -14.99 26.32 -7.70
N ARG B 479 -15.95 27.19 -7.97
CA ARG B 479 -17.02 27.46 -7.01
C ARG B 479 -17.90 26.22 -6.79
N ASN B 480 -18.19 25.49 -7.87
CA ASN B 480 -19.09 24.35 -7.76
C ASN B 480 -18.42 23.19 -7.02
N TYR B 481 -17.13 22.99 -7.25
CA TYR B 481 -16.40 21.88 -6.62
C TYR B 481 -15.88 22.22 -5.23
N GLY B 482 -16.11 23.44 -4.75
CA GLY B 482 -15.75 23.82 -3.40
C GLY B 482 -14.38 24.42 -3.22
N PHE B 483 -13.59 24.53 -4.29
CA PHE B 483 -12.25 25.09 -4.15
C PHE B 483 -12.26 26.61 -3.96
N VAL B 484 -13.38 27.27 -4.23
CA VAL B 484 -13.51 28.71 -4.03
C VAL B 484 -14.84 28.97 -3.35
N SER B 485 -14.84 29.87 -2.37
CA SER B 485 -16.05 30.14 -1.59
C SER B 485 -17.14 30.73 -2.48
N SER B 486 -18.39 30.43 -2.12
CA SER B 486 -19.53 30.87 -2.92
C SER B 486 -19.73 32.38 -2.86
N THR B 487 -19.29 33.03 -1.78
CA THR B 487 -19.48 34.48 -1.66
C THR B 487 -18.66 35.27 -2.66
N ARG B 488 -17.60 34.68 -3.21
CA ARG B 488 -16.72 35.26 -4.22
C ARG B 488 -16.42 36.74 -3.98
N HIS B 489 -16.27 37.14 -2.72
CA HIS B 489 -16.10 38.54 -2.39
C HIS B 489 -15.52 38.69 -1.00
N ARG B 490 -14.50 39.54 -0.88
CA ARG B 490 -14.01 39.99 0.41
C ARG B 490 -13.08 41.17 0.18
N LEU B 491 -13.08 42.11 1.13
CA LEU B 491 -12.34 43.35 0.95
C LEU B 491 -10.84 43.11 0.89
N GLY B 492 -10.32 42.20 1.71
CA GLY B 492 -8.88 42.03 1.83
C GLY B 492 -8.28 40.85 1.08
N VAL B 493 -9.08 39.84 0.76
CA VAL B 493 -8.53 38.60 0.21
C VAL B 493 -8.78 38.54 -1.30
N GLY B 494 -9.81 39.23 -1.78
CA GLY B 494 -10.14 39.16 -3.18
C GLY B 494 -11.02 37.97 -3.52
N ILE B 495 -10.41 36.90 -4.01
CA ILE B 495 -11.11 35.65 -4.29
C ILE B 495 -10.79 34.68 -3.16
N PRO B 496 -11.75 34.36 -2.28
CA PRO B 496 -11.44 33.48 -1.16
C PRO B 496 -11.29 32.01 -1.56
N ILE B 497 -10.06 31.52 -1.57
CA ILE B 497 -9.78 30.12 -1.91
C ILE B 497 -9.86 29.29 -0.64
N ASP B 498 -10.36 28.06 -0.78
CA ASP B 498 -10.45 27.11 0.33
C ASP B 498 -9.29 26.13 0.16
N TRP B 499 -8.22 26.34 0.93
CA TRP B 499 -7.02 25.54 0.78
C TRP B 499 -7.10 24.20 1.49
N GLU B 500 -8.07 24.02 2.39
CA GLU B 500 -8.25 22.71 3.02
C GLU B 500 -8.75 21.69 2.01
N GLN B 501 -9.65 22.09 1.12
CA GLN B 501 -10.15 21.18 0.09
C GLN B 501 -9.16 21.03 -1.06
N VAL B 502 -8.41 22.08 -1.38
CA VAL B 502 -7.41 21.99 -2.45
C VAL B 502 -6.31 21.01 -2.06
N VAL B 503 -5.85 21.06 -0.81
CA VAL B 503 -4.84 20.13 -0.33
C VAL B 503 -5.38 18.71 -0.34
N GLN B 504 -6.62 18.53 0.13
CA GLN B 504 -7.22 17.19 0.16
C GLN B 504 -7.37 16.62 -1.25
N ALA B 505 -7.73 17.45 -2.21
CA ALA B 505 -7.88 16.99 -3.59
C ALA B 505 -6.55 16.71 -4.27
N LEU B 506 -5.44 17.13 -3.67
CA LEU B 506 -4.12 16.88 -4.25
C LEU B 506 -3.48 15.59 -3.77
N ASN B 507 -4.10 14.89 -2.82
CA ASN B 507 -3.60 13.62 -2.33
C ASN B 507 -4.44 12.43 -2.81
N VAL B 508 -5.31 12.64 -3.79
CA VAL B 508 -6.17 11.57 -4.27
C VAL B 508 -5.37 10.49 -4.98
N ASP B 509 -4.25 10.87 -5.60
CA ASP B 509 -3.35 9.97 -6.33
C ASP B 509 -4.13 9.07 -7.29
N LEU B 510 -4.74 9.73 -8.26
CA LEU B 510 -5.51 9.10 -9.34
C LEU B 510 -4.84 7.85 -9.90
N GLY C 174 38.44 -7.87 -26.03
CA GLY C 174 38.23 -7.03 -24.86
C GLY C 174 38.08 -7.81 -23.58
N PRO C 175 39.20 -8.17 -22.95
CA PRO C 175 39.14 -8.94 -21.70
C PRO C 175 38.96 -8.02 -20.51
N LYS C 176 37.84 -8.17 -19.81
CA LYS C 176 37.55 -7.35 -18.63
C LYS C 176 36.50 -8.09 -17.81
N THR C 177 36.84 -8.41 -16.56
CA THR C 177 35.94 -9.18 -15.72
C THR C 177 34.61 -8.45 -15.55
N GLN C 178 33.52 -9.22 -15.59
CA GLN C 178 32.17 -8.67 -15.57
C GLN C 178 31.50 -8.82 -14.21
N TRP C 179 32.25 -8.67 -13.13
CA TRP C 179 31.66 -8.60 -11.80
C TRP C 179 32.63 -7.85 -10.88
N VAL C 180 32.13 -7.51 -9.69
CA VAL C 180 32.92 -6.72 -8.76
C VAL C 180 34.15 -7.52 -8.33
N HIS C 181 35.28 -6.82 -8.19
CA HIS C 181 36.53 -7.43 -7.80
C HIS C 181 36.65 -7.38 -6.29
N MET C 182 36.54 -8.54 -5.64
CA MET C 182 36.67 -8.66 -4.20
C MET C 182 37.83 -9.58 -3.86
N ARG C 183 38.17 -9.63 -2.57
CA ARG C 183 39.21 -10.50 -2.07
C ARG C 183 38.80 -11.01 -0.69
N GLU C 184 39.46 -12.09 -0.28
CA GLU C 184 38.99 -12.85 0.89
C GLU C 184 39.11 -12.04 2.18
N GLY C 185 40.28 -11.47 2.43
CA GLY C 185 40.51 -10.83 3.72
C GLY C 185 40.64 -9.33 3.68
N SER C 186 40.69 -8.74 2.48
CA SER C 186 40.87 -7.31 2.35
C SER C 186 39.53 -6.58 2.23
N THR C 187 38.73 -6.92 1.23
CA THR C 187 37.43 -6.29 1.02
C THR C 187 36.37 -6.99 1.88
N THR C 188 36.50 -6.78 3.19
CA THR C 188 35.53 -7.31 4.14
C THR C 188 34.49 -6.24 4.47
N ARG C 189 33.47 -6.65 5.23
CA ARG C 189 32.38 -5.73 5.54
C ARG C 189 32.85 -4.57 6.40
N ASP C 190 33.66 -4.85 7.42
CA ASP C 190 34.15 -3.78 8.28
C ASP C 190 35.12 -2.87 7.54
N ALA C 191 35.94 -3.42 6.65
CA ALA C 191 36.86 -2.61 5.88
C ALA C 191 36.15 -1.64 4.96
N PHE C 192 34.85 -1.84 4.71
CA PHE C 192 34.02 -0.89 4.01
C PHE C 192 33.25 0.03 4.94
N PHE C 193 32.72 -0.52 6.03
CA PHE C 193 31.95 0.28 6.98
C PHE C 193 32.82 1.38 7.59
N ARG C 194 34.00 1.02 8.09
CA ARG C 194 34.88 2.01 8.70
C ARG C 194 35.46 2.96 7.67
N PHE C 195 35.72 2.49 6.45
CA PHE C 195 36.19 3.37 5.40
C PHE C 195 35.15 4.45 5.08
N LEU C 196 33.88 4.04 4.95
CA LEU C 196 32.82 5.00 4.68
C LEU C 196 32.57 5.92 5.87
N GLN C 197 32.70 5.40 7.09
CA GLN C 197 32.57 6.25 8.27
C GLN C 197 33.66 7.32 8.30
N VAL C 198 34.90 6.94 7.98
CA VAL C 198 35.99 7.90 7.93
C VAL C 198 35.72 8.94 6.84
N ALA C 199 35.24 8.50 5.68
CA ALA C 199 34.94 9.43 4.60
C ALA C 199 33.86 10.43 5.03
N LYS C 200 32.80 9.93 5.68
CA LYS C 200 31.73 10.81 6.13
C LYS C 200 32.23 11.80 7.18
N ARG C 201 33.05 11.33 8.12
CA ARG C 201 33.57 12.22 9.15
C ARG C 201 34.50 13.28 8.56
N LEU C 202 35.36 12.89 7.62
CA LEU C 202 36.32 13.83 7.06
C LEU C 202 35.65 14.81 6.10
N SER C 203 34.57 14.40 5.44
CA SER C 203 33.87 15.31 4.54
C SER C 203 33.25 16.47 5.30
N ALA C 204 32.84 16.26 6.55
CA ALA C 204 32.25 17.29 7.37
C ALA C 204 33.28 18.15 8.08
N ASP C 205 34.57 17.86 7.91
CA ASP C 205 35.64 18.63 8.53
C ASP C 205 36.93 18.42 7.77
N PRO C 206 37.09 19.03 6.60
CA PRO C 206 38.34 18.82 5.82
C PRO C 206 39.59 19.27 6.55
N THR C 207 39.49 20.30 7.39
CA THR C 207 40.64 20.80 8.14
C THR C 207 40.81 19.94 9.38
N ALA C 208 41.52 18.83 9.21
CA ALA C 208 41.80 17.91 10.31
C ALA C 208 43.29 17.63 10.38
N PRO C 209 43.83 17.43 11.58
CA PRO C 209 45.27 17.18 11.71
C PRO C 209 45.68 15.87 11.04
N ARG C 210 46.87 15.87 10.46
CA ARG C 210 47.40 14.66 9.84
C ARG C 210 47.72 13.62 10.91
N PRO C 211 47.59 12.34 10.59
CA PRO C 211 47.96 11.30 11.56
C PRO C 211 49.45 11.36 11.89
N THR C 212 49.77 11.00 13.13
CA THR C 212 51.13 11.06 13.64
C THR C 212 51.73 9.66 13.71
N LEU C 213 52.92 9.51 13.16
CA LEU C 213 53.63 8.22 13.17
C LEU C 213 54.53 8.14 14.40
N ARG C 214 55.37 7.12 14.45
CA ARG C 214 56.37 7.01 15.50
C ARG C 214 57.58 7.88 15.15
N SER C 215 58.59 7.86 16.01
CA SER C 215 59.78 8.67 15.74
C SER C 215 60.71 7.97 14.75
N GLU C 216 61.25 6.83 15.14
CA GLU C 216 62.18 6.10 14.28
C GLU C 216 61.51 5.65 12.99
N LEU C 217 60.19 5.49 12.98
CA LEU C 217 59.49 5.16 11.75
C LEU C 217 59.67 6.26 10.71
N VAL C 218 59.69 7.51 11.15
CA VAL C 218 60.06 8.60 10.23
C VAL C 218 61.54 8.52 9.87
N ALA C 219 62.40 8.12 10.80
CA ALA C 219 63.82 7.99 10.48
C ALA C 219 64.08 6.87 9.48
N ALA C 220 63.42 5.71 9.66
CA ALA C 220 63.65 4.57 8.78
C ALA C 220 63.29 4.91 7.35
N ILE C 221 62.14 5.57 7.14
CA ILE C 221 61.78 6.04 5.81
C ILE C 221 62.85 6.97 5.26
N GLY C 222 63.39 7.83 6.12
CA GLY C 222 64.49 8.68 5.70
C GLY C 222 65.70 7.88 5.25
N ARG C 223 65.94 6.75 5.90
CA ARG C 223 66.98 5.84 5.42
C ARG C 223 66.56 5.18 4.11
N LEU C 224 65.28 4.83 3.99
CA LEU C 224 64.81 4.17 2.77
C LEU C 224 64.74 5.14 1.60
N ALA C 225 64.20 6.33 1.83
CA ALA C 225 64.08 7.35 0.79
C ALA C 225 64.62 8.68 1.30
N PRO C 226 65.26 9.46 0.44
CA PRO C 226 65.90 10.69 0.91
C PRO C 226 65.00 11.91 0.86
N GLY C 227 63.87 11.82 0.14
CA GLY C 227 63.00 12.98 -0.02
C GLY C 227 61.52 12.67 0.11
N ARG C 228 61.18 11.41 0.29
CA ARG C 228 59.78 11.03 0.36
C ARG C 228 59.15 11.49 1.66
N ASP C 229 57.87 11.89 1.58
CA ASP C 229 57.14 12.31 2.76
C ASP C 229 56.95 11.12 3.70
N PRO C 230 56.91 11.37 5.02
CA PRO C 230 56.78 10.25 5.97
C PRO C 230 55.39 9.64 6.02
N ILE C 231 54.40 10.24 5.37
CA ILE C 231 53.08 9.66 5.28
C ILE C 231 52.73 9.21 3.86
N GLU C 232 53.17 9.94 2.84
CA GLU C 232 52.93 9.54 1.46
C GLU C 232 53.75 8.34 1.04
N TYR C 233 54.72 7.91 1.85
CA TYR C 233 55.53 6.75 1.55
C TYR C 233 55.05 5.49 2.26
N ILE C 234 54.56 5.61 3.50
CA ILE C 234 54.03 4.46 4.23
C ILE C 234 52.65 4.03 3.74
N THR C 235 52.03 4.83 2.86
CA THR C 235 50.70 4.52 2.35
C THR C 235 50.68 4.28 0.85
N ASN C 236 51.81 4.42 0.16
CA ASN C 236 51.92 4.32 -1.29
C ASN C 236 51.07 5.36 -2.02
N THR C 237 50.57 6.37 -1.30
CA THR C 237 49.74 7.39 -1.91
C THR C 237 50.59 8.36 -2.73
N ALA C 238 49.92 9.15 -3.55
CA ALA C 238 50.57 10.18 -4.35
C ALA C 238 49.58 11.33 -4.56
N ASP C 239 50.14 12.50 -4.90
CA ASP C 239 49.37 13.71 -5.10
C ASP C 239 48.49 14.02 -3.89
N ASN C 240 47.31 14.58 -4.12
CA ASN C 240 46.41 14.94 -3.04
C ASN C 240 44.98 14.96 -3.58
N LYS C 241 44.07 14.35 -2.83
CA LYS C 241 42.67 14.28 -3.23
C LYS C 241 41.85 13.87 -2.01
N PHE C 242 40.53 13.96 -2.13
CA PHE C 242 39.66 13.52 -1.04
C PHE C 242 39.80 12.02 -0.81
N LEU C 243 39.89 11.24 -1.89
CA LEU C 243 40.04 9.79 -1.74
C LEU C 243 41.36 9.44 -1.07
N THR C 244 42.44 10.13 -1.44
CA THR C 244 43.72 9.88 -0.81
C THR C 244 43.68 10.20 0.67
N LYS C 245 43.02 11.30 1.05
CA LYS C 245 42.97 11.69 2.45
C LYS C 245 42.21 10.67 3.29
N VAL C 246 41.05 10.22 2.81
CA VAL C 246 40.28 9.24 3.58
C VAL C 246 41.01 7.92 3.63
N TRP C 247 41.68 7.54 2.54
CA TRP C 247 42.46 6.30 2.57
C TRP C 247 43.58 6.38 3.60
N GLN C 248 44.30 7.50 3.64
CA GLN C 248 45.38 7.65 4.61
C GLN C 248 44.85 7.61 6.04
N PHE C 249 43.73 8.31 6.28
CA PHE C 249 43.15 8.30 7.63
C PHE C 249 42.74 6.89 8.03
N PHE C 250 42.06 6.16 7.14
CA PHE C 250 41.64 4.80 7.45
C PHE C 250 42.84 3.89 7.68
N TRP C 251 43.86 3.99 6.83
CA TRP C 251 45.02 3.12 6.95
C TRP C 251 45.76 3.36 8.27
N LEU C 252 45.96 4.62 8.65
CA LEU C 252 46.70 4.91 9.86
C LEU C 252 45.84 4.86 11.12
N GLU C 253 44.53 4.78 11.01
CA GLU C 253 43.67 4.74 12.19
C GLU C 253 43.10 3.37 12.50
N TRP C 254 42.83 2.55 11.49
CA TRP C 254 42.16 1.27 11.69
C TRP C 254 43.02 0.06 11.35
N LEU C 255 43.84 0.13 10.31
CA LEU C 255 44.64 -1.01 9.89
C LEU C 255 46.08 -0.91 10.38
N ALA C 256 46.79 0.15 10.01
CA ALA C 256 48.16 0.36 10.46
C ALA C 256 48.17 1.23 11.73
N THR C 257 47.48 0.73 12.75
CA THR C 257 47.36 1.44 14.01
C THR C 257 48.74 1.54 14.69
N PRO C 258 48.92 2.52 15.57
CA PRO C 258 50.20 2.62 16.29
C PRO C 258 50.56 1.36 17.05
N ALA C 259 49.58 0.68 17.63
CA ALA C 259 49.86 -0.58 18.31
C ALA C 259 50.34 -1.65 17.33
N VAL C 260 49.73 -1.70 16.15
CA VAL C 260 50.12 -2.71 15.15
C VAL C 260 51.52 -2.41 14.62
N LEU C 261 51.85 -1.14 14.46
CA LEU C 261 53.12 -0.73 13.85
C LEU C 261 54.33 -1.00 14.73
N THR C 262 54.23 -1.68 15.88
CA THR C 262 55.40 -2.02 16.67
C THR C 262 55.91 -3.39 16.23
N PRO C 263 57.09 -3.49 15.63
CA PRO C 263 57.57 -4.80 15.14
C PRO C 263 57.90 -5.79 16.25
N TRP C 264 58.67 -5.36 17.25
CA TRP C 264 59.07 -6.24 18.35
C TRP C 264 58.70 -5.57 19.66
N LYS C 265 58.07 -6.33 20.55
CA LYS C 265 57.62 -5.78 21.83
C LYS C 265 57.88 -6.77 22.97
N LEU C 266 59.06 -7.39 22.97
CA LEU C 266 59.48 -8.21 24.10
C LEU C 266 60.70 -7.64 24.80
N GLU C 267 61.80 -7.44 24.08
CA GLU C 267 62.98 -6.72 24.57
C GLU C 267 63.45 -7.24 25.94
N ALA C 268 63.16 -8.50 26.26
CA ALA C 268 63.60 -9.06 27.54
C ALA C 268 64.89 -9.84 27.40
N GLY C 269 64.84 -10.98 26.70
CA GLY C 269 66.03 -11.74 26.39
C GLY C 269 66.02 -12.15 24.93
N VAL C 270 64.87 -11.96 24.28
CA VAL C 270 64.72 -12.24 22.87
C VAL C 270 63.55 -11.41 22.36
N TYR C 271 63.66 -10.93 21.13
CA TYR C 271 62.63 -10.08 20.53
C TYR C 271 61.55 -10.98 19.95
N SER C 272 60.35 -10.94 20.54
CA SER C 272 59.25 -11.76 20.09
C SER C 272 58.27 -10.94 19.26
N ALA C 273 57.13 -11.54 18.92
CA ALA C 273 56.08 -10.85 18.18
C ALA C 273 55.06 -10.27 19.16
N PRO C 274 54.71 -8.99 19.04
CA PRO C 274 53.74 -8.40 19.97
C PRO C 274 52.36 -9.04 19.90
N GLY C 275 51.99 -9.62 18.76
CA GLY C 275 50.65 -10.12 18.59
C GLY C 275 49.60 -9.02 18.57
N ALA C 276 49.90 -7.90 17.90
CA ALA C 276 48.99 -6.78 17.86
C ALA C 276 47.89 -7.01 16.85
N ARG C 277 46.65 -6.76 17.25
CA ARG C 277 45.48 -6.92 16.40
C ARG C 277 44.87 -5.56 16.10
N THR C 278 44.40 -5.38 14.87
CA THR C 278 43.85 -4.11 14.46
C THR C 278 42.45 -3.92 15.04
N ARG C 279 41.78 -2.85 14.62
CA ARG C 279 40.44 -2.53 15.07
C ARG C 279 39.37 -2.98 14.08
N ILE C 280 39.77 -3.71 13.05
CA ILE C 280 38.86 -4.19 12.01
C ILE C 280 38.45 -5.61 12.36
N LEU C 281 37.15 -5.82 12.55
CA LEU C 281 36.64 -7.15 12.87
C LEU C 281 36.72 -8.05 11.64
N ARG C 282 36.71 -9.35 11.90
CA ARG C 282 36.74 -10.35 10.84
C ARG C 282 35.33 -10.82 10.51
N GLU C 283 35.18 -11.40 9.32
CA GLU C 283 33.86 -11.79 8.84
C GLU C 283 33.21 -12.83 9.73
N ASP C 284 33.99 -13.83 10.17
CA ASP C 284 33.45 -14.83 11.08
C ASP C 284 33.18 -14.28 12.47
N GLY C 285 33.77 -13.14 12.81
CA GLY C 285 33.52 -12.50 14.08
C GLY C 285 34.24 -13.11 15.26
N THR C 286 35.13 -14.07 15.04
CA THR C 286 35.84 -14.69 16.15
C THR C 286 36.79 -13.71 16.83
N ASP C 287 37.49 -12.90 16.05
CA ASP C 287 38.46 -11.96 16.60
C ASP C 287 38.74 -10.88 15.55
N PHE C 288 39.52 -9.88 15.96
CA PHE C 288 39.89 -8.80 15.07
C PHE C 288 40.93 -9.28 14.06
N SER C 289 41.02 -8.54 12.95
CA SER C 289 41.97 -8.88 11.90
C SER C 289 43.40 -8.67 12.40
N GLN C 290 44.36 -9.07 11.57
CA GLN C 290 45.77 -9.01 11.95
C GLN C 290 46.67 -9.16 10.74
N LEU C 291 47.70 -8.30 10.64
CA LEU C 291 48.65 -8.33 9.54
C LEU C 291 50.06 -8.54 10.07
N TRP C 292 50.89 -9.15 9.23
CA TRP C 292 52.32 -9.34 9.46
C TRP C 292 52.61 -10.20 10.69
N GLU C 293 51.61 -10.88 11.23
CA GLU C 293 51.81 -11.75 12.39
C GLU C 293 50.75 -12.86 12.36
N GLY C 294 51.05 -13.93 13.08
CA GLY C 294 50.13 -15.05 13.23
C GLY C 294 50.66 -16.38 12.73
N ARG C 295 51.60 -16.36 11.79
CA ARG C 295 52.15 -17.59 11.24
C ARG C 295 53.67 -17.49 11.18
N VAL C 296 54.31 -18.64 11.00
CA VAL C 296 55.77 -18.70 11.03
C VAL C 296 56.36 -17.85 9.91
N ASN C 297 55.80 -17.96 8.70
CA ASN C 297 56.30 -17.22 7.55
C ASN C 297 55.57 -15.87 7.45
N SER C 298 55.86 -15.02 8.44
CA SER C 298 55.29 -13.68 8.50
C SER C 298 56.41 -12.66 8.53
N LEU C 299 56.03 -11.39 8.30
CA LEU C 299 57.02 -10.32 8.23
C LEU C 299 57.66 -10.05 9.58
N LYS C 300 56.85 -9.92 10.63
CA LYS C 300 57.39 -9.57 11.94
C LYS C 300 58.19 -10.72 12.54
N GLU C 301 57.70 -11.96 12.40
CA GLU C 301 58.41 -13.09 12.96
C GLU C 301 59.77 -13.27 12.30
N THR C 302 59.85 -13.11 10.99
CA THR C 302 61.14 -13.22 10.31
C THR C 302 62.12 -12.17 10.79
N ILE C 303 61.65 -10.92 10.92
CA ILE C 303 62.51 -9.84 11.37
C ILE C 303 63.01 -10.11 12.78
N ALA C 304 62.11 -10.55 13.67
CA ALA C 304 62.52 -10.89 15.03
C ALA C 304 63.53 -12.04 15.03
N GLY C 305 63.35 -13.01 14.12
CA GLY C 305 64.28 -14.11 14.04
C GLY C 305 65.68 -13.67 13.64
N MET C 306 65.78 -12.83 12.61
CA MET C 306 67.11 -12.39 12.21
C MET C 306 67.67 -11.32 13.12
N LEU C 307 66.84 -10.72 13.99
CA LEU C 307 67.34 -9.74 14.94
C LEU C 307 67.82 -10.39 16.23
N ASN C 308 67.21 -11.52 16.63
CA ASN C 308 67.72 -12.27 17.77
C ASN C 308 69.04 -12.95 17.43
N ARG C 309 69.19 -13.42 16.19
CA ARG C 309 70.41 -14.10 15.76
C ARG C 309 71.52 -13.15 15.35
N GLY C 310 71.26 -11.84 15.37
CA GLY C 310 72.27 -10.87 15.02
C GLY C 310 72.50 -10.67 13.54
N GLU C 311 71.62 -11.20 12.69
CA GLU C 311 71.77 -11.03 11.25
C GLU C 311 71.52 -9.60 10.80
N ILE C 312 70.75 -8.83 11.56
CA ILE C 312 70.44 -7.44 11.24
C ILE C 312 70.53 -6.61 12.51
N SER C 313 70.39 -5.30 12.35
CA SER C 313 70.41 -4.36 13.45
C SER C 313 69.01 -3.82 13.71
N GLU C 314 68.84 -3.18 14.86
CA GLU C 314 67.54 -2.59 15.20
C GLU C 314 67.13 -1.54 14.19
N ALA C 315 68.07 -0.68 13.79
CA ALA C 315 67.80 0.26 12.71
C ALA C 315 67.52 -0.48 11.41
N GLN C 316 68.29 -1.52 11.13
CA GLN C 316 68.05 -2.32 9.92
C GLN C 316 66.71 -3.04 10.01
N GLY C 317 66.33 -3.49 11.21
CA GLY C 317 65.02 -4.10 11.37
C GLY C 317 63.89 -3.13 11.13
N TRP C 318 64.02 -1.91 11.64
CA TRP C 318 63.01 -0.89 11.39
C TRP C 318 62.94 -0.53 9.91
N GLU C 319 64.09 -0.49 9.24
CA GLU C 319 64.11 -0.24 7.80
C GLU C 319 63.41 -1.36 7.04
N ALA C 320 63.69 -2.61 7.41
CA ALA C 320 63.08 -3.74 6.72
C ALA C 320 61.59 -3.86 6.98
N PHE C 321 61.13 -3.36 8.14
CA PHE C 321 59.70 -3.38 8.43
C PHE C 321 58.91 -2.50 7.47
N VAL C 322 59.57 -1.57 6.77
CA VAL C 322 58.89 -0.72 5.81
C VAL C 322 59.31 -1.01 4.36
N GLY C 323 60.45 -1.66 4.14
CA GLY C 323 60.89 -1.97 2.80
C GLY C 323 60.54 -3.39 2.37
N GLY C 324 60.74 -4.34 3.27
CA GLY C 324 60.48 -5.73 2.96
C GLY C 324 61.72 -6.51 2.61
N ILE C 325 61.89 -7.68 3.23
CA ILE C 325 63.06 -8.51 2.96
C ILE C 325 63.02 -9.00 1.52
N SER C 326 64.20 -9.27 0.96
CA SER C 326 64.31 -9.84 -0.37
C SER C 326 63.93 -11.31 -0.34
N ALA C 327 64.20 -12.03 -1.43
CA ALA C 327 63.82 -13.43 -1.51
C ALA C 327 64.43 -14.24 -0.36
N THR C 328 65.76 -14.35 -0.34
CA THR C 328 66.49 -15.08 0.71
C THR C 328 65.91 -16.48 0.92
N GLY C 329 65.36 -17.07 -0.14
CA GLY C 329 64.71 -18.36 -0.04
C GLY C 329 64.44 -18.98 -1.41
N GLY C 330 63.35 -19.72 -1.53
CA GLY C 330 63.06 -20.40 -2.76
C GLY C 330 62.62 -19.53 -3.93
N GLY C 331 61.40 -19.01 -3.87
CA GLY C 331 60.87 -18.29 -5.01
C GLY C 331 60.34 -16.88 -4.79
N GLN C 332 59.91 -16.56 -3.58
CA GLN C 332 59.14 -15.34 -3.35
C GLN C 332 59.79 -14.46 -2.30
N ASP C 333 59.37 -13.20 -2.28
CA ASP C 333 59.88 -12.19 -1.37
C ASP C 333 58.85 -11.88 -0.29
N LYS C 334 59.28 -11.13 0.71
CA LYS C 334 58.38 -10.61 1.73
C LYS C 334 57.90 -9.23 1.35
N GLN C 335 56.75 -8.84 1.92
CA GLN C 335 56.14 -7.56 1.67
C GLN C 335 56.13 -6.74 2.96
N GLY C 336 56.54 -5.49 2.87
CA GLY C 336 56.60 -4.62 4.03
C GLY C 336 55.25 -4.02 4.37
N VAL C 337 55.24 -2.72 4.67
CA VAL C 337 53.99 -2.02 4.99
C VAL C 337 53.55 -1.18 3.80
N ARG C 338 54.52 -0.67 3.03
CA ARG C 338 54.19 0.18 1.89
C ARG C 338 53.50 -0.61 0.79
N ALA C 339 54.10 -1.75 0.40
CA ALA C 339 53.52 -2.56 -0.67
C ALA C 339 52.20 -3.19 -0.24
N ARG C 340 52.13 -3.65 1.01
CA ARG C 340 50.86 -4.17 1.52
C ARG C 340 49.81 -3.08 1.56
N ALA C 341 50.21 -1.85 1.92
CA ALA C 341 49.27 -0.73 1.87
C ALA C 341 48.78 -0.49 0.46
N HIS C 342 49.68 -0.58 -0.54
CA HIS C 342 49.26 -0.41 -1.92
C HIS C 342 48.24 -1.46 -2.34
N SER C 343 48.51 -2.72 -2.00
CA SER C 343 47.61 -3.81 -2.36
C SER C 343 46.25 -3.64 -1.71
N TYR C 344 46.24 -3.36 -0.40
CA TYR C 344 44.98 -3.17 0.33
C TYR C 344 44.21 -1.98 -0.23
N ARG C 345 44.92 -0.88 -0.54
CA ARG C 345 44.27 0.31 -1.08
C ARG C 345 43.62 0.01 -2.41
N GLU C 346 44.35 -0.65 -3.32
CA GLU C 346 43.79 -0.94 -4.62
C GLU C 346 42.60 -1.88 -4.51
N ASP C 347 42.69 -2.90 -3.65
CA ASP C 347 41.58 -3.82 -3.47
C ASP C 347 40.34 -3.09 -2.98
N ILE C 348 40.47 -2.31 -1.91
CA ILE C 348 39.30 -1.63 -1.34
C ILE C 348 38.74 -0.60 -2.31
N ASP C 349 39.62 0.18 -2.95
CA ASP C 349 39.15 1.21 -3.87
C ASP C 349 38.40 0.59 -5.05
N SER C 350 38.94 -0.48 -5.62
CA SER C 350 38.25 -1.14 -6.73
C SER C 350 36.92 -1.73 -6.30
N ALA C 351 36.90 -2.42 -5.15
CA ALA C 351 35.67 -3.05 -4.70
C ALA C 351 34.61 -2.02 -4.29
N LEU C 352 35.01 -0.81 -3.93
CA LEU C 352 34.04 0.22 -3.58
C LEU C 352 33.59 1.03 -4.79
N ALA C 353 34.47 1.24 -5.77
CA ALA C 353 34.08 1.98 -6.96
C ALA C 353 33.25 1.12 -7.90
N GLN C 354 33.57 -0.17 -8.02
CA GLN C 354 32.77 -1.05 -8.87
C GLN C 354 31.38 -1.27 -8.30
N LEU C 355 31.24 -1.24 -6.97
CA LEU C 355 29.95 -1.40 -6.32
C LEU C 355 29.10 -0.13 -6.35
N ARG C 356 29.66 0.97 -6.88
CA ARG C 356 28.97 2.26 -6.93
C ARG C 356 28.51 2.70 -5.54
N TRP C 357 29.38 2.50 -4.55
CA TRP C 357 29.12 2.91 -3.18
C TRP C 357 29.77 4.24 -2.84
N ILE C 358 30.72 4.71 -3.65
CA ILE C 358 31.31 6.03 -3.52
C ILE C 358 31.30 6.69 -4.89
N GLU C 359 31.29 8.01 -4.89
CA GLU C 359 31.34 8.77 -6.14
C GLU C 359 32.74 8.76 -6.70
N ASP C 360 32.91 9.36 -7.89
CA ASP C 360 34.22 9.46 -8.49
C ASP C 360 35.17 10.30 -7.63
N ASP C 361 34.65 11.38 -7.05
CA ASP C 361 35.45 12.24 -6.18
C ASP C 361 35.70 11.64 -4.80
N GLY C 362 35.04 10.53 -4.47
CA GLY C 362 35.21 9.87 -3.19
C GLY C 362 34.08 10.07 -2.21
N LEU C 363 33.16 10.98 -2.48
CA LEU C 363 32.02 11.17 -1.58
C LEU C 363 31.10 9.94 -1.65
N PRO C 364 30.63 9.46 -0.51
CA PRO C 364 29.70 8.32 -0.53
C PRO C 364 28.39 8.68 -1.22
N THR C 365 27.78 7.68 -1.85
CA THR C 365 26.48 7.85 -2.48
C THR C 365 25.38 7.52 -1.47
N ASP C 366 24.13 7.46 -1.93
CA ASP C 366 23.03 7.14 -1.04
C ASP C 366 23.09 5.70 -0.56
N GLN C 367 23.57 4.78 -1.40
CA GLN C 367 23.68 3.39 -1.00
C GLN C 367 24.74 3.22 0.09
N GLY C 368 25.87 3.92 -0.03
CA GLY C 368 26.85 3.90 1.02
C GLY C 368 26.31 4.42 2.35
N TYR C 369 25.53 5.50 2.29
CA TYR C 369 24.92 6.02 3.51
C TYR C 369 23.89 5.06 4.08
N ARG C 370 23.15 4.34 3.22
CA ARG C 370 22.24 3.31 3.72
C ARG C 370 22.99 2.21 4.43
N PHE C 371 24.12 1.78 3.86
CA PHE C 371 24.95 0.75 4.49
C PHE C 371 25.45 1.24 5.85
N MET C 372 25.95 2.47 5.90
CA MET C 372 26.41 3.04 7.17
C MET C 372 25.28 3.10 8.18
N THR C 373 24.09 3.51 7.74
CA THR C 373 22.96 3.63 8.67
C THR C 373 22.59 2.29 9.26
N ILE C 374 22.47 1.25 8.43
CA ILE C 374 22.08 -0.05 8.95
C ILE C 374 23.19 -0.63 9.83
N CYS C 375 24.45 -0.42 9.46
CA CYS C 375 25.55 -0.92 10.28
C CYS C 375 25.57 -0.24 11.64
N GLU C 376 25.37 1.09 11.68
CA GLU C 376 25.40 1.82 12.93
C GLU C 376 24.15 1.58 13.77
N ARG C 377 23.04 1.21 13.13
CA ARG C 377 21.77 1.08 13.82
C ARG C 377 21.51 -0.33 14.33
N TYR C 378 21.95 -1.37 13.62
CA TYR C 378 21.57 -2.73 13.94
C TYR C 378 22.72 -3.56 14.51
N GLY C 379 23.83 -2.93 14.88
CA GLY C 379 24.88 -3.64 15.59
C GLY C 379 26.10 -4.04 14.78
N GLY C 380 26.59 -3.13 13.95
CA GLY C 380 27.83 -3.37 13.23
C GLY C 380 27.64 -4.11 11.93
N ALA C 381 28.76 -4.29 11.23
CA ALA C 381 28.73 -4.92 9.91
C ALA C 381 28.51 -6.42 9.98
N ASN C 382 28.64 -7.04 11.15
CA ASN C 382 28.44 -8.46 11.30
C ASN C 382 27.02 -8.84 11.69
N SER C 383 26.12 -7.86 11.77
CA SER C 383 24.73 -8.14 12.08
C SER C 383 24.01 -8.73 10.86
N ARG C 384 22.82 -9.26 11.11
CA ARG C 384 22.05 -9.89 10.03
C ARG C 384 21.66 -8.87 8.96
N ALA C 385 21.29 -7.66 9.37
CA ALA C 385 20.86 -6.66 8.40
C ALA C 385 22.00 -6.26 7.47
N ALA C 386 23.21 -6.07 8.03
CA ALA C 386 24.36 -5.71 7.20
C ALA C 386 24.72 -6.84 6.25
N ILE C 387 24.66 -8.09 6.72
CA ILE C 387 24.94 -9.24 5.86
C ILE C 387 23.92 -9.29 4.72
N ASP C 388 22.64 -9.09 5.03
CA ASP C 388 21.61 -9.12 3.99
C ASP C 388 21.83 -8.02 2.97
N TYR C 389 22.16 -6.80 3.43
CA TYR C 389 22.39 -5.71 2.50
C TYR C 389 23.62 -5.97 1.63
N MET C 390 24.69 -6.52 2.22
CA MET C 390 25.88 -6.83 1.45
C MET C 390 25.59 -7.88 0.39
N GLY C 391 24.85 -8.93 0.76
CA GLY C 391 24.48 -9.93 -0.23
C GLY C 391 23.60 -9.37 -1.33
N ALA C 392 22.65 -8.51 -0.97
CA ALA C 392 21.78 -7.91 -1.98
C ALA C 392 22.57 -7.02 -2.94
N THR C 393 23.47 -6.20 -2.42
CA THR C 393 24.24 -5.32 -3.29
C THR C 393 25.32 -6.07 -4.05
N LEU C 394 25.72 -7.26 -3.58
CA LEU C 394 26.61 -8.10 -4.36
C LEU C 394 25.87 -8.77 -5.52
N ILE C 395 24.65 -9.22 -5.28
CA ILE C 395 23.88 -9.87 -6.34
C ILE C 395 23.43 -8.85 -7.38
N GLN C 396 22.87 -7.73 -6.94
CA GLN C 396 22.28 -6.77 -7.87
C GLN C 396 23.31 -5.81 -8.44
N THR C 397 23.94 -5.00 -7.60
CA THR C 397 24.86 -3.97 -8.10
C THR C 397 26.11 -4.60 -8.69
N GLY C 398 26.73 -5.51 -7.95
CA GLY C 398 27.76 -6.35 -8.53
C GLY C 398 27.11 -7.40 -9.43
N ARG C 399 27.73 -7.65 -10.57
CA ARG C 399 27.13 -8.58 -11.50
C ARG C 399 27.43 -10.02 -11.12
N TYR C 400 27.15 -10.39 -9.87
CA TYR C 400 27.28 -11.77 -9.44
C TYR C 400 26.12 -12.62 -9.93
N ALA C 401 24.94 -12.01 -10.09
CA ALA C 401 23.80 -12.74 -10.65
C ALA C 401 24.08 -13.16 -12.09
N SER C 402 24.73 -12.29 -12.86
CA SER C 402 25.13 -12.67 -14.22
C SER C 402 26.10 -13.84 -14.19
N PHE C 403 27.04 -13.84 -13.26
CA PHE C 403 27.97 -14.95 -13.13
C PHE C 403 27.25 -16.23 -12.74
N LEU C 404 26.32 -16.13 -11.79
CA LEU C 404 25.54 -17.31 -11.40
C LEU C 404 24.70 -17.81 -12.56
N HIS C 405 24.09 -16.90 -13.32
CA HIS C 405 23.30 -17.32 -14.48
C HIS C 405 24.18 -18.01 -15.51
N TYR C 406 25.37 -17.46 -15.77
CA TYR C 406 26.29 -18.08 -16.73
C TYR C 406 26.66 -19.49 -16.30
N ILE C 407 27.08 -19.66 -15.04
CA ILE C 407 27.53 -20.97 -14.61
C ILE C 407 26.37 -21.96 -14.57
N ASN C 408 25.19 -21.51 -14.15
CA ASN C 408 24.03 -22.40 -14.14
C ASN C 408 23.64 -22.83 -15.54
N ARG C 409 23.61 -21.89 -16.49
CA ARG C 409 23.26 -22.22 -17.86
C ARG C 409 24.26 -23.20 -18.46
N LEU C 410 25.56 -22.98 -18.24
CA LEU C 410 26.55 -23.88 -18.80
C LEU C 410 26.51 -25.25 -18.13
N SER C 411 26.27 -25.29 -16.81
CA SER C 411 26.16 -26.56 -16.12
C SER C 411 24.98 -27.37 -16.62
N GLU C 412 23.82 -26.71 -16.80
CA GLU C 412 22.67 -27.42 -17.34
C GLU C 412 22.90 -27.86 -18.78
N ARG C 413 23.57 -27.03 -19.58
CA ARG C 413 23.88 -27.43 -20.95
C ARG C 413 24.76 -28.66 -20.99
N LYS C 414 25.77 -28.72 -20.10
CA LYS C 414 26.67 -29.87 -20.10
C LYS C 414 25.97 -31.12 -19.55
N PHE C 415 25.16 -30.97 -18.50
CA PHE C 415 24.56 -32.12 -17.85
C PHE C 415 23.28 -32.60 -18.52
N ALA C 416 22.72 -31.83 -19.45
CA ALA C 416 21.57 -32.33 -20.20
C ALA C 416 21.97 -33.45 -21.15
N GLU C 417 23.12 -33.32 -21.80
CA GLU C 417 23.62 -34.39 -22.66
C GLU C 417 23.92 -35.65 -21.86
N ASN C 418 24.52 -35.49 -20.69
CA ASN C 418 24.86 -36.62 -19.84
C ASN C 418 24.64 -36.25 -18.37
N PRO C 419 23.61 -36.79 -17.72
CA PRO C 419 23.39 -36.50 -16.30
C PRO C 419 24.41 -37.16 -15.38
N LEU C 420 25.35 -37.92 -15.92
CA LEU C 420 26.42 -38.56 -15.15
C LEU C 420 27.78 -38.12 -15.67
N ALA C 421 27.88 -36.87 -16.10
CA ALA C 421 29.12 -36.34 -16.64
C ALA C 421 30.18 -36.22 -15.55
N TYR C 422 31.43 -36.47 -15.93
CA TYR C 422 32.63 -36.37 -15.11
C TYR C 422 32.69 -37.41 -14.00
N THR C 423 31.66 -38.24 -13.84
CA THR C 423 31.63 -39.18 -12.72
C THR C 423 32.65 -40.30 -12.93
N LYS C 424 32.98 -40.97 -11.83
CA LYS C 424 33.93 -42.07 -11.81
C LYS C 424 33.34 -43.24 -11.04
N PRO C 425 33.75 -44.46 -11.37
CA PRO C 425 33.23 -45.63 -10.64
C PRO C 425 33.56 -45.56 -9.16
N GLY C 426 32.62 -46.01 -8.34
CA GLY C 426 32.77 -45.96 -6.91
C GLY C 426 33.01 -47.32 -6.30
N PRO C 427 32.55 -47.51 -5.06
CA PRO C 427 32.79 -48.79 -4.37
C PRO C 427 32.04 -49.95 -5.00
N GLY C 428 30.73 -49.79 -5.21
CA GLY C 428 29.93 -50.84 -5.81
C GLY C 428 29.70 -50.63 -7.29
N GLY C 429 30.52 -49.80 -7.91
CA GLY C 429 30.36 -49.45 -9.30
C GLY C 429 29.44 -48.27 -9.56
N MET C 430 28.77 -47.76 -8.52
CA MET C 430 27.93 -46.59 -8.68
C MET C 430 28.80 -45.36 -8.95
N PRO C 431 28.41 -44.50 -9.89
CA PRO C 431 29.20 -43.31 -10.16
C PRO C 431 29.21 -42.36 -8.97
N VAL C 432 30.33 -41.66 -8.80
CA VAL C 432 30.50 -40.70 -7.71
C VAL C 432 31.16 -39.45 -8.26
N PHE C 433 30.73 -38.30 -7.75
CA PHE C 433 31.31 -37.01 -8.13
C PHE C 433 32.48 -36.73 -7.18
N THR C 434 33.68 -37.11 -7.61
CA THR C 434 34.86 -36.95 -6.79
C THR C 434 35.41 -35.54 -6.91
N GLU C 435 36.46 -35.25 -6.13
CA GLU C 435 37.05 -33.91 -6.16
C GLU C 435 37.72 -33.62 -7.51
N GLU C 436 38.35 -34.63 -8.11
CA GLU C 436 38.96 -34.44 -9.42
C GLU C 436 37.92 -34.07 -10.47
N SER C 437 36.76 -34.73 -10.42
CA SER C 437 35.67 -34.39 -11.33
C SER C 437 35.21 -32.96 -11.11
N TYR C 438 35.11 -32.54 -9.85
CA TYR C 438 34.73 -31.16 -9.54
C TYR C 438 35.74 -30.18 -10.12
N TRP C 439 37.03 -30.49 -9.99
CA TRP C 439 38.05 -29.56 -10.47
C TRP C 439 38.06 -29.49 -11.99
N GLU C 440 37.89 -30.62 -12.69
CA GLU C 440 37.86 -30.55 -14.14
C GLU C 440 36.58 -29.89 -14.65
N TYR C 441 35.46 -30.08 -13.97
CA TYR C 441 34.23 -29.38 -14.32
C TYR C 441 34.39 -27.87 -14.15
N LEU C 442 35.00 -27.45 -13.03
CA LEU C 442 35.26 -26.03 -12.83
C LEU C 442 36.24 -25.48 -13.86
N GLN C 443 37.23 -26.28 -14.24
CA GLN C 443 38.18 -25.83 -15.26
C GLN C 443 37.50 -25.66 -16.60
N ASP C 444 36.59 -26.57 -16.96
CA ASP C 444 35.83 -26.41 -18.20
C ASP C 444 34.96 -25.16 -18.14
N LEU C 445 34.33 -24.90 -17.00
CA LEU C 445 33.54 -23.68 -16.85
C LEU C 445 34.42 -22.44 -17.02
N GLU C 446 35.62 -22.45 -16.42
CA GLU C 446 36.51 -21.32 -16.54
C GLU C 446 36.97 -21.11 -17.98
N THR C 447 37.28 -22.20 -18.68
CA THR C 447 37.68 -22.08 -20.08
C THR C 447 36.55 -21.51 -20.93
N LYS C 448 35.32 -21.96 -20.68
CA LYS C 448 34.18 -21.42 -21.42
C LYS C 448 33.97 -19.94 -21.12
N LEU C 449 34.13 -19.54 -19.86
CA LEU C 449 33.91 -18.13 -19.51
C LEU C 449 35.03 -17.24 -20.00
N THR C 450 36.25 -17.78 -20.16
CA THR C 450 37.39 -16.97 -20.53
C THR C 450 37.61 -16.93 -22.05
N ASP C 451 37.82 -18.09 -22.67
CA ASP C 451 38.22 -18.14 -24.07
C ASP C 451 37.03 -18.25 -25.03
N GLU C 452 35.81 -18.38 -24.52
CA GLU C 452 34.63 -18.49 -25.38
C GLU C 452 33.70 -17.29 -25.22
N LEU C 453 33.25 -17.00 -24.00
CA LEU C 453 32.39 -15.85 -23.78
C LEU C 453 33.17 -14.54 -23.62
N ARG C 454 34.49 -14.61 -23.43
CA ARG C 454 35.33 -13.44 -23.24
C ARG C 454 34.80 -12.55 -22.11
N VAL C 455 34.36 -13.18 -21.03
CA VAL C 455 33.83 -12.46 -19.89
C VAL C 455 34.90 -12.22 -18.83
N MET C 456 35.71 -13.25 -18.53
CA MET C 456 36.74 -13.15 -17.50
C MET C 456 38.04 -12.62 -18.10
N ARG C 457 38.97 -12.30 -17.21
CA ARG C 457 40.32 -11.91 -17.58
C ARG C 457 41.30 -12.81 -16.83
N LYS C 458 42.26 -13.36 -17.56
CA LYS C 458 43.20 -14.33 -16.99
C LYS C 458 44.64 -13.92 -17.32
N VAL C 459 45.56 -14.32 -16.46
CA VAL C 459 46.98 -14.02 -16.62
C VAL C 459 47.80 -15.26 -16.24
N SER C 460 49.11 -15.10 -16.30
CA SER C 460 50.02 -16.21 -15.99
C SER C 460 49.93 -16.58 -14.52
N GLY C 461 50.28 -17.83 -14.22
CA GLY C 461 50.20 -18.38 -12.89
C GLY C 461 51.43 -18.26 -12.03
N ARG C 462 52.47 -17.57 -12.51
CA ARG C 462 53.71 -17.29 -11.77
C ARG C 462 54.56 -18.54 -11.56
N ALA C 463 54.10 -19.72 -11.94
CA ALA C 463 54.87 -20.96 -11.84
C ALA C 463 55.33 -21.23 -10.40
N ARG C 464 54.35 -21.44 -9.53
CA ARG C 464 54.58 -21.68 -8.12
C ARG C 464 54.09 -23.07 -7.72
N PRO C 465 54.64 -23.65 -6.65
CA PRO C 465 54.20 -24.99 -6.24
C PRO C 465 52.71 -25.08 -5.95
N ARG C 466 52.12 -24.06 -5.33
CA ARG C 466 50.69 -24.02 -5.07
C ARG C 466 50.01 -23.16 -6.12
N VAL C 467 48.72 -23.41 -6.33
CA VAL C 467 47.90 -22.65 -7.26
C VAL C 467 46.55 -22.37 -6.61
N ARG C 468 46.07 -21.14 -6.71
CA ARG C 468 44.73 -20.83 -6.25
C ARG C 468 43.69 -21.55 -7.11
N THR C 469 42.60 -21.97 -6.48
CA THR C 469 41.56 -22.68 -7.20
C THR C 469 40.92 -21.78 -8.25
N THR C 470 40.07 -22.38 -9.09
CA THR C 470 39.53 -21.69 -10.25
C THR C 470 38.69 -20.48 -9.86
N PHE C 471 37.55 -20.69 -9.22
CA PHE C 471 36.73 -19.61 -8.70
C PHE C 471 36.90 -19.59 -7.19
N GLN C 472 37.95 -18.91 -6.73
CA GLN C 472 38.27 -18.93 -5.30
C GLN C 472 37.44 -17.90 -4.54
N VAL C 473 37.58 -16.63 -4.89
CA VAL C 473 36.88 -15.58 -4.17
C VAL C 473 35.39 -15.60 -4.48
N GLU C 474 35.03 -15.82 -5.75
CA GLU C 474 33.62 -15.78 -6.14
C GLU C 474 32.83 -16.88 -5.46
N LEU C 475 33.33 -18.12 -5.51
CA LEU C 475 32.62 -19.22 -4.88
C LEU C 475 32.61 -19.11 -3.37
N THR C 476 33.70 -18.59 -2.77
CA THR C 476 33.71 -18.38 -1.33
C THR C 476 32.63 -17.40 -0.90
N LEU C 477 32.48 -16.29 -1.64
CA LEU C 477 31.46 -15.31 -1.31
C LEU C 477 30.05 -15.87 -1.52
N LEU C 478 29.84 -16.55 -2.65
CA LEU C 478 28.52 -17.14 -2.90
C LEU C 478 28.20 -18.25 -1.90
N ARG C 479 29.21 -18.89 -1.33
CA ARG C 479 28.99 -19.95 -0.35
C ARG C 479 28.66 -19.37 1.02
N ASN C 480 29.46 -18.41 1.49
CA ASN C 480 29.25 -17.88 2.83
C ASN C 480 28.09 -16.90 2.90
N TYR C 481 27.67 -16.33 1.77
CA TYR C 481 26.48 -15.48 1.75
C TYR C 481 25.19 -16.26 1.57
N GLY C 482 25.27 -17.53 1.18
CA GLY C 482 24.10 -18.40 1.11
C GLY C 482 23.55 -18.66 -0.27
N PHE C 483 24.17 -18.11 -1.32
CA PHE C 483 23.69 -18.35 -2.68
C PHE C 483 24.19 -19.67 -3.27
N VAL C 484 25.07 -20.36 -2.58
CA VAL C 484 25.54 -21.68 -2.98
C VAL C 484 25.62 -22.54 -1.73
N SER C 485 25.17 -23.79 -1.84
CA SER C 485 25.12 -24.67 -0.68
C SER C 485 26.52 -24.93 -0.14
N SER C 486 26.58 -25.23 1.17
CA SER C 486 27.86 -25.48 1.82
C SER C 486 28.57 -26.67 1.19
N THR C 487 27.83 -27.73 0.88
CA THR C 487 28.37 -28.84 0.10
C THR C 487 28.66 -28.32 -1.31
N ARG C 488 29.94 -28.18 -1.63
CA ARG C 488 30.35 -27.39 -2.80
C ARG C 488 30.02 -28.04 -4.13
N HIS C 489 29.61 -29.31 -4.15
CA HIS C 489 29.28 -29.96 -5.41
C HIS C 489 28.28 -31.08 -5.17
N ARG C 490 27.61 -31.48 -6.25
CA ARG C 490 26.68 -32.61 -6.23
C ARG C 490 26.83 -33.39 -7.52
N LEU C 491 26.02 -34.44 -7.66
CA LEU C 491 26.23 -35.42 -8.72
C LEU C 491 25.83 -34.86 -10.09
N GLY C 492 24.56 -34.54 -10.26
CA GLY C 492 24.04 -34.16 -11.56
C GLY C 492 23.84 -32.69 -11.80
N VAL C 493 24.16 -31.82 -10.84
CA VAL C 493 23.94 -30.39 -10.97
C VAL C 493 25.24 -29.60 -11.03
N GLY C 494 26.34 -30.14 -10.50
CA GLY C 494 27.56 -29.37 -10.42
C GLY C 494 27.62 -28.54 -9.16
N ILE C 495 27.45 -27.24 -9.28
CA ILE C 495 27.39 -26.33 -8.13
C ILE C 495 25.94 -26.21 -7.70
N PRO C 496 25.58 -26.60 -6.49
CA PRO C 496 24.17 -26.54 -6.03
C PRO C 496 23.71 -25.13 -5.65
N ILE C 497 23.34 -24.36 -6.67
CA ILE C 497 22.87 -23.00 -6.44
C ILE C 497 21.52 -23.03 -5.75
N ASP C 498 21.37 -22.23 -4.72
CA ASP C 498 20.10 -22.08 -4.01
C ASP C 498 19.37 -20.88 -4.62
N TRP C 499 18.28 -21.16 -5.32
CA TRP C 499 17.59 -20.13 -6.08
C TRP C 499 16.53 -19.39 -5.29
N GLU C 500 16.05 -19.96 -4.18
CA GLU C 500 15.10 -19.24 -3.34
C GLU C 500 15.73 -17.99 -2.75
N GLN C 501 16.91 -18.13 -2.16
CA GLN C 501 17.61 -16.98 -1.59
C GLN C 501 18.05 -16.01 -2.66
N VAL C 502 18.52 -16.51 -3.81
CA VAL C 502 18.95 -15.63 -4.89
C VAL C 502 17.76 -14.80 -5.40
N VAL C 503 16.61 -15.44 -5.59
CA VAL C 503 15.43 -14.72 -6.04
C VAL C 503 14.98 -13.71 -5.00
N GLN C 504 14.99 -14.11 -3.72
CA GLN C 504 14.56 -13.19 -2.67
C GLN C 504 15.48 -11.97 -2.58
N ALA C 505 16.78 -12.18 -2.73
CA ALA C 505 17.73 -11.07 -2.71
C ALA C 505 17.75 -10.28 -4.01
N LEU C 506 17.17 -10.82 -5.09
CA LEU C 506 17.14 -10.09 -6.35
C LEU C 506 16.05 -9.03 -6.39
N ASN C 507 15.07 -9.10 -5.50
CA ASN C 507 14.06 -8.05 -5.38
C ASN C 507 14.30 -7.35 -4.03
N VAL C 508 15.23 -6.40 -4.05
CA VAL C 508 15.58 -5.60 -2.87
C VAL C 508 16.09 -4.26 -3.36
N ASP C 509 15.56 -3.18 -2.77
CA ASP C 509 15.96 -1.83 -3.15
C ASP C 509 17.34 -1.55 -2.55
N LEU C 510 18.37 -1.95 -3.28
CA LEU C 510 19.75 -1.77 -2.83
C LEU C 510 20.15 -0.30 -2.90
N PRO D 2 -35.08 -17.35 -10.94
CA PRO D 2 -33.91 -17.66 -10.11
C PRO D 2 -34.31 -18.19 -8.74
N TYR D 3 -33.34 -18.29 -7.84
CA TYR D 3 -33.63 -18.68 -6.47
C TYR D 3 -34.49 -17.61 -5.81
N ASP D 4 -35.54 -18.05 -5.11
CA ASP D 4 -36.45 -17.10 -4.46
C ASP D 4 -35.78 -16.33 -3.34
N HIS D 5 -34.62 -16.78 -2.86
CA HIS D 5 -33.87 -16.10 -1.81
C HIS D 5 -32.74 -15.25 -2.35
N ASN D 6 -31.98 -15.77 -3.32
CA ASN D 6 -30.85 -15.03 -3.87
C ASN D 6 -31.29 -13.90 -4.79
N ALA D 7 -32.52 -13.93 -5.29
CA ALA D 7 -33.02 -12.84 -6.11
C ALA D 7 -33.33 -11.61 -5.27
N GLU D 8 -33.96 -11.82 -4.11
CA GLU D 8 -34.34 -10.70 -3.24
C GLU D 8 -33.16 -10.13 -2.47
N ALA D 9 -32.08 -10.89 -2.29
CA ALA D 9 -30.92 -10.39 -1.56
C ALA D 9 -30.28 -9.22 -2.30
N ASP D 10 -30.15 -9.32 -3.62
CA ASP D 10 -29.57 -8.23 -4.40
C ASP D 10 -30.45 -6.99 -4.35
N PHE D 11 -31.77 -7.17 -4.44
CA PHE D 11 -32.67 -6.04 -4.35
C PHE D 11 -32.60 -5.36 -2.99
N ALA D 12 -32.54 -6.16 -1.92
CA ALA D 12 -32.41 -5.60 -0.58
C ALA D 12 -31.10 -4.86 -0.42
N ALA D 13 -30.01 -5.40 -0.98
CA ALA D 13 -28.72 -4.72 -0.91
C ALA D 13 -28.76 -3.38 -1.65
N SER D 14 -29.37 -3.36 -2.83
CA SER D 14 -29.49 -2.10 -3.57
C SER D 14 -30.33 -1.08 -2.82
N GLU D 15 -31.44 -1.53 -2.22
CA GLU D 15 -32.28 -0.62 -1.47
C GLU D 15 -31.55 -0.08 -0.25
N VAL D 16 -30.79 -0.93 0.45
CA VAL D 16 -30.06 -0.49 1.62
C VAL D 16 -28.96 0.50 1.22
N ALA D 17 -28.29 0.26 0.09
CA ALA D 17 -27.29 1.20 -0.39
C ALA D 17 -27.92 2.54 -0.72
N ARG D 18 -29.07 2.53 -1.39
CA ARG D 18 -29.76 3.78 -1.69
C ARG D 18 -30.17 4.52 -0.41
N MET D 19 -30.65 3.78 0.59
CA MET D 19 -31.04 4.39 1.85
C MET D 19 -29.84 5.01 2.55
N LEU D 20 -28.70 4.32 2.52
CA LEU D 20 -27.50 4.88 3.14
C LEU D 20 -27.02 6.13 2.41
N VAL D 21 -27.13 6.15 1.09
CA VAL D 21 -26.78 7.35 0.33
C VAL D 21 -27.71 8.49 0.70
N ALA D 22 -29.02 8.21 0.80
CA ALA D 22 -29.99 9.26 1.11
C ALA D 22 -29.76 9.84 2.50
N ASP D 23 -29.49 9.00 3.48
CA ASP D 23 -29.27 9.44 4.87
C ASP D 23 -27.91 8.94 5.30
N PRO D 24 -26.86 9.77 5.24
CA PRO D 24 -25.53 9.30 5.65
C PRO D 24 -25.43 8.95 7.12
N GLY D 25 -26.35 9.42 7.96
CA GLY D 25 -26.31 9.14 9.39
C GLY D 25 -26.76 7.76 9.78
N LEU D 26 -27.26 6.96 8.84
CA LEU D 26 -27.65 5.60 9.15
C LEU D 26 -26.45 4.75 9.55
N CYS D 27 -25.33 4.90 8.85
CA CYS D 27 -24.13 4.12 9.12
C CYS D 27 -23.03 4.90 9.83
N TYR D 28 -23.22 6.20 10.05
CA TYR D 28 -22.23 7.03 10.72
C TYR D 28 -22.79 7.57 12.02
N ASP D 29 -21.97 8.36 12.72
CA ASP D 29 -22.35 8.98 13.98
C ASP D 29 -22.64 10.46 13.77
N ALA D 30 -23.37 11.03 14.74
CA ALA D 30 -23.74 12.45 14.64
C ALA D 30 -22.52 13.35 14.68
N ALA D 31 -21.55 13.03 15.55
CA ALA D 31 -20.35 13.86 15.66
C ALA D 31 -19.52 13.82 14.38
N SER D 32 -19.36 12.64 13.79
CA SER D 32 -18.51 12.43 12.63
C SER D 32 -19.34 12.23 11.36
N LEU D 33 -20.43 12.96 11.23
CA LEU D 33 -21.32 12.79 10.09
C LEU D 33 -20.66 13.34 8.82
N PRO D 34 -20.47 12.52 7.79
CA PRO D 34 -19.90 13.04 6.54
C PRO D 34 -20.93 13.88 5.78
N ALA D 35 -20.41 14.75 4.92
CA ALA D 35 -21.28 15.60 4.11
C ALA D 35 -22.19 14.75 3.22
N SER D 36 -21.61 13.78 2.52
CA SER D 36 -22.37 12.86 1.70
C SER D 36 -21.47 11.68 1.34
N ILE D 37 -22.11 10.54 1.05
CA ILE D 37 -21.41 9.29 0.75
C ILE D 37 -22.03 8.67 -0.48
N SER D 38 -21.29 7.75 -1.10
CA SER D 38 -21.77 6.96 -2.23
C SER D 38 -21.67 5.48 -1.88
N ALA D 39 -22.78 4.76 -2.04
CA ALA D 39 -22.85 3.36 -1.65
C ALA D 39 -23.29 2.52 -2.83
N SER D 40 -22.69 1.34 -2.96
CA SER D 40 -23.04 0.37 -3.97
C SER D 40 -23.25 -0.98 -3.32
N ALA D 41 -23.76 -1.94 -4.09
CA ALA D 41 -23.96 -3.30 -3.63
C ALA D 41 -22.94 -4.21 -4.29
N SER D 42 -22.44 -5.19 -3.53
CA SER D 42 -21.46 -6.13 -4.03
C SER D 42 -21.63 -7.44 -3.28
N TYR D 43 -20.76 -8.39 -3.61
CA TYR D 43 -20.86 -9.75 -3.09
C TYR D 43 -19.50 -10.19 -2.55
N GLU D 44 -19.54 -11.12 -1.61
CA GLU D 44 -18.30 -11.66 -1.06
C GLU D 44 -17.53 -12.41 -2.14
N PRO D 45 -16.20 -12.28 -2.16
CA PRO D 45 -15.41 -13.09 -3.09
C PRO D 45 -15.55 -14.58 -2.77
N SER D 46 -15.41 -15.40 -3.82
CA SER D 46 -15.65 -16.83 -3.67
C SER D 46 -14.67 -17.45 -2.68
N ALA D 47 -13.39 -17.09 -2.78
CA ALA D 47 -12.36 -17.63 -1.90
C ALA D 47 -12.08 -16.68 -0.74
N ALA D 48 -13.05 -16.61 0.18
CA ALA D 48 -12.91 -15.76 1.36
C ALA D 48 -13.76 -16.35 2.48
N GLY D 49 -13.11 -17.12 3.35
CA GLY D 49 -13.73 -17.57 4.59
C GLY D 49 -14.89 -18.53 4.45
N TRP D 50 -15.24 -19.18 5.55
CA TRP D 50 -16.43 -20.03 5.61
C TRP D 50 -17.70 -19.20 5.72
N PRO D 51 -17.82 -18.26 6.70
CA PRO D 51 -19.10 -17.54 6.84
C PRO D 51 -19.40 -16.68 5.62
N LYS D 52 -20.43 -17.06 4.88
CA LYS D 52 -20.80 -16.38 3.64
C LYS D 52 -22.07 -15.58 3.87
N ALA D 53 -22.00 -14.28 3.61
CA ALA D 53 -23.15 -13.40 3.74
C ALA D 53 -23.88 -13.28 2.40
N ASP D 54 -25.14 -12.83 2.48
CA ASP D 54 -25.96 -12.67 1.29
C ASP D 54 -25.49 -11.51 0.41
N GLY D 55 -24.56 -10.70 0.88
CA GLY D 55 -24.08 -9.56 0.13
C GLY D 55 -23.51 -8.52 1.07
N LEU D 56 -22.83 -7.54 0.47
CA LEU D 56 -22.23 -6.48 1.26
C LEU D 56 -22.40 -5.13 0.56
N VAL D 57 -22.73 -4.11 1.34
CA VAL D 57 -22.85 -2.75 0.83
C VAL D 57 -21.50 -2.06 0.99
N SER D 58 -20.95 -1.59 -0.12
CA SER D 58 -19.68 -0.86 -0.09
C SER D 58 -19.95 0.63 -0.01
N VAL D 59 -19.30 1.29 0.94
CA VAL D 59 -19.52 2.70 1.23
C VAL D 59 -18.24 3.46 0.97
N LEU D 60 -18.33 4.58 0.25
CA LEU D 60 -17.20 5.45 -0.04
C LEU D 60 -17.59 6.87 0.32
N GLU D 61 -16.92 7.43 1.32
CA GLU D 61 -17.25 8.76 1.81
C GLU D 61 -16.43 9.82 1.07
N GLY D 62 -16.45 11.05 1.58
CA GLY D 62 -15.76 12.16 0.93
C GLY D 62 -14.26 12.05 0.91
N GLY D 63 -13.67 11.13 1.68
CA GLY D 63 -12.23 10.93 1.65
C GLY D 63 -11.72 10.20 0.43
N THR D 64 -12.62 9.57 -0.34
CA THR D 64 -12.28 8.91 -1.60
C THR D 64 -11.34 7.73 -1.42
N SER D 65 -11.03 7.39 -0.17
CA SER D 65 -10.16 6.25 0.13
C SER D 65 -10.68 5.35 1.24
N THR D 66 -11.55 5.84 2.12
CA THR D 66 -12.06 5.03 3.23
C THR D 66 -13.26 4.20 2.75
N GLN D 67 -12.95 3.18 1.96
CA GLN D 67 -13.97 2.25 1.50
C GLN D 67 -14.26 1.22 2.59
N ARG D 68 -15.55 1.03 2.88
CA ARG D 68 -15.99 0.12 3.93
C ARG D 68 -16.83 -1.00 3.33
N ALA D 69 -17.39 -1.83 4.20
CA ALA D 69 -18.21 -2.95 3.76
C ALA D 69 -19.18 -3.31 4.88
N ILE D 70 -20.44 -3.54 4.52
CA ILE D 70 -21.49 -3.87 5.46
C ILE D 70 -22.05 -5.23 5.03
N ALA D 71 -21.56 -6.30 5.65
CA ALA D 71 -22.01 -7.64 5.29
C ALA D 71 -23.48 -7.80 5.67
N LEU D 72 -24.32 -8.05 4.67
CA LEU D 72 -25.75 -8.16 4.88
C LEU D 72 -26.13 -9.55 5.33
N GLU D 73 -27.34 -9.67 5.87
CA GLU D 73 -27.92 -10.98 6.20
C GLU D 73 -29.43 -10.86 5.99
N TYR D 74 -29.88 -11.21 4.79
CA TYR D 74 -31.29 -11.15 4.44
C TYR D 74 -32.02 -12.37 5.02
N LYS D 75 -33.24 -12.14 5.51
CA LYS D 75 -34.06 -13.20 6.06
C LYS D 75 -35.45 -13.16 5.43
N ARG D 76 -36.08 -14.33 5.38
CA ARG D 76 -37.39 -14.48 4.77
C ARG D 76 -38.40 -15.01 5.77
N PRO D 77 -39.68 -14.72 5.59
CA PRO D 77 -40.69 -15.27 6.51
C PRO D 77 -40.83 -16.78 6.45
N GLN D 78 -40.33 -17.42 5.40
CA GLN D 78 -40.47 -18.86 5.27
C GLN D 78 -39.74 -19.59 6.40
N GLU D 79 -38.55 -19.13 6.77
CA GLU D 79 -37.81 -19.78 7.84
C GLU D 79 -38.29 -19.29 9.20
N GLY D 80 -39.61 -19.30 9.40
CA GLY D 80 -40.25 -19.02 10.68
C GLY D 80 -39.71 -17.82 11.45
N ILE D 81 -39.79 -17.92 12.77
CA ILE D 81 -39.23 -16.91 13.66
C ILE D 81 -37.87 -17.33 14.20
N HIS D 82 -37.50 -18.61 14.06
CA HIS D 82 -36.23 -19.10 14.55
C HIS D 82 -35.04 -18.46 13.84
N GLY D 83 -35.27 -17.82 12.70
CA GLY D 83 -34.18 -17.24 11.93
C GLY D 83 -33.57 -16.00 12.53
N LEU D 84 -34.20 -15.39 13.53
CA LEU D 84 -33.63 -14.20 14.16
C LEU D 84 -32.33 -14.53 14.89
N LEU D 85 -32.34 -15.61 15.67
CA LEU D 85 -31.14 -16.02 16.39
C LEU D 85 -30.02 -16.40 15.43
N THR D 86 -30.36 -17.11 14.36
CA THR D 86 -29.36 -17.45 13.35
C THR D 86 -28.80 -16.19 12.70
N ALA D 87 -29.67 -15.20 12.42
CA ALA D 87 -29.21 -13.96 11.83
C ALA D 87 -28.24 -13.24 12.74
N ILE D 88 -28.54 -13.21 14.05
CA ILE D 88 -27.61 -12.61 15.01
C ILE D 88 -26.28 -13.34 15.01
N GLY D 89 -26.33 -14.68 14.99
CA GLY D 89 -25.11 -15.46 15.00
C GLY D 89 -24.23 -15.19 13.79
N GLN D 90 -24.82 -15.22 12.60
CA GLN D 90 -24.00 -14.94 11.41
C GLN D 90 -23.58 -13.47 11.34
N ALA D 91 -24.35 -12.56 11.94
CA ALA D 91 -23.91 -11.17 12.01
C ALA D 91 -22.63 -11.05 12.83
N HIS D 92 -22.60 -11.72 13.99
CA HIS D 92 -21.37 -11.77 14.77
C HIS D 92 -20.25 -12.47 13.99
N GLY D 93 -20.61 -13.48 13.20
CA GLY D 93 -19.61 -14.15 12.38
C GLY D 93 -18.99 -13.23 11.35
N TYR D 94 -19.80 -12.43 10.66
CA TYR D 94 -19.26 -11.48 9.69
C TYR D 94 -18.45 -10.39 10.38
N LEU D 95 -18.86 -9.99 11.59
CA LEU D 95 -18.05 -9.05 12.35
C LEU D 95 -16.68 -9.63 12.66
N HIS D 96 -16.64 -10.92 13.02
CA HIS D 96 -15.35 -11.57 13.24
C HIS D 96 -14.56 -11.72 11.95
N LYS D 97 -15.25 -11.84 10.81
CA LYS D 97 -14.57 -12.03 9.53
C LYS D 97 -13.69 -10.84 9.16
N GLY D 98 -13.90 -9.68 9.78
CA GLY D 98 -13.11 -8.51 9.46
C GLY D 98 -13.90 -7.47 8.69
N TYR D 99 -15.19 -7.33 9.02
CA TYR D 99 -16.07 -6.38 8.35
C TYR D 99 -16.44 -5.26 9.31
N SER D 100 -16.49 -4.04 8.77
CA SER D 100 -16.78 -2.87 9.60
C SER D 100 -18.19 -2.94 10.18
N GLY D 101 -19.16 -3.38 9.39
CA GLY D 101 -20.54 -3.44 9.83
C GLY D 101 -21.20 -4.74 9.43
N ALA D 102 -22.44 -4.91 9.90
CA ALA D 102 -23.26 -6.06 9.55
C ALA D 102 -24.71 -5.66 9.71
N ALA D 103 -25.50 -5.80 8.64
CA ALA D 103 -26.87 -5.30 8.62
C ALA D 103 -27.83 -6.47 8.47
N ILE D 104 -28.63 -6.70 9.51
CA ILE D 104 -29.75 -7.64 9.42
C ILE D 104 -30.88 -6.98 8.65
N VAL D 105 -31.54 -7.75 7.80
CA VAL D 105 -32.52 -7.21 6.84
C VAL D 105 -33.87 -7.88 7.07
N ILE D 106 -34.22 -8.11 8.33
CA ILE D 106 -35.32 -9.00 8.69
C ILE D 106 -36.68 -8.45 8.25
N PRO D 107 -37.68 -9.31 8.06
CA PRO D 107 -39.04 -8.81 7.84
C PRO D 107 -39.62 -8.17 9.08
N GLY D 108 -40.55 -7.24 8.85
CA GLY D 108 -41.21 -6.56 9.94
C GLY D 108 -42.45 -7.25 10.51
N ARG D 109 -42.95 -8.26 9.83
CA ARG D 109 -44.18 -8.95 10.24
C ARG D 109 -43.92 -10.43 10.37
N TYR D 110 -44.26 -10.99 11.54
CA TYR D 110 -44.15 -12.42 11.80
C TYR D 110 -45.43 -12.91 12.45
N SER D 111 -45.72 -14.20 12.26
CA SER D 111 -46.95 -14.78 12.78
C SER D 111 -46.97 -14.76 14.31
N SER D 112 -45.85 -15.10 14.94
CA SER D 112 -45.81 -15.19 16.40
C SER D 112 -46.08 -13.83 17.04
N HIS D 113 -45.17 -12.88 16.82
CA HIS D 113 -45.32 -11.53 17.35
C HIS D 113 -45.02 -10.52 16.27
N PRO D 114 -45.68 -9.36 16.30
CA PRO D 114 -45.47 -8.34 15.26
C PRO D 114 -44.31 -7.39 15.52
N THR D 115 -43.42 -7.68 16.45
CA THR D 115 -42.28 -6.80 16.77
C THR D 115 -40.99 -7.62 16.73
N PRO D 116 -40.54 -8.02 15.53
CA PRO D 116 -39.26 -8.73 15.43
C PRO D 116 -38.07 -7.80 15.57
N ALA D 117 -38.13 -6.63 14.92
CA ALA D 117 -37.01 -5.70 14.94
C ALA D 117 -36.78 -5.15 16.34
N GLU D 118 -37.84 -4.86 17.08
CA GLU D 118 -37.70 -4.37 18.45
C GLU D 118 -37.02 -5.42 19.33
N TYR D 119 -37.43 -6.69 19.18
CA TYR D 119 -36.78 -7.75 19.94
C TYR D 119 -35.31 -7.89 19.56
N VAL D 120 -35.00 -7.78 18.27
CA VAL D 120 -33.61 -7.90 17.82
C VAL D 120 -32.77 -6.80 18.43
N ARG D 121 -33.29 -5.55 18.41
CA ARG D 121 -32.56 -4.45 19.03
C ARG D 121 -32.38 -4.67 20.52
N ASP D 122 -33.45 -5.11 21.20
CA ASP D 122 -33.37 -5.30 22.64
C ASP D 122 -32.34 -6.36 23.00
N VAL D 123 -32.24 -7.42 22.19
CA VAL D 123 -31.20 -8.43 22.42
C VAL D 123 -29.82 -7.84 22.14
N LEU D 124 -29.70 -7.07 21.05
CA LEU D 124 -28.39 -6.54 20.67
C LEU D 124 -27.92 -5.46 21.64
N ASN D 125 -28.82 -4.57 22.06
CA ASN D 125 -28.42 -3.42 22.87
C ASN D 125 -28.21 -3.75 24.34
N ALA D 126 -28.64 -4.93 24.78
CA ALA D 126 -28.52 -5.30 26.18
C ALA D 126 -27.46 -6.36 26.45
N ILE D 127 -27.15 -7.20 25.46
CA ILE D 127 -26.22 -8.32 25.64
C ILE D 127 -25.08 -8.24 24.64
N SER D 128 -25.40 -8.10 23.35
CA SER D 128 -24.37 -8.10 22.32
C SER D 128 -23.40 -6.93 22.50
N GLY D 129 -23.93 -5.76 22.84
CA GLY D 129 -23.09 -4.60 23.08
C GLY D 129 -22.25 -4.17 21.89
N SER D 130 -22.67 -4.50 20.68
CA SER D 130 -21.96 -4.13 19.47
C SER D 130 -22.78 -3.07 18.74
N ARG D 131 -22.15 -1.93 18.48
CA ARG D 131 -22.81 -0.82 17.80
C ARG D 131 -22.67 -0.89 16.29
N ALA D 132 -22.01 -1.92 15.76
CA ALA D 132 -21.80 -2.07 14.32
C ALA D 132 -22.85 -2.96 13.66
N ILE D 133 -23.83 -3.44 14.42
CA ILE D 133 -24.86 -4.32 13.88
C ILE D 133 -26.12 -3.49 13.66
N ALA D 134 -26.42 -3.21 12.40
CA ALA D 134 -27.63 -2.47 12.04
C ALA D 134 -28.79 -3.44 11.84
N VAL D 135 -30.00 -2.93 12.05
CA VAL D 135 -31.21 -3.73 11.95
C VAL D 135 -32.20 -3.00 11.06
N PHE D 136 -32.68 -3.69 10.03
CA PHE D 136 -33.70 -3.18 9.12
C PHE D 136 -34.90 -4.13 9.16
N SER D 137 -36.10 -3.55 9.14
CA SER D 137 -37.34 -4.31 9.04
C SER D 137 -38.01 -3.95 7.73
N TYR D 138 -38.32 -4.97 6.93
CA TYR D 138 -38.91 -4.76 5.62
C TYR D 138 -40.33 -5.34 5.57
N SER D 139 -41.16 -4.73 4.69
CA SER D 139 -42.52 -5.00 4.30
C SER D 139 -42.54 -5.92 3.07
N PRO D 140 -43.57 -6.72 2.90
CA PRO D 140 -43.63 -7.65 1.75
C PRO D 140 -43.41 -6.93 0.44
N PRO D 141 -42.34 -7.25 -0.27
CA PRO D 141 -42.03 -6.54 -1.52
C PRO D 141 -42.96 -6.94 -2.65
N ASP D 142 -42.99 -6.09 -3.66
CA ASP D 142 -43.77 -6.33 -4.88
C ASP D 142 -42.80 -6.79 -5.96
N THR D 143 -42.76 -8.11 -6.18
CA THR D 143 -41.82 -8.69 -7.14
C THR D 143 -42.34 -8.58 -8.57
N THR D 144 -42.70 -7.36 -8.99
CA THR D 144 -43.14 -7.14 -10.36
C THR D 144 -42.56 -5.86 -10.96
N SER D 145 -41.60 -5.23 -10.30
CA SER D 145 -41.01 -3.97 -10.71
C SER D 145 -39.50 -4.09 -10.66
N PRO D 146 -38.78 -3.26 -11.43
CA PRO D 146 -37.30 -3.30 -11.36
C PRO D 146 -36.76 -2.98 -9.98
N THR D 147 -37.52 -2.29 -9.13
CA THR D 147 -37.09 -1.95 -7.77
C THR D 147 -38.16 -2.44 -6.81
N PRO D 148 -38.21 -3.75 -6.54
CA PRO D 148 -39.26 -4.29 -5.66
C PRO D 148 -39.22 -3.73 -4.25
N PHE D 149 -38.04 -3.41 -3.72
CA PHE D 149 -37.88 -3.00 -2.34
C PHE D 149 -37.89 -1.49 -2.17
N ALA D 150 -38.19 -0.73 -3.22
CA ALA D 150 -38.17 0.73 -3.15
C ALA D 150 -39.20 1.26 -2.17
N GLY D 151 -38.74 1.84 -1.07
CA GLY D 151 -39.61 2.48 -0.10
C GLY D 151 -40.25 1.57 0.92
N ARG D 152 -39.90 0.29 0.95
CA ARG D 152 -40.49 -0.66 1.89
C ARG D 152 -39.51 -1.12 2.98
N ILE D 153 -38.35 -0.49 3.08
CA ILE D 153 -37.34 -0.84 4.06
C ILE D 153 -37.04 0.39 4.91
N GLN D 154 -37.05 0.22 6.23
CA GLN D 154 -36.70 1.28 7.16
C GLN D 154 -35.62 0.79 8.10
N CYS D 155 -34.70 1.69 8.46
CA CYS D 155 -33.58 1.34 9.34
C CYS D 155 -34.06 1.46 10.78
N VAL D 156 -34.39 0.32 11.39
CA VAL D 156 -34.87 0.31 12.77
C VAL D 156 -33.74 0.64 13.73
N ARG D 157 -32.53 0.13 13.47
CA ARG D 157 -31.38 0.37 14.33
C ARG D 157 -30.17 0.71 13.47
N PRO D 158 -29.52 1.85 13.69
CA PRO D 158 -28.35 2.24 12.90
C PRO D 158 -27.10 1.50 13.37
N LEU D 159 -26.02 1.71 12.63
CA LEU D 159 -24.74 1.08 12.93
C LEU D 159 -23.64 2.14 12.99
N VAL D 160 -22.58 1.82 13.72
CA VAL D 160 -21.38 2.64 13.81
C VAL D 160 -20.20 1.77 13.40
N PHE D 161 -19.38 2.29 12.48
CA PHE D 161 -18.24 1.52 11.98
C PHE D 161 -17.22 1.29 13.08
N ASP D 162 -16.48 0.18 12.97
CA ASP D 162 -15.43 -0.15 13.92
C ASP D 162 -14.21 0.74 13.73
N VAL D 166 -9.58 -4.98 8.65
CA VAL D 166 -9.55 -5.99 7.60
C VAL D 166 -8.91 -7.27 8.12
N HIS D 167 -7.90 -7.75 7.39
CA HIS D 167 -7.13 -8.94 7.75
C HIS D 167 -8.04 -10.17 7.89
N LEU D 168 -8.68 -10.53 6.77
CA LEU D 168 -9.50 -11.73 6.67
C LEU D 168 -8.72 -12.91 6.10
N ARG D 169 -7.40 -12.89 6.24
CA ARG D 169 -6.54 -13.88 5.60
C ARG D 169 -6.78 -15.31 6.08
N PRO D 170 -6.82 -15.63 7.40
CA PRO D 170 -6.65 -17.03 7.83
C PRO D 170 -7.65 -18.01 7.24
N ALA D 171 -8.94 -17.82 7.52
CA ALA D 171 -10.00 -18.73 7.09
C ALA D 171 -9.62 -20.19 7.39
N ASN D 172 -9.40 -20.46 8.68
CA ASN D 172 -8.91 -21.76 9.13
C ASN D 172 -10.05 -22.78 9.08
N GLN D 173 -10.23 -23.36 7.90
CA GLN D 173 -11.23 -24.39 7.68
C GLN D 173 -10.66 -25.53 6.83
N GLY D 174 -9.37 -25.81 7.02
CA GLY D 174 -8.71 -26.86 6.27
C GLY D 174 -7.79 -26.31 5.20
N PRO D 175 -7.00 -27.19 4.59
CA PRO D 175 -6.07 -26.75 3.55
C PRO D 175 -6.80 -26.26 2.30
N LYS D 176 -6.16 -25.33 1.60
CA LYS D 176 -6.67 -24.80 0.34
C LYS D 176 -5.51 -24.55 -0.59
N THR D 177 -5.66 -24.97 -1.85
CA THR D 177 -4.59 -24.82 -2.83
C THR D 177 -4.22 -23.35 -2.98
N GLN D 178 -2.91 -23.07 -2.95
CA GLN D 178 -2.43 -21.70 -2.87
C GLN D 178 -2.18 -21.06 -4.22
N TRP D 179 -2.25 -21.81 -5.32
CA TRP D 179 -2.10 -21.24 -6.65
C TRP D 179 -3.46 -21.17 -7.33
N VAL D 180 -3.47 -20.48 -8.48
CA VAL D 180 -4.72 -20.26 -9.20
C VAL D 180 -5.19 -21.57 -9.83
N HIS D 181 -6.50 -21.81 -9.78
CA HIS D 181 -7.10 -23.01 -10.35
C HIS D 181 -7.23 -22.83 -11.85
N MET D 182 -6.47 -23.61 -12.61
CA MET D 182 -6.49 -23.57 -14.06
C MET D 182 -6.78 -24.96 -14.60
N ARG D 183 -7.37 -25.02 -15.78
CA ARG D 183 -7.64 -26.28 -16.45
C ARG D 183 -7.04 -26.28 -17.84
N GLU D 184 -6.87 -27.48 -18.39
CA GLU D 184 -6.12 -27.63 -19.63
C GLU D 184 -6.90 -27.14 -20.85
N GLY D 185 -8.18 -27.46 -20.93
CA GLY D 185 -8.94 -27.13 -22.12
C GLY D 185 -10.07 -26.14 -21.91
N SER D 186 -10.69 -26.18 -20.73
CA SER D 186 -11.80 -25.28 -20.45
C SER D 186 -11.31 -23.87 -20.16
N THR D 187 -10.49 -23.73 -19.12
CA THR D 187 -9.97 -22.42 -18.71
C THR D 187 -8.72 -22.14 -19.54
N THR D 188 -8.90 -21.40 -20.63
CA THR D 188 -7.82 -21.10 -21.56
C THR D 188 -7.68 -19.59 -21.70
N ARG D 189 -6.79 -19.19 -22.62
CA ARG D 189 -6.49 -17.77 -22.80
C ARG D 189 -7.56 -17.05 -23.60
N ASP D 190 -8.01 -17.66 -24.70
CA ASP D 190 -9.03 -17.02 -25.53
C ASP D 190 -10.39 -17.00 -24.84
N ALA D 191 -10.68 -18.01 -24.02
CA ALA D 191 -11.90 -17.96 -23.22
C ALA D 191 -11.86 -16.78 -22.27
N PHE D 192 -10.70 -16.52 -21.65
CA PHE D 192 -10.55 -15.35 -20.80
C PHE D 192 -10.74 -14.06 -21.60
N PHE D 193 -10.13 -13.99 -22.77
CA PHE D 193 -10.26 -12.80 -23.61
C PHE D 193 -11.72 -12.51 -23.95
N ARG D 194 -12.45 -13.54 -24.38
CA ARG D 194 -13.82 -13.32 -24.82
C ARG D 194 -14.75 -13.08 -23.64
N PHE D 195 -14.51 -13.74 -22.51
CA PHE D 195 -15.31 -13.45 -21.32
C PHE D 195 -15.13 -12.01 -20.86
N LEU D 196 -13.87 -11.53 -20.86
CA LEU D 196 -13.63 -10.14 -20.50
C LEU D 196 -14.25 -9.18 -21.50
N GLN D 197 -14.19 -9.51 -22.79
CA GLN D 197 -14.82 -8.67 -23.81
C GLN D 197 -16.32 -8.58 -23.60
N VAL D 198 -16.97 -9.71 -23.32
CA VAL D 198 -18.41 -9.71 -23.06
C VAL D 198 -18.73 -8.89 -21.81
N ALA D 199 -17.93 -9.05 -20.76
CA ALA D 199 -18.16 -8.30 -19.54
C ALA D 199 -18.03 -6.79 -19.78
N LYS D 200 -17.03 -6.38 -20.55
CA LYS D 200 -16.84 -4.96 -20.82
C LYS D 200 -17.93 -4.42 -21.74
N ARG D 201 -18.44 -5.24 -22.67
CA ARG D 201 -19.51 -4.77 -23.54
C ARG D 201 -20.84 -4.72 -22.82
N LEU D 202 -21.02 -5.53 -21.77
CA LEU D 202 -22.27 -5.51 -21.02
C LEU D 202 -22.26 -4.49 -19.88
N SER D 203 -21.08 -4.16 -19.34
CA SER D 203 -21.02 -3.12 -18.33
C SER D 203 -21.42 -1.76 -18.90
N ALA D 204 -20.93 -1.45 -20.10
CA ALA D 204 -21.34 -0.24 -20.81
C ALA D 204 -22.68 -0.50 -21.49
N ASP D 205 -23.68 0.32 -21.16
CA ASP D 205 -25.05 0.14 -21.66
C ASP D 205 -25.58 -1.24 -21.26
N PRO D 206 -25.85 -1.45 -19.98
CA PRO D 206 -26.33 -2.77 -19.53
C PRO D 206 -27.77 -3.02 -19.94
N THR D 207 -28.34 -4.12 -19.43
CA THR D 207 -29.74 -4.49 -19.68
C THR D 207 -29.98 -4.79 -21.16
N ALA D 208 -29.02 -5.48 -21.77
CA ALA D 208 -29.25 -6.04 -23.09
C ALA D 208 -30.39 -7.05 -23.01
N PRO D 209 -31.24 -7.14 -24.05
CA PRO D 209 -32.55 -7.78 -23.88
C PRO D 209 -32.50 -9.22 -23.38
N ARG D 210 -31.92 -10.13 -24.17
CA ARG D 210 -31.78 -11.53 -23.78
C ARG D 210 -31.06 -12.32 -24.86
N PRO D 211 -30.42 -13.44 -24.52
CA PRO D 211 -30.11 -14.45 -25.53
C PRO D 211 -31.35 -15.30 -25.84
N THR D 212 -31.28 -16.00 -26.96
CA THR D 212 -32.40 -16.81 -27.43
C THR D 212 -31.92 -18.19 -27.86
N LEU D 213 -32.82 -19.16 -27.77
CA LEU D 213 -32.54 -20.55 -28.14
C LEU D 213 -33.50 -20.96 -29.26
N ARG D 214 -33.44 -22.25 -29.61
CA ARG D 214 -34.33 -22.81 -30.61
C ARG D 214 -35.67 -23.20 -29.98
N SER D 215 -36.68 -23.39 -30.83
CA SER D 215 -37.98 -23.85 -30.34
C SER D 215 -37.89 -25.25 -29.77
N GLU D 216 -37.13 -26.13 -30.43
CA GLU D 216 -36.99 -27.50 -29.96
C GLU D 216 -36.26 -27.56 -28.62
N LEU D 217 -35.23 -26.72 -28.45
CA LEU D 217 -34.54 -26.67 -27.17
C LEU D 217 -35.45 -26.22 -26.04
N VAL D 218 -36.26 -25.19 -26.29
CA VAL D 218 -37.20 -24.72 -25.28
C VAL D 218 -38.22 -25.79 -24.96
N ALA D 219 -38.72 -26.48 -25.99
CA ALA D 219 -39.68 -27.56 -25.77
C ALA D 219 -39.09 -28.68 -24.92
N ALA D 220 -37.84 -29.06 -25.22
CA ALA D 220 -37.18 -30.11 -24.43
C ALA D 220 -36.96 -29.67 -23.00
N ILE D 221 -36.53 -28.43 -22.79
CA ILE D 221 -36.31 -27.93 -21.44
C ILE D 221 -37.61 -27.92 -20.65
N GLY D 222 -38.70 -27.47 -21.28
CA GLY D 222 -39.99 -27.51 -20.62
C GLY D 222 -40.47 -28.93 -20.34
N ARG D 223 -40.14 -29.87 -21.23
CA ARG D 223 -40.57 -31.24 -21.05
C ARG D 223 -39.85 -31.89 -19.87
N LEU D 224 -38.54 -31.70 -19.78
CA LEU D 224 -37.75 -32.33 -18.73
C LEU D 224 -37.49 -31.42 -17.55
N ALA D 225 -38.01 -30.19 -17.55
CA ALA D 225 -37.89 -29.28 -16.41
C ALA D 225 -39.04 -28.29 -16.47
N PRO D 226 -40.23 -28.69 -16.02
CA PRO D 226 -41.39 -27.81 -16.11
C PRO D 226 -41.23 -26.58 -15.23
N GLY D 227 -41.78 -25.47 -15.73
CA GLY D 227 -41.80 -24.22 -14.97
C GLY D 227 -40.44 -23.65 -14.66
N ARG D 228 -39.51 -23.70 -15.62
CA ARG D 228 -38.18 -23.16 -15.45
C ARG D 228 -37.81 -22.31 -16.65
N ASP D 229 -37.00 -21.28 -16.41
CA ASP D 229 -36.53 -20.43 -17.49
C ASP D 229 -35.60 -21.24 -18.40
N PRO D 230 -35.87 -21.32 -19.71
CA PRO D 230 -34.98 -22.08 -20.58
C PRO D 230 -33.54 -21.58 -20.58
N ILE D 231 -33.34 -20.27 -20.53
CA ILE D 231 -31.99 -19.72 -20.53
C ILE D 231 -31.26 -20.07 -19.24
N GLU D 232 -31.93 -19.88 -18.10
CA GLU D 232 -31.31 -20.20 -16.83
C GLU D 232 -31.07 -21.69 -16.67
N TYR D 233 -31.92 -22.52 -17.28
CA TYR D 233 -31.70 -23.96 -17.22
C TYR D 233 -30.53 -24.38 -18.10
N ILE D 234 -30.46 -23.85 -19.31
CA ILE D 234 -29.40 -24.24 -20.24
C ILE D 234 -28.06 -23.61 -19.89
N THR D 235 -28.04 -22.58 -19.04
CA THR D 235 -26.80 -21.97 -18.60
C THR D 235 -26.42 -22.35 -17.18
N ASN D 236 -27.31 -23.02 -16.45
CA ASN D 236 -27.07 -23.41 -15.05
C ASN D 236 -26.75 -22.19 -14.19
N THR D 237 -27.62 -21.19 -14.26
CA THR D 237 -27.47 -19.96 -13.50
C THR D 237 -28.74 -19.73 -12.68
N ALA D 238 -28.57 -19.21 -11.47
CA ALA D 238 -29.69 -18.99 -10.56
C ALA D 238 -29.56 -17.64 -9.86
N ASP D 239 -29.21 -16.60 -10.60
CA ASP D 239 -29.05 -15.28 -10.02
C ASP D 239 -29.18 -14.24 -11.13
N ASN D 240 -29.25 -12.97 -10.72
CA ASN D 240 -29.33 -11.85 -11.65
C ASN D 240 -28.14 -10.90 -11.51
N LYS D 241 -27.01 -11.39 -11.00
CA LYS D 241 -25.84 -10.55 -10.83
C LYS D 241 -25.26 -10.18 -12.20
N PHE D 242 -24.34 -9.21 -12.19
CA PHE D 242 -23.69 -8.80 -13.43
C PHE D 242 -22.85 -9.93 -14.01
N LEU D 243 -22.10 -10.64 -13.16
CA LEU D 243 -21.27 -11.73 -13.65
C LEU D 243 -22.12 -12.87 -14.18
N THR D 244 -23.27 -13.11 -13.57
CA THR D 244 -24.18 -14.13 -14.09
C THR D 244 -24.67 -13.77 -15.49
N LYS D 245 -25.01 -12.51 -15.71
CA LYS D 245 -25.44 -12.08 -17.04
C LYS D 245 -24.29 -12.15 -18.04
N VAL D 246 -23.07 -11.85 -17.60
CA VAL D 246 -21.92 -11.98 -18.48
C VAL D 246 -21.72 -13.43 -18.90
N TRP D 247 -21.85 -14.35 -17.94
CA TRP D 247 -21.73 -15.77 -18.28
C TRP D 247 -22.84 -16.21 -19.22
N GLN D 248 -24.06 -15.73 -18.99
CA GLN D 248 -25.17 -16.09 -19.88
C GLN D 248 -24.92 -15.59 -21.31
N PHE D 249 -24.39 -14.38 -21.44
CA PHE D 249 -24.10 -13.85 -22.77
C PHE D 249 -22.86 -14.48 -23.39
N PHE D 250 -21.98 -15.07 -22.59
CA PHE D 250 -20.77 -15.69 -23.11
C PHE D 250 -20.99 -17.15 -23.50
N TRP D 251 -21.81 -17.88 -22.75
CA TRP D 251 -22.03 -19.29 -23.02
C TRP D 251 -22.77 -19.49 -24.33
N LEU D 252 -23.83 -18.72 -24.57
CA LEU D 252 -24.71 -18.92 -25.71
C LEU D 252 -24.31 -18.10 -26.93
N GLU D 253 -23.17 -17.43 -26.89
CA GLU D 253 -22.70 -16.64 -28.02
C GLU D 253 -21.35 -17.09 -28.55
N TRP D 254 -20.46 -17.55 -27.69
CA TRP D 254 -19.11 -17.95 -28.09
C TRP D 254 -18.89 -19.45 -28.07
N LEU D 255 -19.38 -20.16 -27.05
CA LEU D 255 -19.18 -21.60 -26.94
C LEU D 255 -20.38 -22.39 -27.40
N ALA D 256 -21.55 -22.17 -26.78
CA ALA D 256 -22.77 -22.87 -27.17
C ALA D 256 -23.54 -22.05 -28.22
N THR D 257 -22.86 -21.81 -29.34
CA THR D 257 -23.46 -21.06 -30.43
C THR D 257 -24.58 -21.88 -31.07
N PRO D 258 -25.48 -21.23 -31.82
CA PRO D 258 -26.53 -21.99 -32.51
C PRO D 258 -25.99 -23.08 -33.42
N ALA D 259 -24.85 -22.85 -34.06
CA ALA D 259 -24.23 -23.91 -34.85
C ALA D 259 -23.77 -25.06 -33.97
N VAL D 260 -23.19 -24.75 -32.81
CA VAL D 260 -22.74 -25.79 -31.90
C VAL D 260 -23.93 -26.54 -31.30
N LEU D 261 -25.00 -25.82 -30.97
CA LEU D 261 -26.15 -26.41 -30.30
C LEU D 261 -27.04 -27.22 -31.24
N THR D 262 -26.58 -27.53 -32.45
CA THR D 262 -27.31 -28.42 -33.34
C THR D 262 -26.85 -29.84 -33.08
N PRO D 263 -27.69 -30.72 -32.54
CA PRO D 263 -27.23 -32.05 -32.13
C PRO D 263 -26.87 -32.97 -33.29
N TRP D 264 -27.76 -33.11 -34.28
CA TRP D 264 -27.61 -34.13 -35.31
C TRP D 264 -27.86 -33.54 -36.68
N LYS D 265 -27.73 -34.38 -37.70
CA LYS D 265 -27.99 -34.03 -39.09
C LYS D 265 -28.75 -35.16 -39.75
N LEU D 266 -29.77 -34.81 -40.54
CA LEU D 266 -30.67 -35.79 -41.15
C LEU D 266 -30.34 -36.06 -42.61
N GLU D 267 -29.06 -36.07 -42.98
CA GLU D 267 -28.69 -36.34 -44.36
C GLU D 267 -28.99 -37.80 -44.71
N ALA D 268 -29.67 -37.99 -45.84
CA ALA D 268 -29.99 -39.32 -46.38
C ALA D 268 -30.81 -40.16 -45.42
N GLY D 269 -31.48 -39.55 -44.45
CA GLY D 269 -32.31 -40.28 -43.52
C GLY D 269 -31.57 -41.01 -42.41
N VAL D 270 -30.26 -40.80 -42.29
CA VAL D 270 -29.45 -41.41 -41.24
C VAL D 270 -28.84 -40.30 -40.41
N TYR D 271 -29.02 -40.40 -39.09
CA TYR D 271 -28.52 -39.36 -38.18
C TYR D 271 -27.01 -39.34 -38.18
N SER D 272 -26.43 -38.15 -38.07
CA SER D 272 -24.99 -37.97 -38.10
C SER D 272 -24.63 -36.85 -37.12
N ALA D 273 -23.39 -36.36 -37.23
CA ALA D 273 -22.91 -35.25 -36.42
C ALA D 273 -22.59 -34.07 -37.32
N PRO D 274 -23.04 -32.86 -36.96
CA PRO D 274 -22.84 -31.70 -37.85
C PRO D 274 -21.39 -31.32 -38.04
N GLY D 275 -20.49 -31.70 -37.14
CA GLY D 275 -19.11 -31.27 -37.25
C GLY D 275 -18.93 -29.77 -37.07
N ALA D 276 -19.59 -29.19 -36.08
CA ALA D 276 -19.56 -27.75 -35.84
C ALA D 276 -18.67 -27.46 -34.65
N ARG D 277 -17.78 -26.49 -34.81
CA ARG D 277 -16.86 -26.06 -33.76
C ARG D 277 -17.33 -24.74 -33.16
N THR D 278 -16.86 -24.47 -31.94
CA THR D 278 -17.20 -23.23 -31.27
C THR D 278 -16.42 -22.07 -31.89
N ARG D 279 -16.58 -20.89 -31.31
CA ARG D 279 -15.91 -19.69 -31.77
C ARG D 279 -14.68 -19.35 -30.93
N ILE D 280 -14.26 -20.25 -30.05
CA ILE D 280 -13.12 -20.03 -29.17
C ILE D 280 -11.92 -20.77 -29.75
N LEU D 281 -10.80 -20.06 -29.89
CA LEU D 281 -9.59 -20.68 -30.41
C LEU D 281 -8.97 -21.58 -29.37
N ARG D 282 -8.17 -22.55 -29.85
CA ARG D 282 -7.41 -23.43 -28.99
C ARG D 282 -6.06 -22.82 -28.66
N GLU D 283 -5.48 -23.26 -27.54
CA GLU D 283 -4.16 -22.79 -27.15
C GLU D 283 -3.11 -23.13 -28.21
N ASP D 284 -3.29 -24.24 -28.91
CA ASP D 284 -2.40 -24.57 -30.02
C ASP D 284 -2.52 -23.56 -31.15
N GLY D 285 -3.73 -23.05 -31.39
CA GLY D 285 -3.99 -22.14 -32.50
C GLY D 285 -4.26 -22.82 -33.82
N THR D 286 -4.30 -24.15 -33.86
CA THR D 286 -4.53 -24.85 -35.13
C THR D 286 -5.98 -24.71 -35.58
N ASP D 287 -6.93 -24.88 -34.66
CA ASP D 287 -8.34 -24.83 -35.02
C ASP D 287 -9.15 -24.49 -33.78
N PHE D 288 -10.41 -24.14 -34.00
CA PHE D 288 -11.32 -23.81 -32.92
C PHE D 288 -11.65 -25.05 -32.10
N SER D 289 -12.03 -24.82 -30.85
CA SER D 289 -12.34 -25.93 -29.94
C SER D 289 -13.63 -26.62 -30.37
N GLN D 290 -13.90 -27.76 -29.75
CA GLN D 290 -15.07 -28.57 -30.04
C GLN D 290 -15.82 -28.85 -28.75
N LEU D 291 -17.10 -29.16 -28.89
CA LEU D 291 -17.95 -29.43 -27.73
C LEU D 291 -18.92 -30.55 -28.06
N TRP D 292 -19.00 -31.55 -27.17
CA TRP D 292 -19.94 -32.65 -27.22
C TRP D 292 -19.80 -33.51 -28.47
N GLU D 293 -18.72 -33.37 -29.22
CA GLU D 293 -18.50 -34.21 -30.38
C GLU D 293 -17.03 -34.18 -30.75
N GLY D 294 -16.62 -35.17 -31.56
CA GLY D 294 -15.24 -35.32 -31.98
C GLY D 294 -14.61 -36.64 -31.61
N ARG D 295 -15.30 -37.49 -30.84
CA ARG D 295 -14.79 -38.78 -30.45
C ARG D 295 -15.92 -39.80 -30.54
N VAL D 296 -15.54 -41.08 -30.46
CA VAL D 296 -16.52 -42.16 -30.63
C VAL D 296 -17.57 -42.12 -29.52
N ASN D 297 -17.14 -41.90 -28.28
CA ASN D 297 -18.02 -41.97 -27.12
C ASN D 297 -18.61 -40.63 -26.73
N SER D 298 -18.52 -39.61 -27.58
CA SER D 298 -19.04 -38.30 -27.24
C SER D 298 -20.56 -38.33 -27.15
N LEU D 299 -21.13 -37.23 -26.67
CA LEU D 299 -22.57 -37.16 -26.44
C LEU D 299 -23.34 -37.11 -27.75
N LYS D 300 -22.91 -36.27 -28.70
CA LYS D 300 -23.62 -36.15 -29.96
C LYS D 300 -23.58 -37.45 -30.74
N GLU D 301 -22.42 -38.11 -30.78
CA GLU D 301 -22.31 -39.39 -31.47
C GLU D 301 -23.18 -40.45 -30.82
N THR D 302 -23.21 -40.47 -29.48
CA THR D 302 -24.05 -41.43 -28.78
C THR D 302 -25.53 -41.20 -29.08
N ILE D 303 -25.96 -39.93 -29.10
CA ILE D 303 -27.35 -39.61 -29.39
C ILE D 303 -27.70 -40.01 -30.82
N ALA D 304 -26.81 -39.72 -31.77
CA ALA D 304 -27.05 -40.11 -33.16
C ALA D 304 -27.13 -41.64 -33.28
N GLY D 305 -26.27 -42.36 -32.57
CA GLY D 305 -26.34 -43.81 -32.62
C GLY D 305 -27.64 -44.36 -32.04
N MET D 306 -28.07 -43.80 -30.91
CA MET D 306 -29.35 -44.21 -30.33
C MET D 306 -30.50 -43.92 -31.28
N LEU D 307 -30.46 -42.78 -31.96
CA LEU D 307 -31.52 -42.43 -32.91
C LEU D 307 -31.53 -43.37 -34.11
N ASN D 308 -30.35 -43.69 -34.64
CA ASN D 308 -30.28 -44.58 -35.80
C ASN D 308 -30.78 -45.98 -35.46
N ARG D 309 -30.42 -46.49 -34.28
CA ARG D 309 -30.85 -47.81 -33.85
C ARG D 309 -32.32 -47.87 -33.47
N GLY D 310 -32.99 -46.73 -33.37
CA GLY D 310 -34.40 -46.70 -33.01
C GLY D 310 -34.69 -46.82 -31.53
N GLU D 311 -33.67 -46.75 -30.68
CA GLU D 311 -33.89 -46.84 -29.24
C GLU D 311 -34.70 -45.66 -28.74
N ILE D 312 -34.42 -44.46 -29.25
CA ILE D 312 -35.09 -43.24 -28.83
C ILE D 312 -35.60 -42.50 -30.07
N SER D 313 -36.55 -41.59 -29.83
CA SER D 313 -37.12 -40.76 -30.87
C SER D 313 -36.50 -39.36 -30.81
N GLU D 314 -37.01 -38.46 -31.64
CA GLU D 314 -36.46 -37.10 -31.70
C GLU D 314 -36.66 -36.37 -30.38
N ALA D 315 -37.83 -36.53 -29.75
CA ALA D 315 -38.09 -35.86 -28.48
C ALA D 315 -37.12 -36.33 -27.40
N GLN D 316 -36.94 -37.65 -27.29
CA GLN D 316 -36.02 -38.18 -26.29
C GLN D 316 -34.58 -37.79 -26.59
N GLY D 317 -34.22 -37.73 -27.87
CA GLY D 317 -32.89 -37.25 -28.22
C GLY D 317 -32.67 -35.80 -27.83
N TRP D 318 -33.67 -34.96 -28.05
CA TRP D 318 -33.57 -33.56 -27.64
C TRP D 318 -33.47 -33.44 -26.13
N GLU D 319 -34.23 -34.26 -25.39
CA GLU D 319 -34.13 -34.24 -23.94
C GLU D 319 -32.75 -34.68 -23.47
N ALA D 320 -32.18 -35.72 -24.11
CA ALA D 320 -30.87 -36.21 -23.71
C ALA D 320 -29.76 -35.26 -24.10
N PHE D 321 -29.97 -34.43 -25.13
CA PHE D 321 -28.93 -33.49 -25.53
C PHE D 321 -28.66 -32.45 -24.45
N VAL D 322 -29.65 -32.16 -23.60
CA VAL D 322 -29.49 -31.17 -22.55
C VAL D 322 -29.49 -31.78 -21.15
N GLY D 323 -30.00 -33.00 -20.99
CA GLY D 323 -30.03 -33.62 -19.67
C GLY D 323 -28.99 -34.70 -19.48
N GLY D 324 -28.32 -35.08 -20.57
CA GLY D 324 -27.30 -36.11 -20.52
C GLY D 324 -27.88 -37.51 -20.56
N ILE D 325 -26.98 -38.48 -20.70
CA ILE D 325 -27.34 -39.89 -20.79
C ILE D 325 -26.72 -40.62 -19.61
N SER D 326 -27.55 -41.34 -18.85
CA SER D 326 -27.05 -42.12 -17.74
C SER D 326 -26.29 -43.35 -18.25
N ALA D 327 -25.50 -43.93 -17.35
CA ALA D 327 -24.68 -45.09 -17.66
C ALA D 327 -25.23 -46.31 -16.95
N THR D 328 -25.34 -47.43 -17.67
CA THR D 328 -25.88 -48.67 -17.11
C THR D 328 -24.75 -49.46 -16.44
N GLY D 329 -24.30 -48.93 -15.31
CA GLY D 329 -23.26 -49.57 -14.53
C GLY D 329 -21.86 -49.36 -15.09
N GLY D 330 -21.58 -49.97 -16.23
CA GLY D 330 -20.28 -49.84 -16.85
C GLY D 330 -20.08 -48.50 -17.54
N GLY D 331 -19.15 -47.71 -17.03
CA GLY D 331 -18.85 -46.40 -17.57
C GLY D 331 -19.33 -45.29 -16.65
N GLN D 332 -19.11 -44.06 -17.11
CA GLN D 332 -19.49 -42.86 -16.39
C GLN D 332 -20.68 -42.20 -17.08
N ASP D 333 -21.55 -41.60 -16.27
CA ASP D 333 -22.74 -40.94 -16.81
C ASP D 333 -22.34 -39.80 -17.74
N LYS D 334 -22.97 -39.76 -18.92
CA LYS D 334 -22.67 -38.73 -19.89
C LYS D 334 -23.23 -37.39 -19.43
N GLN D 335 -22.62 -36.31 -19.92
CA GLN D 335 -22.95 -34.97 -19.48
C GLN D 335 -23.67 -34.22 -20.60
N GLY D 336 -24.75 -33.53 -20.25
CA GLY D 336 -25.48 -32.71 -21.18
C GLY D 336 -24.94 -31.29 -21.24
N VAL D 337 -25.76 -30.40 -21.82
CA VAL D 337 -25.34 -29.00 -21.96
C VAL D 337 -25.32 -28.30 -20.61
N ARG D 338 -26.30 -28.61 -19.75
CA ARG D 338 -26.44 -27.88 -18.48
C ARG D 338 -25.27 -28.15 -17.55
N ALA D 339 -24.94 -29.42 -17.32
CA ALA D 339 -23.86 -29.75 -16.41
C ALA D 339 -22.50 -29.30 -16.95
N ARG D 340 -22.29 -29.47 -18.26
CA ARG D 340 -21.06 -29.00 -18.86
C ARG D 340 -20.94 -27.48 -18.76
N ALA D 341 -22.07 -26.78 -18.89
CA ALA D 341 -22.06 -25.33 -18.71
C ALA D 341 -21.67 -24.96 -17.29
N HIS D 342 -22.20 -25.68 -16.31
CA HIS D 342 -21.81 -25.45 -14.92
C HIS D 342 -20.32 -25.64 -14.72
N SER D 343 -19.79 -26.75 -15.24
CA SER D 343 -18.35 -27.03 -15.09
C SER D 343 -17.51 -25.95 -15.76
N TYR D 344 -17.87 -25.57 -16.99
CA TYR D 344 -17.12 -24.56 -17.72
C TYR D 344 -17.14 -23.23 -16.98
N ARG D 345 -18.32 -22.80 -16.52
CA ARG D 345 -18.43 -21.51 -15.85
C ARG D 345 -17.63 -21.50 -14.55
N GLU D 346 -17.66 -22.60 -13.80
CA GLU D 346 -16.98 -22.58 -12.52
C GLU D 346 -15.48 -22.81 -12.64
N ASP D 347 -15.01 -23.37 -13.76
CA ASP D 347 -13.57 -23.33 -14.00
C ASP D 347 -13.11 -21.95 -14.48
N ILE D 348 -13.93 -21.25 -15.27
CA ILE D 348 -13.44 -19.99 -15.84
C ILE D 348 -13.56 -18.85 -14.83
N ASP D 349 -14.68 -18.74 -14.10
CA ASP D 349 -14.88 -17.59 -13.24
C ASP D 349 -14.00 -17.66 -12.00
N SER D 350 -13.76 -18.86 -11.48
CA SER D 350 -12.86 -19.01 -10.34
C SER D 350 -11.44 -18.58 -10.71
N ALA D 351 -10.98 -18.99 -11.90
CA ALA D 351 -9.65 -18.60 -12.35
C ALA D 351 -9.57 -17.09 -12.59
N LEU D 352 -10.62 -16.50 -13.15
CA LEU D 352 -10.60 -15.06 -13.40
C LEU D 352 -10.62 -14.27 -12.10
N ALA D 353 -11.38 -14.74 -11.10
CA ALA D 353 -11.42 -14.04 -9.81
C ALA D 353 -10.10 -14.19 -9.06
N GLN D 354 -9.52 -15.39 -9.08
CA GLN D 354 -8.26 -15.61 -8.36
C GLN D 354 -7.12 -14.82 -8.99
N LEU D 355 -7.10 -14.71 -10.33
CA LEU D 355 -6.11 -13.90 -11.01
C LEU D 355 -6.33 -12.41 -10.81
N ARG D 356 -7.41 -12.01 -10.12
CA ARG D 356 -7.74 -10.61 -9.90
C ARG D 356 -7.86 -9.85 -11.21
N TRP D 357 -8.64 -10.43 -12.14
CA TRP D 357 -8.94 -9.79 -13.40
C TRP D 357 -10.36 -9.25 -13.48
N ILE D 358 -11.23 -9.64 -12.56
CA ILE D 358 -12.56 -9.07 -12.42
C ILE D 358 -12.79 -8.75 -10.95
N GLU D 359 -13.47 -7.64 -10.68
CA GLU D 359 -13.70 -7.21 -9.31
C GLU D 359 -14.74 -8.10 -8.63
N ASP D 360 -14.97 -7.85 -7.35
CA ASP D 360 -15.92 -8.65 -6.59
C ASP D 360 -17.34 -8.49 -7.13
N ASP D 361 -17.73 -7.27 -7.48
CA ASP D 361 -19.06 -7.03 -8.05
C ASP D 361 -19.20 -7.59 -9.45
N GLY D 362 -18.11 -7.69 -10.21
CA GLY D 362 -18.17 -8.29 -11.53
C GLY D 362 -17.48 -7.49 -12.61
N LEU D 363 -17.26 -6.21 -12.37
CA LEU D 363 -16.62 -5.37 -13.38
C LEU D 363 -15.14 -5.71 -13.49
N PRO D 364 -14.57 -5.68 -14.70
CA PRO D 364 -13.15 -5.96 -14.86
C PRO D 364 -12.29 -4.89 -14.21
N THR D 365 -11.10 -5.30 -13.77
CA THR D 365 -10.16 -4.41 -13.12
C THR D 365 -9.22 -3.80 -14.16
N ASP D 366 -8.17 -3.10 -13.69
CA ASP D 366 -7.23 -2.47 -14.61
C ASP D 366 -6.40 -3.51 -15.35
N GLN D 367 -6.06 -4.61 -14.69
CA GLN D 367 -5.27 -5.65 -15.34
C GLN D 367 -6.08 -6.39 -16.40
N GLY D 368 -7.38 -6.60 -16.14
CA GLY D 368 -8.23 -7.17 -17.17
C GLY D 368 -8.33 -6.28 -18.40
N TYR D 369 -8.49 -4.97 -18.19
CA TYR D 369 -8.52 -4.05 -19.31
C TYR D 369 -7.19 -4.01 -20.04
N ARG D 370 -6.08 -4.14 -19.30
CA ARG D 370 -4.77 -4.22 -19.95
C ARG D 370 -4.66 -5.46 -20.82
N PHE D 371 -5.16 -6.60 -20.32
CA PHE D 371 -5.13 -7.82 -21.12
C PHE D 371 -5.98 -7.67 -22.38
N MET D 372 -7.17 -7.08 -22.25
CA MET D 372 -8.00 -6.83 -23.43
C MET D 372 -7.29 -5.91 -24.42
N THR D 373 -6.64 -4.86 -23.92
CA THR D 373 -5.93 -3.95 -24.80
C THR D 373 -4.80 -4.66 -25.55
N ILE D 374 -4.04 -5.49 -24.84
CA ILE D 374 -2.95 -6.24 -25.48
C ILE D 374 -3.51 -7.17 -26.56
N CYS D 375 -4.56 -7.92 -26.22
CA CYS D 375 -5.11 -8.88 -27.17
C CYS D 375 -5.68 -8.17 -28.40
N GLU D 376 -6.39 -7.07 -28.21
CA GLU D 376 -7.01 -6.38 -29.33
C GLU D 376 -5.98 -5.65 -30.19
N ARG D 377 -4.92 -5.12 -29.57
CA ARG D 377 -3.90 -4.41 -30.33
C ARG D 377 -3.00 -5.35 -31.11
N TYR D 378 -2.58 -6.46 -30.49
CA TYR D 378 -1.54 -7.31 -31.08
C TYR D 378 -2.10 -8.48 -31.88
N GLY D 379 -3.42 -8.63 -31.94
CA GLY D 379 -4.01 -9.62 -32.83
C GLY D 379 -4.47 -10.90 -32.18
N GLY D 380 -5.12 -10.80 -31.03
CA GLY D 380 -5.75 -11.94 -30.38
C GLY D 380 -4.98 -12.41 -29.16
N ALA D 381 -5.60 -13.38 -28.48
CA ALA D 381 -5.03 -13.94 -27.26
C ALA D 381 -3.88 -14.91 -27.51
N ASN D 382 -3.65 -15.29 -28.76
CA ASN D 382 -2.55 -16.18 -29.11
C ASN D 382 -1.31 -15.44 -29.57
N SER D 383 -1.32 -14.11 -29.55
CA SER D 383 -0.15 -13.34 -29.92
C SER D 383 0.94 -13.48 -28.87
N ARG D 384 2.16 -13.13 -29.26
CA ARG D 384 3.30 -13.28 -28.36
C ARG D 384 3.16 -12.38 -27.13
N ALA D 385 2.68 -11.15 -27.33
CA ALA D 385 2.49 -10.24 -26.20
C ALA D 385 1.46 -10.77 -25.22
N ALA D 386 0.35 -11.32 -25.73
CA ALA D 386 -0.65 -11.91 -24.86
C ALA D 386 -0.10 -13.11 -24.11
N ILE D 387 0.71 -13.93 -24.78
CA ILE D 387 1.34 -15.07 -24.12
C ILE D 387 2.26 -14.61 -23.01
N ASP D 388 3.07 -13.59 -23.26
CA ASP D 388 3.98 -13.08 -22.24
C ASP D 388 3.21 -12.52 -21.05
N TYR D 389 2.15 -11.74 -21.32
CA TYR D 389 1.37 -11.18 -20.23
C TYR D 389 0.70 -12.28 -19.41
N MET D 390 0.16 -13.30 -20.09
CA MET D 390 -0.51 -14.39 -19.38
C MET D 390 0.48 -15.17 -18.53
N GLY D 391 1.67 -15.45 -19.07
CA GLY D 391 2.67 -16.16 -18.30
C GLY D 391 3.14 -15.38 -17.09
N ALA D 392 3.37 -14.08 -17.27
CA ALA D 392 3.77 -13.24 -16.14
C ALA D 392 2.68 -13.15 -15.10
N THR D 393 1.42 -13.04 -15.52
CA THR D 393 0.31 -13.02 -14.57
C THR D 393 0.21 -14.33 -13.82
N LEU D 394 0.41 -15.46 -14.51
CA LEU D 394 0.38 -16.76 -13.85
C LEU D 394 1.49 -16.88 -12.83
N ILE D 395 2.68 -16.35 -13.16
CA ILE D 395 3.80 -16.42 -12.23
C ILE D 395 3.54 -15.54 -11.00
N GLN D 396 3.11 -14.29 -11.22
CA GLN D 396 2.98 -13.33 -10.13
C GLN D 396 1.65 -13.43 -9.40
N THR D 397 0.55 -13.16 -10.10
CA THR D 397 -0.74 -13.09 -9.44
C THR D 397 -1.23 -14.48 -9.05
N GLY D 398 -1.13 -15.44 -9.96
CA GLY D 398 -1.21 -16.82 -9.56
C GLY D 398 0.06 -17.23 -8.85
N ARG D 399 -0.09 -18.04 -7.81
CA ARG D 399 1.08 -18.42 -7.02
C ARG D 399 1.81 -19.60 -7.65
N TYR D 400 2.11 -19.50 -8.95
CA TYR D 400 2.93 -20.50 -9.61
C TYR D 400 4.40 -20.36 -9.27
N ALA D 401 4.86 -19.13 -9.01
CA ALA D 401 6.22 -18.95 -8.53
C ALA D 401 6.39 -19.59 -7.16
N SER D 402 5.39 -19.45 -6.28
CA SER D 402 5.45 -20.12 -4.99
C SER D 402 5.43 -21.63 -5.14
N PHE D 403 4.65 -22.14 -6.11
CA PHE D 403 4.65 -23.57 -6.39
C PHE D 403 6.03 -24.05 -6.85
N LEU D 404 6.66 -23.28 -7.74
CA LEU D 404 8.00 -23.64 -8.20
C LEU D 404 9.00 -23.61 -7.06
N HIS D 405 8.90 -22.60 -6.18
CA HIS D 405 9.78 -22.55 -5.02
C HIS D 405 9.57 -23.74 -4.10
N TYR D 406 8.32 -24.11 -3.86
CA TYR D 406 8.02 -25.26 -3.00
C TYR D 406 8.61 -26.54 -3.57
N ILE D 407 8.35 -26.81 -4.85
CA ILE D 407 8.82 -28.06 -5.44
C ILE D 407 10.34 -28.06 -5.56
N ASN D 408 10.94 -26.91 -5.85
CA ASN D 408 12.39 -26.84 -5.94
C ASN D 408 13.05 -27.08 -4.58
N ARG D 409 12.49 -26.49 -3.53
CA ARG D 409 13.04 -26.71 -2.19
C ARG D 409 12.90 -28.16 -1.78
N LEU D 410 11.74 -28.77 -2.03
CA LEU D 410 11.54 -30.17 -1.66
C LEU D 410 12.45 -31.09 -2.45
N SER D 411 12.59 -30.85 -3.75
CA SER D 411 13.45 -31.68 -4.59
C SER D 411 14.92 -31.54 -4.18
N GLU D 412 15.36 -30.31 -3.88
CA GLU D 412 16.74 -30.12 -3.44
C GLU D 412 16.98 -30.81 -2.11
N ARG D 413 16.02 -30.71 -1.18
CA ARG D 413 16.18 -31.38 0.11
C ARG D 413 16.25 -32.89 -0.05
N LYS D 414 15.44 -33.44 -0.96
CA LYS D 414 15.46 -34.89 -1.17
C LYS D 414 16.76 -35.34 -1.85
N PHE D 415 17.21 -34.60 -2.87
CA PHE D 415 18.36 -35.02 -3.66
C PHE D 415 19.70 -34.65 -3.04
N ALA D 416 19.72 -33.76 -2.04
CA ALA D 416 20.99 -33.44 -1.39
C ALA D 416 21.44 -34.57 -0.48
N GLU D 417 20.49 -35.19 0.24
CA GLU D 417 20.84 -36.32 1.09
C GLU D 417 21.31 -37.53 0.27
N ASN D 418 20.72 -37.73 -0.91
CA ASN D 418 21.05 -38.91 -1.70
C ASN D 418 20.78 -38.67 -3.19
N PRO D 419 21.80 -38.39 -3.99
CA PRO D 419 21.62 -38.45 -5.45
C PRO D 419 21.38 -39.88 -5.89
N LEU D 420 20.86 -40.03 -7.11
CA LEU D 420 20.33 -41.30 -7.58
C LEU D 420 19.24 -41.81 -6.65
N ALA D 421 18.40 -40.89 -6.18
CA ALA D 421 17.42 -41.22 -5.14
C ALA D 421 16.40 -42.23 -5.64
N TYR D 422 15.92 -42.08 -6.87
CA TYR D 422 14.86 -42.93 -7.40
C TYR D 422 15.30 -43.76 -8.59
N THR D 423 16.56 -43.68 -9.00
CA THR D 423 17.00 -44.33 -10.23
C THR D 423 16.99 -45.85 -10.07
N LYS D 424 16.98 -46.53 -11.22
CA LYS D 424 16.97 -47.98 -11.31
C LYS D 424 18.03 -48.44 -12.30
N PRO D 425 18.52 -49.66 -12.16
CA PRO D 425 19.58 -50.14 -13.05
C PRO D 425 19.14 -50.11 -14.51
N GLY D 426 20.08 -49.73 -15.38
CA GLY D 426 19.81 -49.60 -16.79
C GLY D 426 20.45 -50.72 -17.60
N PRO D 427 20.98 -50.37 -18.77
CA PRO D 427 21.63 -51.40 -19.61
C PRO D 427 22.78 -52.10 -18.92
N GLY D 428 23.54 -51.37 -18.11
CA GLY D 428 24.63 -51.94 -17.34
C GLY D 428 24.50 -51.53 -15.88
N GLY D 429 25.62 -51.06 -15.32
CA GLY D 429 25.60 -50.53 -13.97
C GLY D 429 25.18 -49.08 -13.86
N MET D 430 25.09 -48.37 -14.97
CA MET D 430 24.74 -46.96 -14.95
C MET D 430 23.25 -46.81 -14.67
N PRO D 431 22.86 -46.13 -13.58
CA PRO D 431 21.44 -45.92 -13.32
C PRO D 431 20.81 -44.96 -14.32
N VAL D 432 19.50 -45.12 -14.51
CA VAL D 432 18.74 -44.25 -15.41
C VAL D 432 17.53 -43.73 -14.66
N PHE D 433 17.02 -42.58 -15.10
CA PHE D 433 15.82 -41.97 -14.53
C PHE D 433 14.66 -42.31 -15.45
N THR D 434 14.00 -43.42 -15.16
CA THR D 434 12.88 -43.89 -15.96
C THR D 434 11.59 -43.24 -15.49
N GLU D 435 10.49 -43.56 -16.18
CA GLU D 435 9.22 -42.92 -15.89
C GLU D 435 8.66 -43.35 -14.53
N GLU D 436 8.92 -44.59 -14.10
CA GLU D 436 8.46 -45.03 -12.80
C GLU D 436 9.09 -44.20 -11.68
N SER D 437 10.38 -43.91 -11.80
CA SER D 437 11.04 -43.04 -10.85
C SER D 437 10.42 -41.65 -10.85
N TYR D 438 10.10 -41.13 -12.04
CA TYR D 438 9.48 -39.82 -12.16
C TYR D 438 8.13 -39.79 -11.44
N TRP D 439 7.32 -40.83 -11.63
CA TRP D 439 6.00 -40.85 -11.00
C TRP D 439 6.11 -41.03 -9.50
N GLU D 440 7.05 -41.85 -9.03
CA GLU D 440 7.25 -42.00 -7.59
C GLU D 440 7.71 -40.69 -6.96
N TYR D 441 8.62 -39.97 -7.63
CA TYR D 441 9.09 -38.69 -7.14
C TYR D 441 7.96 -37.67 -7.08
N LEU D 442 7.12 -37.63 -8.13
CA LEU D 442 5.99 -36.70 -8.12
C LEU D 442 5.00 -37.05 -7.02
N GLN D 443 4.75 -38.34 -6.79
CA GLN D 443 3.84 -38.74 -5.73
C GLN D 443 4.38 -38.36 -4.36
N ASP D 444 5.69 -38.54 -4.15
CA ASP D 444 6.29 -38.12 -2.89
C ASP D 444 6.19 -36.62 -2.69
N LEU D 445 6.43 -35.85 -3.76
CA LEU D 445 6.30 -34.40 -3.67
C LEU D 445 4.87 -33.99 -3.33
N GLU D 446 3.89 -34.64 -3.95
CA GLU D 446 2.49 -34.32 -3.65
C GLU D 446 2.14 -34.67 -2.21
N THR D 447 2.61 -35.82 -1.73
CA THR D 447 2.36 -36.20 -0.34
C THR D 447 2.97 -35.18 0.63
N LYS D 448 4.19 -34.73 0.34
CA LYS D 448 4.81 -33.72 1.19
C LYS D 448 4.03 -32.41 1.16
N LEU D 449 3.58 -31.99 -0.03
CA LEU D 449 2.85 -30.73 -0.13
C LEU D 449 1.49 -30.79 0.53
N THR D 450 0.85 -31.97 0.53
CA THR D 450 -0.51 -32.08 1.04
C THR D 450 -0.55 -32.40 2.54
N ASP D 451 0.09 -33.50 2.95
CA ASP D 451 -0.07 -33.97 4.31
C ASP D 451 0.69 -33.10 5.31
N GLU D 452 1.90 -32.67 4.96
CA GLU D 452 2.76 -31.95 5.89
C GLU D 452 2.72 -30.44 5.69
N LEU D 453 3.01 -29.95 4.48
CA LEU D 453 3.05 -28.52 4.24
C LEU D 453 1.66 -27.89 4.25
N ARG D 454 0.60 -28.68 4.09
CA ARG D 454 -0.77 -28.20 4.12
C ARG D 454 -1.00 -27.07 3.11
N VAL D 455 -0.42 -27.23 1.92
CA VAL D 455 -0.52 -26.23 0.87
C VAL D 455 -1.57 -26.60 -0.17
N MET D 456 -1.66 -27.89 -0.52
CA MET D 456 -2.60 -28.37 -1.50
C MET D 456 -3.84 -28.96 -0.83
N ARG D 457 -4.86 -29.19 -1.65
CA ARG D 457 -6.10 -29.83 -1.23
C ARG D 457 -6.34 -31.06 -2.09
N LYS D 458 -6.54 -32.20 -1.43
CA LYS D 458 -6.89 -33.45 -2.09
C LYS D 458 -8.18 -33.97 -1.47
N VAL D 459 -9.07 -34.50 -2.30
CA VAL D 459 -10.41 -34.89 -1.88
C VAL D 459 -10.55 -36.41 -1.78
N SER D 460 -10.45 -37.10 -2.91
CA SER D 460 -10.63 -38.55 -2.95
C SER D 460 -10.21 -39.03 -4.33
N GLY D 461 -10.43 -40.32 -4.60
CA GLY D 461 -10.20 -40.89 -5.90
C GLY D 461 -11.49 -41.46 -6.47
N ARG D 462 -11.62 -41.38 -7.80
CA ARG D 462 -12.85 -41.81 -8.46
C ARG D 462 -12.91 -43.32 -8.66
N ALA D 463 -11.81 -44.05 -8.40
CA ALA D 463 -11.75 -45.50 -8.57
C ALA D 463 -12.08 -45.89 -10.01
N ARG D 464 -11.32 -45.34 -10.93
CA ARG D 464 -11.47 -45.55 -12.37
C ARG D 464 -10.14 -45.99 -12.95
N PRO D 465 -10.15 -46.61 -14.13
CA PRO D 465 -8.89 -47.11 -14.71
C PRO D 465 -7.81 -46.04 -14.88
N ARG D 466 -8.18 -44.80 -15.18
CA ARG D 466 -7.19 -43.73 -15.28
C ARG D 466 -7.04 -43.04 -13.93
N VAL D 467 -5.96 -42.26 -13.79
CA VAL D 467 -5.53 -41.86 -12.45
C VAL D 467 -5.31 -40.36 -12.30
N ARG D 468 -5.35 -39.60 -13.39
CA ARG D 468 -5.17 -38.14 -13.32
C ARG D 468 -3.82 -37.79 -12.67
N THR D 469 -2.76 -38.03 -13.44
CA THR D 469 -1.38 -37.87 -12.99
C THR D 469 -1.18 -36.59 -12.18
N THR D 470 -0.21 -36.61 -11.27
CA THR D 470 -0.16 -35.72 -10.10
C THR D 470 -0.25 -34.23 -10.44
N PHE D 471 0.77 -33.69 -11.10
CA PHE D 471 0.74 -32.29 -11.53
C PHE D 471 0.46 -32.29 -13.03
N GLN D 472 -0.82 -32.37 -13.38
CA GLN D 472 -1.20 -32.47 -14.79
C GLN D 472 -1.29 -31.09 -15.44
N VAL D 473 -2.21 -30.25 -14.97
CA VAL D 473 -2.41 -28.95 -15.59
C VAL D 473 -1.24 -28.02 -15.27
N GLU D 474 -0.74 -28.06 -14.04
CA GLU D 474 0.30 -27.14 -13.62
C GLU D 474 1.58 -27.36 -14.41
N LEU D 475 2.04 -28.61 -14.50
CA LEU D 475 3.25 -28.89 -15.25
C LEU D 475 3.06 -28.64 -16.74
N THR D 476 1.86 -28.91 -17.26
CA THR D 476 1.59 -28.62 -18.67
C THR D 476 1.73 -27.12 -18.95
N LEU D 477 1.13 -26.29 -18.09
CA LEU D 477 1.22 -24.85 -18.27
C LEU D 477 2.66 -24.37 -18.14
N LEU D 478 3.39 -24.88 -17.13
CA LEU D 478 4.77 -24.45 -16.93
C LEU D 478 5.64 -24.85 -18.11
N ARG D 479 5.45 -26.06 -18.65
CA ARG D 479 6.22 -26.49 -19.80
C ARG D 479 5.89 -25.65 -21.03
N ASN D 480 4.60 -25.35 -21.25
CA ASN D 480 4.21 -24.60 -22.43
C ASN D 480 4.71 -23.17 -22.38
N TYR D 481 4.69 -22.55 -21.19
CA TYR D 481 5.11 -21.17 -21.06
C TYR D 481 6.62 -21.00 -20.96
N GLY D 482 7.36 -22.09 -20.76
CA GLY D 482 8.80 -22.05 -20.78
C GLY D 482 9.49 -22.04 -19.43
N PHE D 483 8.74 -22.14 -18.33
CA PHE D 483 9.35 -22.14 -17.01
C PHE D 483 9.84 -23.52 -16.58
N VAL D 484 9.58 -24.55 -17.39
CA VAL D 484 10.07 -25.90 -17.14
C VAL D 484 10.54 -26.47 -18.47
N SER D 485 11.67 -27.17 -18.45
CA SER D 485 12.26 -27.67 -19.68
C SER D 485 11.34 -28.68 -20.37
N SER D 486 11.44 -28.73 -21.70
CA SER D 486 10.61 -29.64 -22.47
C SER D 486 10.86 -31.09 -22.09
N THR D 487 12.13 -31.46 -21.91
CA THR D 487 12.46 -32.76 -21.33
C THR D 487 11.90 -32.82 -19.91
N ARG D 488 10.93 -33.72 -19.68
CA ARG D 488 10.11 -33.63 -18.49
C ARG D 488 10.90 -33.89 -17.21
N HIS D 489 11.88 -34.79 -17.25
CA HIS D 489 12.63 -35.12 -16.05
C HIS D 489 14.11 -35.29 -16.38
N ARG D 490 14.94 -35.15 -15.35
CA ARG D 490 16.38 -35.33 -15.45
C ARG D 490 16.85 -36.11 -14.23
N LEU D 491 17.93 -36.86 -14.41
CA LEU D 491 18.44 -37.71 -13.33
C LEU D 491 18.90 -36.88 -12.13
N GLY D 492 19.66 -35.82 -12.38
CA GLY D 492 20.24 -35.05 -11.30
C GLY D 492 19.28 -34.21 -10.50
N VAL D 493 18.38 -33.50 -11.18
CA VAL D 493 17.53 -32.50 -10.55
C VAL D 493 16.11 -33.01 -10.34
N GLY D 494 15.55 -33.70 -11.34
CA GLY D 494 14.13 -34.03 -11.30
C GLY D 494 13.37 -33.20 -12.31
N ILE D 495 12.65 -32.18 -11.85
CA ILE D 495 11.95 -31.25 -12.72
C ILE D 495 12.92 -30.13 -13.08
N PRO D 496 13.30 -29.99 -14.35
CA PRO D 496 14.31 -28.97 -14.75
C PRO D 496 13.73 -27.58 -14.95
N ILE D 497 13.60 -26.83 -13.85
CA ILE D 497 13.11 -25.47 -13.91
C ILE D 497 14.13 -24.58 -14.61
N ASP D 498 13.64 -23.60 -15.36
CA ASP D 498 14.48 -22.62 -16.05
C ASP D 498 14.31 -21.30 -15.31
N TRP D 499 15.24 -21.02 -14.39
CA TRP D 499 15.07 -19.89 -13.48
C TRP D 499 15.31 -18.55 -14.17
N GLU D 500 16.02 -18.54 -15.30
CA GLU D 500 16.20 -17.29 -16.03
C GLU D 500 14.86 -16.72 -16.49
N GLN D 501 14.01 -17.58 -17.05
CA GLN D 501 12.69 -17.12 -17.48
C GLN D 501 11.79 -16.82 -16.29
N VAL D 502 11.92 -17.56 -15.20
CA VAL D 502 11.11 -17.30 -14.01
C VAL D 502 11.43 -15.91 -13.46
N VAL D 503 12.71 -15.55 -13.39
CA VAL D 503 13.05 -14.22 -12.90
C VAL D 503 12.81 -13.14 -13.94
N GLN D 504 12.81 -13.48 -15.23
CA GLN D 504 12.43 -12.52 -16.25
C GLN D 504 10.96 -12.17 -16.15
N ALA D 505 10.11 -13.16 -15.87
CA ALA D 505 8.67 -12.96 -15.74
C ALA D 505 8.24 -12.54 -14.35
N LEU D 506 9.14 -12.60 -13.36
CA LEU D 506 8.80 -12.20 -12.01
C LEU D 506 8.79 -10.68 -11.84
N ASN D 507 9.37 -9.94 -12.78
CA ASN D 507 9.42 -8.48 -12.71
C ASN D 507 9.08 -7.88 -14.08
N VAL D 508 7.78 -7.65 -14.31
CA VAL D 508 7.31 -6.99 -15.52
C VAL D 508 6.42 -5.82 -15.12
N ASP D 509 6.02 -5.79 -13.85
CA ASP D 509 5.19 -4.74 -13.28
C ASP D 509 3.87 -4.61 -14.04
N LEU D 510 3.11 -5.70 -14.00
CA LEU D 510 1.78 -5.72 -14.60
C LEU D 510 0.72 -5.24 -13.60
#